data_7S6M
#
_entry.id   7S6M
#
_cell.length_a   109.705
_cell.length_b   112.074
_cell.length_c   116.482
_cell.angle_alpha   90.000
_cell.angle_beta   114.830
_cell.angle_gamma   90.000
#
_symmetry.space_group_name_H-M   'P 1 21 1'
#
loop_
_entity.id
_entity.type
_entity.pdbx_description
1 polymer "DNA (5'-D(*CP*GP*AP*CP*G)-3')"
2 polymer "DNA (5'-D(*CP*GP*TP*CP*G)-3')"
3 polymer 'Poly [ADP-ribose] polymerase 1'
4 polymer 'Fusion of human PARP1 zinc fingers 1 and 3 (Zn1, Zn3)'
5 non-polymer 1,2-ETHANEDIOL
6 non-polymer 'ZINC ION'
7 water water
#
loop_
_entity_poly.entity_id
_entity_poly.type
_entity_poly.pdbx_seq_one_letter_code
_entity_poly.pdbx_strand_id
1 'polydeoxyribonucleotide' (DC)(DG)(DA)(DC)(DG) O,N
2 'polydeoxyribonucleotide' (DC)(DG)(DT)(DC)(DG) P,M
3 'polypeptide(L)'
;MKSEKRMKLTLKGGAAVDPDSGLEHSAHVLEKGGKVFSATLGLVDIVKGTNSYYKLQLLEDDKENRYWIFRSWGRVGTVI
GSNKLEQMPSKEDAIEHFMKLYEEKTGNAWHSKNFTKYPKKFYPLEIDYGQDEEAVKKLTVNPGTKSKLPKPVQDLIKMI
FDVESMKKAMYEIDLQKMPLGKLSKRQIQAAYSILSEVQQAVSQGSSDSQILDLSNRFYTLIPHDFGMKKPPLLNNADSV
QAKAEMLDNLLDIEVAYSLLRGGSDDSSKDPIDVNYEKLKTDIKVVDRDSEEAEIIRKYVKNTHATTHNAYDLEVIDIFK
IEREGECQRYKPFKQLHNRRLLWHGSRTTNFAGILSQGLRIAPPEAPVTGYMFGKGIYFADMVSKSANYCHTSQGDPIGL
ILLGEVALGNMYELKHASHISKLPKGKHSVKGLGKTTPDPSANISLDGVDVPLGTGISSGVNDTSLLYNEYIVYDIAQVN
LKYLLKLKFNFKTSLWLEHHHHHH
;
D,B
4 'polypeptide(L)'
;MGSSHHHHHHSSGLVPRGSHMAESSDKLYRVEYAKSGRASCKKCSESIPKDSLRMAIMVQSPMFDGKVPHWYHFSCFWKV
GHSIRHPDVEVDGFSELRWDDQQKVKKTAEAGGVTGKRKGDEVDGVDEVAKKKSKKEKDKDSKLEKALKAQNDLIWNIKD
ELKKVCSTNDLKELLIFNKQQVPSGESAILDRVADGMVFGALLPCEECSGQLVFKSDAYYCTGDVTAWTKCMVKTQTPNR
KEWVTPKEFREISYLKKLKVKKQDRIFPPETSASVA
;
A,C
#
loop_
_chem_comp.id
_chem_comp.type
_chem_comp.name
_chem_comp.formula
DA DNA linking 2'-DEOXYADENOSINE-5'-MONOPHOSPHATE 'C10 H14 N5 O6 P'
DC DNA linking 2'-DEOXYCYTIDINE-5'-MONOPHOSPHATE 'C9 H14 N3 O7 P'
DG DNA linking 2'-DEOXYGUANOSINE-5'-MONOPHOSPHATE 'C10 H14 N5 O7 P'
DT DNA linking THYMIDINE-5'-MONOPHOSPHATE 'C10 H15 N2 O8 P'
EDO non-polymer 1,2-ETHANEDIOL 'C2 H6 O2'
ZN non-polymer 'ZINC ION' 'Zn 2'
#
# COMPACT_ATOMS: atom_id res chain seq x y z
N ALA D 15 0.76 -2.50 -25.00
CA ALA D 15 -0.70 -2.54 -24.93
C ALA D 15 -1.32 -1.55 -25.90
N ALA D 16 -2.65 -1.60 -26.03
CA ALA D 16 -3.36 -0.83 -27.04
C ALA D 16 -3.95 0.44 -26.44
N VAL D 17 -3.92 1.52 -27.23
CA VAL D 17 -4.59 2.75 -26.86
C VAL D 17 -6.08 2.60 -27.15
N ASP D 18 -6.90 2.81 -26.14
CA ASP D 18 -8.35 2.71 -26.32
C ASP D 18 -8.79 3.71 -27.38
N PRO D 19 -9.46 3.28 -28.44
CA PRO D 19 -9.76 4.21 -29.54
C PRO D 19 -10.76 5.28 -29.17
N ASP D 20 -11.57 5.07 -28.13
CA ASP D 20 -12.52 6.07 -27.70
C ASP D 20 -11.85 7.38 -27.27
N SER D 21 -10.51 7.41 -27.20
CA SER D 21 -9.78 8.63 -26.92
C SER D 21 -9.31 9.34 -28.18
N GLY D 22 -9.32 8.65 -29.33
CA GLY D 22 -8.87 9.24 -30.57
C GLY D 22 -7.41 9.66 -30.53
N LEU D 23 -6.55 8.75 -30.07
CA LEU D 23 -5.12 9.06 -30.00
C LEU D 23 -4.24 7.83 -30.25
N GLU D 24 -4.79 6.74 -30.78
CA GLU D 24 -3.98 5.54 -30.98
C GLU D 24 -2.82 5.80 -31.93
N HIS D 25 -2.97 6.72 -32.87
CA HIS D 25 -1.89 7.08 -33.79
C HIS D 25 -1.10 8.28 -33.29
N SER D 26 -1.75 9.22 -32.62
CA SER D 26 -1.07 10.40 -32.11
C SER D 26 -0.23 10.12 -30.88
N ALA D 27 -0.47 9.01 -30.19
CA ALA D 27 0.16 8.77 -28.91
C ALA D 27 0.28 7.27 -28.68
N HIS D 28 0.69 6.89 -27.47
CA HIS D 28 0.91 5.49 -27.10
C HIS D 28 0.80 5.37 -25.59
N VAL D 29 0.43 4.17 -25.14
CA VAL D 29 0.32 3.93 -23.70
C VAL D 29 1.72 3.99 -23.08
N LEU D 30 1.77 4.47 -21.84
CA LEU D 30 3.04 4.76 -21.19
C LEU D 30 3.54 3.58 -20.36
N GLU D 31 4.85 3.43 -20.31
CA GLU D 31 5.51 2.38 -19.56
C GLU D 31 6.55 2.98 -18.63
N LYS D 32 6.78 2.32 -17.50
CA LYS D 32 7.77 2.78 -16.54
C LYS D 32 7.99 1.70 -15.48
N GLY D 33 9.24 1.56 -15.05
CA GLY D 33 9.55 0.56 -14.03
C GLY D 33 9.06 -0.81 -14.38
N GLY D 34 9.12 -1.18 -15.66
CA GLY D 34 8.60 -2.46 -16.11
C GLY D 34 7.15 -2.64 -15.71
N LYS D 35 6.34 -1.60 -15.93
CA LYS D 35 4.92 -1.64 -15.60
C LYS D 35 4.18 -0.75 -16.58
N VAL D 36 3.05 -1.23 -17.08
CA VAL D 36 2.26 -0.54 -18.08
C VAL D 36 1.13 0.20 -17.39
N PHE D 37 0.70 1.32 -17.98
CA PHE D 37 -0.35 2.14 -17.41
C PHE D 37 -1.66 2.00 -18.19
N SER D 38 -2.16 0.77 -18.27
CA SER D 38 -3.50 0.51 -18.77
C SER D 38 -4.14 -0.55 -17.87
N ALA D 39 -5.31 -0.23 -17.34
CA ALA D 39 -6.04 -1.11 -16.43
C ALA D 39 -7.45 -1.33 -16.94
N THR D 40 -7.91 -2.57 -16.81
CA THR D 40 -9.26 -2.96 -17.21
C THR D 40 -9.88 -3.72 -16.05
N LEU D 41 -10.87 -3.12 -15.41
CA LEU D 41 -11.46 -3.65 -14.19
C LEU D 41 -12.91 -4.05 -14.45
N GLY D 42 -13.32 -5.15 -13.83
CA GLY D 42 -14.70 -5.61 -13.91
C GLY D 42 -15.32 -5.61 -12.53
N LEU D 43 -16.65 -5.48 -12.50
CA LEU D 43 -17.40 -5.54 -11.26
C LEU D 43 -18.75 -6.18 -11.53
N VAL D 44 -19.08 -7.23 -10.78
CA VAL D 44 -20.28 -8.02 -11.04
C VAL D 44 -21.03 -8.25 -9.74
N ASP D 45 -22.36 -8.17 -9.82
CA ASP D 45 -23.26 -8.64 -8.77
C ASP D 45 -24.46 -9.27 -9.46
N ILE D 46 -24.54 -10.60 -9.38
CA ILE D 46 -25.62 -11.33 -10.04
C ILE D 46 -26.97 -10.97 -9.44
N VAL D 47 -27.00 -10.62 -8.16
CA VAL D 47 -28.24 -10.25 -7.49
C VAL D 47 -28.81 -9.01 -8.17
N LYS D 48 -28.17 -7.86 -7.95
CA LYS D 48 -28.62 -6.63 -8.60
C LYS D 48 -28.47 -6.70 -10.11
N GLY D 49 -27.69 -7.66 -10.62
CA GLY D 49 -27.47 -7.82 -12.03
C GLY D 49 -26.33 -6.98 -12.61
N THR D 50 -25.64 -6.20 -11.78
CA THR D 50 -24.64 -5.29 -12.32
C THR D 50 -23.50 -6.08 -12.96
N ASN D 51 -23.04 -5.60 -14.11
CA ASN D 51 -21.98 -6.23 -14.89
C ASN D 51 -21.21 -5.09 -15.59
N SER D 52 -20.31 -4.46 -14.85
CA SER D 52 -19.73 -3.17 -15.23
C SER D 52 -18.24 -3.32 -15.53
N TYR D 53 -17.76 -2.42 -16.40
CA TYR D 53 -16.36 -2.35 -16.80
C TYR D 53 -15.87 -0.92 -16.61
N TYR D 54 -14.59 -0.82 -16.21
CA TYR D 54 -13.91 0.46 -16.03
C TYR D 54 -12.53 0.35 -16.67
N LYS D 55 -12.22 1.24 -17.60
CA LYS D 55 -10.96 1.24 -18.33
C LYS D 55 -10.21 2.53 -18.02
N LEU D 56 -8.94 2.41 -17.65
CA LEU D 56 -8.12 3.56 -17.26
C LEU D 56 -6.78 3.50 -17.97
N GLN D 57 -6.39 4.59 -18.62
CA GLN D 57 -5.14 4.63 -19.37
C GLN D 57 -4.43 5.95 -19.17
N LEU D 58 -3.10 5.91 -19.25
CA LEU D 58 -2.25 7.09 -19.25
C LEU D 58 -1.49 7.12 -20.57
N LEU D 59 -1.75 8.14 -21.38
CA LEU D 59 -1.26 8.22 -22.75
C LEU D 59 -0.15 9.25 -22.85
N GLU D 60 0.85 8.96 -23.69
CA GLU D 60 1.99 9.83 -23.94
C GLU D 60 2.12 10.04 -25.45
N ASP D 61 2.23 11.30 -25.86
CA ASP D 61 2.40 11.58 -27.29
C ASP D 61 3.71 11.01 -27.78
N ASP D 62 3.67 10.42 -28.98
CA ASP D 62 4.85 9.77 -29.53
C ASP D 62 6.04 10.72 -29.69
N LYS D 63 5.81 12.03 -29.62
CA LYS D 63 6.86 13.02 -29.80
C LYS D 63 7.23 13.69 -28.49
N GLU D 64 6.36 14.54 -27.96
CA GLU D 64 6.69 15.52 -26.95
C GLU D 64 6.27 15.01 -25.57
N ASN D 65 6.48 15.85 -24.56
CA ASN D 65 6.10 15.53 -23.18
C ASN D 65 4.64 15.92 -22.91
N ARG D 66 3.75 15.45 -23.78
CA ARG D 66 2.31 15.69 -23.66
C ARG D 66 1.66 14.41 -23.14
N TYR D 67 0.87 14.55 -22.07
CA TYR D 67 0.33 13.40 -21.36
C TYR D 67 -1.16 13.55 -21.11
N TRP D 68 -1.86 12.43 -21.14
CA TRP D 68 -3.30 12.40 -20.97
C TRP D 68 -3.69 11.29 -20.00
N ILE D 69 -4.83 11.49 -19.33
CA ILE D 69 -5.51 10.44 -18.58
C ILE D 69 -6.85 10.18 -19.26
N PHE D 70 -7.10 8.91 -19.59
CA PHE D 70 -8.31 8.52 -20.28
C PHE D 70 -9.09 7.55 -19.40
N ARG D 71 -10.33 7.91 -19.08
CA ARG D 71 -11.26 7.05 -18.36
C ARG D 71 -12.38 6.64 -19.30
N SER D 72 -12.85 5.40 -19.16
CA SER D 72 -14.09 4.99 -19.79
C SER D 72 -14.77 4.01 -18.86
N TRP D 73 -16.10 3.98 -18.91
CA TRP D 73 -16.84 3.11 -17.99
C TRP D 73 -18.18 2.77 -18.61
N GLY D 74 -18.74 1.67 -18.14
CA GLY D 74 -20.10 1.32 -18.59
C GLY D 74 -20.43 -0.13 -18.29
N ARG D 75 -21.34 -0.66 -19.10
CA ARG D 75 -21.83 -2.03 -18.96
C ARG D 75 -21.29 -2.88 -20.11
N VAL D 76 -20.81 -4.08 -19.77
CA VAL D 76 -20.12 -4.91 -20.76
C VAL D 76 -21.05 -5.21 -21.93
N GLY D 77 -20.48 -5.26 -23.13
CA GLY D 77 -21.23 -5.65 -24.31
C GLY D 77 -22.43 -4.78 -24.60
N THR D 78 -22.42 -3.52 -24.17
CA THR D 78 -23.49 -2.59 -24.45
C THR D 78 -22.91 -1.21 -24.68
N VAL D 79 -23.78 -0.26 -25.03
CA VAL D 79 -23.38 1.12 -25.21
C VAL D 79 -23.56 1.94 -23.95
N ILE D 80 -24.23 1.41 -22.92
CA ILE D 80 -24.38 2.13 -21.68
C ILE D 80 -23.00 2.45 -21.14
N GLY D 81 -22.78 3.73 -20.82
CA GLY D 81 -21.53 4.17 -20.27
C GLY D 81 -21.14 5.53 -20.84
N SER D 82 -19.89 5.86 -20.64
CA SER D 82 -19.35 7.16 -21.05
C SER D 82 -17.84 7.10 -20.94
N ASN D 83 -17.19 8.23 -21.20
CA ASN D 83 -15.74 8.32 -21.09
C ASN D 83 -15.36 9.77 -20.83
N LYS D 84 -14.07 9.97 -20.58
CA LYS D 84 -13.53 11.30 -20.31
C LYS D 84 -12.04 11.28 -20.65
N LEU D 85 -11.57 12.35 -21.29
CA LEU D 85 -10.15 12.51 -21.58
C LEU D 85 -9.70 13.83 -20.98
N GLU D 86 -8.67 13.77 -20.13
CA GLU D 86 -8.07 14.95 -19.55
C GLU D 86 -6.63 15.05 -20.02
N GLN D 87 -6.18 16.26 -20.32
CA GLN D 87 -4.77 16.51 -20.57
C GLN D 87 -4.13 16.90 -19.26
N MET D 88 -3.03 16.26 -18.92
CA MET D 88 -2.38 16.57 -17.67
C MET D 88 -1.18 17.48 -17.91
N PRO D 89 -0.90 18.43 -17.00
CA PRO D 89 0.17 19.39 -17.26
C PRO D 89 1.56 18.77 -17.27
N SER D 90 1.72 17.57 -16.72
CA SER D 90 3.03 16.93 -16.65
C SER D 90 2.84 15.42 -16.58
N LYS D 91 3.97 14.71 -16.62
CA LYS D 91 3.94 13.26 -16.48
C LYS D 91 3.70 12.85 -15.03
N GLU D 92 4.30 13.57 -14.09
CA GLU D 92 4.13 13.22 -12.67
C GLU D 92 2.70 13.43 -12.21
N ASP D 93 2.09 14.55 -12.60
CA ASP D 93 0.69 14.79 -12.28
C ASP D 93 -0.19 13.72 -12.91
N ALA D 94 0.15 13.30 -14.13
CA ALA D 94 -0.61 12.24 -14.77
C ALA D 94 -0.52 10.94 -13.99
N ILE D 95 0.68 10.59 -13.52
CA ILE D 95 0.85 9.32 -12.80
C ILE D 95 0.13 9.38 -11.46
N GLU D 96 0.19 10.52 -10.77
CA GLU D 96 -0.56 10.66 -9.52
C GLU D 96 -2.05 10.50 -9.77
N HIS D 97 -2.59 11.21 -10.77
CA HIS D 97 -3.99 11.08 -11.13
C HIS D 97 -4.35 9.62 -11.39
N PHE D 98 -3.52 8.93 -12.18
CA PHE D 98 -3.79 7.54 -12.53
C PHE D 98 -3.85 6.65 -11.30
N MET D 99 -2.82 6.74 -10.45
CA MET D 99 -2.76 5.85 -9.31
C MET D 99 -3.89 6.14 -8.32
N LYS D 100 -4.24 7.41 -8.14
CA LYS D 100 -5.31 7.73 -7.21
C LYS D 100 -6.67 7.27 -7.75
N LEU D 101 -6.90 7.38 -9.05
CA LEU D 101 -8.12 6.85 -9.62
C LEU D 101 -8.18 5.33 -9.46
N TYR D 102 -7.05 4.65 -9.72
CA TYR D 102 -7.02 3.20 -9.54
C TYR D 102 -7.38 2.82 -8.10
N GLU D 103 -6.72 3.46 -7.13
CA GLU D 103 -6.98 3.12 -5.74
C GLU D 103 -8.41 3.46 -5.33
N GLU D 104 -8.98 4.52 -5.89
CA GLU D 104 -10.38 4.83 -5.62
C GLU D 104 -11.29 3.71 -6.12
N LYS D 105 -11.04 3.22 -7.33
CA LYS D 105 -11.97 2.28 -7.96
C LYS D 105 -11.74 0.83 -7.58
N THR D 106 -10.60 0.49 -6.94
CA THR D 106 -10.35 -0.89 -6.60
C THR D 106 -10.02 -1.14 -5.13
N GLY D 107 -9.74 -0.10 -4.35
CA GLY D 107 -9.41 -0.29 -2.95
C GLY D 107 -8.01 -0.80 -2.68
N ASN D 108 -7.23 -1.05 -3.71
CA ASN D 108 -5.85 -1.49 -3.57
C ASN D 108 -4.91 -0.45 -4.19
N ALA D 109 -3.62 -0.65 -3.98
CA ALA D 109 -2.62 0.22 -4.57
C ALA D 109 -2.23 -0.29 -5.95
N TRP D 110 -1.43 0.53 -6.65
CA TRP D 110 -1.11 0.22 -8.04
C TRP D 110 -0.19 -0.99 -8.14
N HIS D 111 0.73 -1.16 -7.20
CA HIS D 111 1.59 -2.32 -7.13
C HIS D 111 1.32 -3.10 -5.85
N SER D 112 1.28 -4.43 -5.96
CA SER D 112 1.06 -5.28 -4.80
C SER D 112 1.17 -6.75 -5.18
N LYS D 113 1.99 -7.50 -4.46
CA LYS D 113 2.02 -8.95 -4.65
C LYS D 113 0.69 -9.58 -4.25
N ASN D 114 0.13 -9.13 -3.13
CA ASN D 114 -1.12 -9.69 -2.59
C ASN D 114 -2.24 -8.68 -2.80
N PHE D 115 -2.97 -8.85 -3.88
CA PHE D 115 -4.20 -8.10 -4.09
C PHE D 115 -5.33 -8.75 -3.31
N THR D 116 -6.21 -7.92 -2.74
CA THR D 116 -7.31 -8.40 -1.92
C THR D 116 -8.60 -7.73 -2.37
N LYS D 117 -9.57 -8.53 -2.78
CA LYS D 117 -10.87 -8.00 -3.19
C LYS D 117 -11.52 -7.29 -2.03
N TYR D 118 -12.09 -6.12 -2.31
CA TYR D 118 -12.86 -5.37 -1.33
C TYR D 118 -14.30 -5.22 -1.81
N PRO D 119 -15.27 -5.23 -0.90
CA PRO D 119 -16.67 -5.19 -1.33
C PRO D 119 -17.00 -3.87 -2.01
N LYS D 120 -17.87 -3.95 -3.01
CA LYS D 120 -18.33 -2.82 -3.80
C LYS D 120 -17.22 -2.22 -4.65
N LYS D 121 -16.05 -2.85 -4.71
CA LYS D 121 -14.90 -2.35 -5.45
C LYS D 121 -14.65 -3.21 -6.68
N PHE D 122 -14.06 -2.60 -7.69
CA PHE D 122 -13.76 -3.33 -8.92
C PHE D 122 -12.60 -4.29 -8.71
N TYR D 123 -12.45 -5.21 -9.67
CA TYR D 123 -11.39 -6.20 -9.66
C TYR D 123 -10.55 -6.08 -10.92
N PRO D 124 -9.23 -6.14 -10.81
CA PRO D 124 -8.38 -5.97 -12.00
C PRO D 124 -8.32 -7.22 -12.86
N LEU D 125 -8.29 -7.01 -14.17
CA LEU D 125 -8.27 -8.09 -15.14
C LEU D 125 -6.92 -8.10 -15.86
N GLU D 126 -6.34 -9.28 -16.01
CA GLU D 126 -5.00 -9.45 -16.56
C GLU D 126 -5.12 -9.71 -18.06
N ILE D 127 -5.12 -8.63 -18.84
CA ILE D 127 -5.20 -8.74 -20.29
C ILE D 127 -3.82 -9.05 -20.85
N ASP D 128 -3.77 -9.90 -21.87
CA ASP D 128 -2.53 -10.31 -22.50
C ASP D 128 -2.42 -9.60 -23.86
N TYR D 129 -1.40 -8.76 -24.00
CA TYR D 129 -1.10 -8.09 -25.25
C TYR D 129 0.18 -8.67 -25.85
N GLY D 130 0.21 -8.75 -27.17
CA GLY D 130 1.38 -9.23 -27.88
C GLY D 130 2.00 -10.49 -27.32
N GLY D 144 20.44 -19.42 -45.00
CA GLY D 144 20.88 -20.77 -45.29
C GLY D 144 19.80 -21.62 -45.93
N THR D 145 18.78 -21.95 -45.15
CA THR D 145 17.67 -22.77 -45.62
C THR D 145 18.19 -24.11 -46.14
N LYS D 146 18.54 -25.01 -45.24
CA LYS D 146 19.19 -26.27 -45.58
C LYS D 146 18.47 -27.44 -44.91
N SER D 147 17.16 -27.56 -45.15
CA SER D 147 16.42 -28.71 -44.65
C SER D 147 16.51 -29.85 -45.66
N LYS D 148 16.46 -31.08 -45.14
CA LYS D 148 16.67 -32.26 -45.98
C LYS D 148 15.67 -33.36 -45.69
N LEU D 149 14.56 -33.06 -45.01
CA LEU D 149 13.55 -34.06 -44.68
C LEU D 149 12.64 -34.31 -45.86
N PRO D 150 11.98 -35.47 -45.91
CA PRO D 150 11.02 -35.72 -46.99
C PRO D 150 9.89 -34.70 -46.98
N LYS D 151 9.27 -34.52 -48.15
CA LYS D 151 8.29 -33.46 -48.35
C LYS D 151 6.99 -33.72 -47.59
N PRO D 152 6.50 -34.96 -47.55
CA PRO D 152 5.31 -35.22 -46.70
C PRO D 152 5.53 -34.79 -45.26
N VAL D 153 6.69 -35.13 -44.69
CA VAL D 153 6.98 -34.76 -43.31
C VAL D 153 7.13 -33.25 -43.17
N GLN D 154 7.71 -32.59 -44.17
CA GLN D 154 7.83 -31.14 -44.11
C GLN D 154 6.46 -30.48 -44.13
N ASP D 155 5.56 -30.97 -44.97
CA ASP D 155 4.19 -30.46 -44.98
C ASP D 155 3.50 -30.70 -43.64
N LEU D 156 3.70 -31.89 -43.07
CA LEU D 156 3.14 -32.19 -41.76
C LEU D 156 3.64 -31.21 -40.70
N ILE D 157 4.94 -30.92 -40.69
CA ILE D 157 5.50 -29.99 -39.71
C ILE D 157 4.92 -28.59 -39.93
N LYS D 158 4.93 -28.13 -41.19
CA LYS D 158 4.26 -26.87 -41.53
C LYS D 158 2.84 -26.86 -40.99
N MET D 159 2.19 -28.02 -40.95
CA MET D 159 0.81 -28.10 -40.49
C MET D 159 0.72 -27.90 -38.97
N ILE D 160 1.50 -28.67 -38.21
CA ILE D 160 1.31 -28.67 -36.76
C ILE D 160 1.95 -27.47 -36.07
N PHE D 161 2.95 -26.84 -36.69
CA PHE D 161 3.62 -25.67 -36.13
C PHE D 161 3.20 -24.38 -36.82
N ASP D 162 2.03 -24.36 -37.44
CA ASP D 162 1.58 -23.18 -38.17
C ASP D 162 1.44 -21.99 -37.23
N VAL D 163 2.07 -20.87 -37.59
CA VAL D 163 2.07 -19.69 -36.73
C VAL D 163 0.94 -18.73 -37.10
N GLU D 164 0.69 -18.53 -38.40
CA GLU D 164 -0.38 -17.63 -38.81
C GLU D 164 -1.70 -18.03 -38.18
N SER D 165 -2.08 -19.30 -38.29
CA SER D 165 -3.31 -19.77 -37.67
C SER D 165 -3.24 -19.65 -36.16
N MET D 166 -2.09 -19.99 -35.58
CA MET D 166 -1.93 -19.90 -34.13
C MET D 166 -2.08 -18.48 -33.65
N LYS D 167 -1.40 -17.54 -34.30
CA LYS D 167 -1.50 -16.14 -33.87
C LYS D 167 -2.90 -15.59 -34.10
N LYS D 168 -3.54 -15.97 -35.21
CA LYS D 168 -4.93 -15.58 -35.43
C LYS D 168 -5.81 -16.03 -34.27
N ALA D 169 -5.77 -17.33 -33.94
CA ALA D 169 -6.63 -17.85 -32.89
C ALA D 169 -6.25 -17.28 -31.52
N MET D 170 -4.99 -16.89 -31.34
CA MET D 170 -4.55 -16.39 -30.04
C MET D 170 -5.04 -14.97 -29.80
N TYR D 171 -4.82 -14.07 -30.76
CA TYR D 171 -5.07 -12.65 -30.59
C TYR D 171 -6.13 -12.14 -31.57
N GLU D 172 -7.19 -12.92 -31.77
CA GLU D 172 -8.32 -12.49 -32.59
C GLU D 172 -9.08 -11.40 -31.85
N ILE D 173 -10.22 -10.99 -32.41
CA ILE D 173 -11.09 -10.02 -31.76
C ILE D 173 -12.53 -10.51 -31.82
N ASP D 174 -12.93 -11.35 -30.86
CA ASP D 174 -14.29 -11.85 -30.76
C ASP D 174 -14.92 -11.22 -29.52
N LEU D 175 -15.67 -10.14 -29.73
CA LEU D 175 -16.27 -9.40 -28.63
C LEU D 175 -17.47 -10.11 -28.00
N GLN D 176 -17.82 -11.31 -28.47
CA GLN D 176 -18.86 -12.09 -27.82
C GLN D 176 -18.28 -13.05 -26.78
N LYS D 177 -17.14 -13.66 -27.08
CA LYS D 177 -16.44 -14.53 -26.12
C LYS D 177 -15.54 -13.73 -25.20
N MET D 178 -14.83 -12.73 -25.72
CA MET D 178 -13.89 -11.90 -24.97
C MET D 178 -14.31 -10.44 -25.11
N PRO D 179 -15.38 -10.02 -24.43
CA PRO D 179 -15.87 -8.65 -24.60
C PRO D 179 -14.89 -7.58 -24.16
N LEU D 180 -13.81 -7.95 -23.47
CA LEU D 180 -12.84 -6.98 -22.95
C LEU D 180 -11.40 -7.35 -23.28
N GLY D 181 -11.19 -8.23 -24.26
CA GLY D 181 -9.88 -8.53 -24.78
C GLY D 181 -9.38 -9.90 -24.35
N LYS D 182 -8.19 -10.24 -24.82
CA LYS D 182 -7.57 -11.50 -24.47
C LYS D 182 -7.27 -11.54 -22.98
N LEU D 183 -7.45 -12.71 -22.37
CA LEU D 183 -7.17 -12.92 -20.96
C LEU D 183 -5.90 -13.74 -20.81
N SER D 184 -5.03 -13.33 -19.89
CA SER D 184 -3.83 -14.09 -19.61
C SER D 184 -4.21 -15.50 -19.18
N LYS D 185 -3.29 -16.45 -19.41
CA LYS D 185 -3.56 -17.83 -19.04
C LYS D 185 -3.81 -17.97 -17.54
N ARG D 186 -3.16 -17.15 -16.72
CA ARG D 186 -3.38 -17.20 -15.28
C ARG D 186 -4.86 -17.10 -14.94
N GLN D 187 -5.52 -16.05 -15.44
CA GLN D 187 -6.92 -15.84 -15.12
C GLN D 187 -7.81 -16.95 -15.66
N ILE D 188 -7.46 -17.49 -16.82
CA ILE D 188 -8.25 -18.56 -17.40
C ILE D 188 -8.19 -19.79 -16.50
N GLN D 189 -7.00 -20.12 -15.99
CA GLN D 189 -6.90 -21.25 -15.06
C GLN D 189 -7.58 -20.94 -13.73
N ALA D 190 -7.55 -19.68 -13.30
CA ALA D 190 -8.28 -19.31 -12.09
C ALA D 190 -9.76 -19.61 -12.23
N ALA D 191 -10.35 -19.20 -13.36
CA ALA D 191 -11.77 -19.48 -13.60
C ALA D 191 -12.01 -20.98 -13.76
N TYR D 192 -11.06 -21.69 -14.38
CA TYR D 192 -11.14 -23.15 -14.46
C TYR D 192 -11.29 -23.77 -13.06
N SER D 193 -10.41 -23.39 -12.15
CA SER D 193 -10.49 -23.91 -10.78
C SER D 193 -11.79 -23.49 -10.10
N ILE D 194 -12.26 -22.28 -10.38
CA ILE D 194 -13.52 -21.83 -9.79
C ILE D 194 -14.67 -22.73 -10.26
N LEU D 195 -14.64 -23.15 -11.52
CA LEU D 195 -15.68 -24.04 -12.02
C LEU D 195 -15.57 -25.43 -11.37
N SER D 196 -14.36 -25.92 -11.19
CA SER D 196 -14.20 -27.19 -10.47
C SER D 196 -14.78 -27.08 -9.06
N GLU D 197 -14.56 -25.93 -8.40
CA GLU D 197 -15.13 -25.73 -7.06
C GLU D 197 -16.65 -25.66 -7.12
N VAL D 198 -17.20 -25.04 -8.16
CA VAL D 198 -18.65 -25.00 -8.33
C VAL D 198 -19.22 -26.40 -8.41
N GLN D 199 -18.54 -27.28 -9.15
CA GLN D 199 -19.04 -28.65 -9.28
C GLN D 199 -18.90 -29.41 -7.95
N GLN D 200 -17.75 -29.29 -7.29
CA GLN D 200 -17.60 -29.84 -5.94
C GLN D 200 -18.77 -29.41 -5.06
N ALA D 201 -19.13 -28.13 -5.11
CA ALA D 201 -20.23 -27.64 -4.30
C ALA D 201 -21.54 -28.31 -4.67
N VAL D 202 -21.97 -28.13 -5.93
CA VAL D 202 -23.23 -28.73 -6.38
C VAL D 202 -23.33 -30.18 -5.93
N SER D 203 -22.20 -30.90 -5.93
CA SER D 203 -22.21 -32.27 -5.43
C SER D 203 -22.54 -32.30 -3.94
N GLN D 204 -21.91 -31.43 -3.16
CA GLN D 204 -21.86 -31.53 -1.70
C GLN D 204 -23.08 -30.94 -1.00
N GLY D 205 -24.27 -31.08 -1.58
CA GLY D 205 -25.47 -30.50 -0.99
C GLY D 205 -25.24 -29.06 -0.58
N SER D 206 -24.83 -28.25 -1.54
CA SER D 206 -24.21 -26.96 -1.24
C SER D 206 -25.22 -25.91 -0.83
N SER D 207 -24.72 -24.89 -0.14
CA SER D 207 -25.47 -23.66 0.04
C SER D 207 -25.67 -22.99 -1.31
N ASP D 208 -26.87 -22.43 -1.50
CA ASP D 208 -27.08 -21.58 -2.68
C ASP D 208 -26.11 -20.42 -2.70
N SER D 209 -25.77 -19.88 -1.52
CA SER D 209 -24.81 -18.79 -1.44
C SER D 209 -23.40 -19.25 -1.77
N GLN D 210 -23.04 -20.48 -1.39
CA GLN D 210 -21.77 -21.04 -1.81
C GLN D 210 -21.66 -21.06 -3.33
N ILE D 211 -22.78 -21.20 -4.02
CA ILE D 211 -22.78 -21.17 -5.48
C ILE D 211 -22.74 -19.74 -5.98
N LEU D 212 -23.46 -18.84 -5.31
CA LEU D 212 -23.51 -17.45 -5.75
C LEU D 212 -22.13 -16.79 -5.68
N ASP D 213 -21.39 -17.04 -4.60
CA ASP D 213 -20.05 -16.47 -4.49
C ASP D 213 -19.19 -16.87 -5.68
N LEU D 214 -19.19 -18.16 -6.01
CA LEU D 214 -18.38 -18.63 -7.13
C LEU D 214 -18.90 -18.11 -8.46
N SER D 215 -20.22 -17.95 -8.60
CA SER D 215 -20.77 -17.41 -9.84
C SER D 215 -20.31 -15.97 -10.06
N ASN D 216 -20.41 -15.14 -9.03
CA ASN D 216 -19.92 -13.77 -9.13
C ASN D 216 -18.44 -13.74 -9.46
N ARG D 217 -17.64 -14.54 -8.75
CA ARG D 217 -16.21 -14.55 -9.01
C ARG D 217 -15.90 -14.96 -10.44
N PHE D 218 -16.59 -16.00 -10.94
CA PHE D 218 -16.37 -16.46 -12.31
C PHE D 218 -16.72 -15.36 -13.31
N TYR D 219 -17.92 -14.81 -13.23
CA TYR D 219 -18.33 -13.82 -14.21
C TYR D 219 -17.48 -12.55 -14.11
N THR D 220 -16.81 -12.31 -12.98
CA THR D 220 -15.81 -11.24 -12.96
C THR D 220 -14.59 -11.65 -13.75
N LEU D 221 -14.04 -12.83 -13.45
CA LEU D 221 -12.80 -13.27 -14.09
C LEU D 221 -12.96 -13.48 -15.59
N ILE D 222 -14.17 -13.74 -16.06
CA ILE D 222 -14.41 -13.98 -17.48
C ILE D 222 -15.59 -13.13 -17.92
N PRO D 223 -15.34 -11.96 -18.51
CA PRO D 223 -16.46 -11.10 -18.92
C PRO D 223 -17.35 -11.78 -19.95
N HIS D 224 -18.65 -11.61 -19.78
CA HIS D 224 -19.64 -12.12 -20.71
C HIS D 224 -20.52 -10.98 -21.21
N ASP D 225 -20.86 -11.02 -22.49
CA ASP D 225 -21.82 -10.09 -23.07
C ASP D 225 -23.21 -10.67 -22.81
N PHE D 226 -23.89 -10.15 -21.79
CA PHE D 226 -25.26 -10.52 -21.49
C PHE D 226 -26.23 -9.40 -21.83
N GLY D 227 -25.86 -8.53 -22.75
CA GLY D 227 -26.69 -7.38 -23.08
C GLY D 227 -27.04 -6.59 -21.84
N MET D 228 -28.30 -6.65 -21.44
CA MET D 228 -28.75 -6.00 -20.21
C MET D 228 -29.62 -6.95 -19.38
N LYS D 229 -29.34 -8.25 -19.47
CA LYS D 229 -29.98 -9.26 -18.65
C LYS D 229 -29.08 -9.62 -17.48
N LYS D 230 -29.69 -10.01 -16.38
CA LYS D 230 -28.92 -10.37 -15.20
C LYS D 230 -28.13 -11.65 -15.47
N PRO D 231 -26.83 -11.68 -15.19
CA PRO D 231 -26.07 -12.92 -15.39
C PRO D 231 -26.70 -14.05 -14.59
N PRO D 232 -26.75 -15.26 -15.16
CA PRO D 232 -27.39 -16.37 -14.45
C PRO D 232 -26.43 -17.09 -13.52
N LEU D 233 -27.01 -17.84 -12.59
CA LEU D 233 -26.21 -18.64 -11.68
C LEU D 233 -25.62 -19.84 -12.39
N LEU D 234 -24.53 -20.36 -11.84
CA LEU D 234 -23.89 -21.56 -12.37
C LEU D 234 -24.52 -22.84 -11.80
N ASN D 235 -25.86 -22.85 -11.72
CA ASN D 235 -26.58 -24.02 -11.24
C ASN D 235 -26.66 -25.10 -12.31
N ASN D 236 -26.93 -24.70 -13.55
CA ASN D 236 -27.00 -25.63 -14.68
C ASN D 236 -25.64 -26.27 -14.92
N ALA D 237 -25.42 -27.46 -14.35
CA ALA D 237 -24.12 -28.11 -14.44
C ALA D 237 -23.70 -28.38 -15.87
N ASP D 238 -24.66 -28.52 -16.80
CA ASP D 238 -24.32 -28.81 -18.19
C ASP D 238 -23.63 -27.62 -18.85
N SER D 239 -24.21 -26.42 -18.71
CA SER D 239 -23.56 -25.23 -19.22
C SER D 239 -22.21 -25.01 -18.54
N VAL D 240 -22.06 -25.47 -17.30
CA VAL D 240 -20.77 -25.35 -16.62
C VAL D 240 -19.75 -26.27 -17.27
N GLN D 241 -20.15 -27.51 -17.59
CA GLN D 241 -19.28 -28.37 -18.37
C GLN D 241 -18.88 -27.69 -19.68
N ALA D 242 -19.83 -27.00 -20.31
CA ALA D 242 -19.55 -26.33 -21.58
C ALA D 242 -18.49 -25.23 -21.39
N LYS D 243 -18.68 -24.38 -20.38
CA LYS D 243 -17.72 -23.32 -20.13
C LYS D 243 -16.36 -23.89 -19.77
N ALA D 244 -16.33 -25.01 -19.06
CA ALA D 244 -15.06 -25.65 -18.74
C ALA D 244 -14.37 -26.15 -20.01
N GLU D 245 -15.14 -26.70 -20.94
CA GLU D 245 -14.57 -27.10 -22.22
C GLU D 245 -13.96 -25.89 -22.93
N MET D 246 -14.69 -24.77 -22.95
CA MET D 246 -14.16 -23.56 -23.59
C MET D 246 -12.83 -23.14 -22.96
N LEU D 247 -12.79 -23.11 -21.63
CA LEU D 247 -11.58 -22.67 -20.94
C LEU D 247 -10.42 -23.62 -21.19
N ASP D 248 -10.70 -24.93 -21.23
CA ASP D 248 -9.64 -25.90 -21.51
C ASP D 248 -9.12 -25.73 -22.94
N ASN D 249 -10.01 -25.43 -23.88
CA ASN D 249 -9.56 -25.13 -25.25
C ASN D 249 -8.62 -23.94 -25.26
N LEU D 250 -8.99 -22.86 -24.57
CA LEU D 250 -8.13 -21.68 -24.52
C LEU D 250 -6.78 -22.02 -23.88
N LEU D 251 -6.79 -22.84 -22.83
CA LEU D 251 -5.54 -23.24 -22.19
C LEU D 251 -4.65 -24.01 -23.16
N ASP D 252 -5.22 -24.97 -23.90
CA ASP D 252 -4.43 -25.73 -24.87
C ASP D 252 -3.85 -24.81 -25.93
N ILE D 253 -4.61 -23.81 -26.37
CA ILE D 253 -4.10 -22.89 -27.37
C ILE D 253 -2.95 -22.06 -26.80
N GLU D 254 -3.09 -21.61 -25.56
CA GLU D 254 -2.00 -20.88 -24.90
C GLU D 254 -0.74 -21.74 -24.82
N VAL D 255 -0.90 -23.02 -24.48
CA VAL D 255 0.25 -23.91 -24.38
C VAL D 255 0.91 -24.09 -25.74
N ALA D 256 0.12 -24.29 -26.79
CA ALA D 256 0.69 -24.44 -28.12
C ALA D 256 1.46 -23.18 -28.53
N TYR D 257 0.87 -22.01 -28.28
CA TYR D 257 1.56 -20.78 -28.64
C TYR D 257 2.89 -20.67 -27.89
N SER D 258 2.87 -20.96 -26.58
CA SER D 258 4.13 -20.92 -25.83
C SER D 258 5.13 -21.95 -26.33
N LEU D 259 4.64 -23.04 -26.96
CA LEU D 259 5.56 -24.04 -27.51
C LEU D 259 6.13 -23.59 -28.85
N LEU D 260 5.41 -22.76 -29.61
CA LEU D 260 5.96 -22.27 -30.87
C LEU D 260 7.16 -21.37 -30.65
N ARG D 261 7.20 -20.64 -29.54
CA ARG D 261 8.27 -19.68 -29.26
C ARG D 261 9.46 -20.35 -28.58
N GLY D 262 9.94 -21.44 -29.16
CA GLY D 262 11.07 -22.17 -28.62
C GLY D 262 12.35 -21.37 -28.72
N SER D 267 20.04 -18.98 -36.05
CA SER D 267 20.47 -20.37 -36.12
C SER D 267 21.00 -20.69 -37.51
N SER D 268 21.72 -21.82 -37.62
CA SER D 268 22.22 -22.30 -38.90
C SER D 268 21.35 -23.41 -39.49
N LYS D 269 20.68 -24.18 -38.65
CA LYS D 269 19.80 -25.23 -39.14
C LYS D 269 18.52 -24.61 -39.72
N ASP D 270 17.93 -25.32 -40.68
CA ASP D 270 16.73 -24.83 -41.33
C ASP D 270 15.55 -24.86 -40.35
N PRO D 271 14.69 -23.84 -40.35
CA PRO D 271 13.57 -23.84 -39.39
C PRO D 271 12.74 -25.12 -39.38
N ILE D 272 12.64 -25.82 -40.51
CA ILE D 272 11.86 -27.05 -40.56
C ILE D 272 12.48 -28.09 -39.63
N ASP D 273 13.78 -28.34 -39.78
CA ASP D 273 14.47 -29.25 -38.87
C ASP D 273 14.46 -28.72 -37.44
N VAL D 274 14.53 -27.39 -37.28
CA VAL D 274 14.51 -26.79 -35.95
C VAL D 274 13.23 -27.17 -35.21
N ASN D 275 12.09 -27.06 -35.89
CA ASN D 275 10.83 -27.41 -35.27
C ASN D 275 10.61 -28.92 -35.21
N TYR D 276 11.22 -29.68 -36.13
CA TYR D 276 11.16 -31.13 -36.01
C TYR D 276 11.83 -31.60 -34.72
N GLU D 277 12.97 -31.00 -34.37
CA GLU D 277 13.68 -31.43 -33.17
C GLU D 277 12.86 -31.18 -31.90
N LYS D 278 11.93 -30.23 -31.92
CA LYS D 278 11.11 -29.97 -30.74
C LYS D 278 10.24 -31.17 -30.39
N LEU D 279 9.87 -31.99 -31.39
CA LEU D 279 8.89 -33.04 -31.16
C LEU D 279 9.42 -34.15 -30.27
N LYS D 280 10.72 -34.43 -30.33
CA LYS D 280 11.30 -35.59 -29.64
C LYS D 280 10.60 -36.87 -30.08
N THR D 281 10.36 -37.00 -31.38
CA THR D 281 9.76 -38.19 -31.96
C THR D 281 10.37 -38.47 -33.32
N ASP D 282 10.54 -39.75 -33.65
CA ASP D 282 11.02 -40.17 -34.95
C ASP D 282 9.83 -40.42 -35.86
N ILE D 283 9.82 -39.78 -37.03
CA ILE D 283 8.72 -39.85 -37.98
C ILE D 283 9.23 -40.51 -39.27
N LYS D 284 8.40 -41.40 -39.81
CA LYS D 284 8.67 -42.04 -41.09
C LYS D 284 7.37 -42.04 -41.90
N VAL D 285 7.51 -42.07 -43.21
CA VAL D 285 6.35 -42.07 -44.12
C VAL D 285 6.18 -43.49 -44.65
N VAL D 286 5.05 -44.13 -44.32
CA VAL D 286 4.74 -45.44 -44.87
C VAL D 286 4.44 -45.28 -46.35
N ASP D 287 4.90 -46.25 -47.15
CA ASP D 287 4.66 -46.21 -48.58
C ASP D 287 3.17 -46.33 -48.88
N ARG D 288 2.68 -45.48 -49.78
CA ARG D 288 1.26 -45.51 -50.13
C ARG D 288 0.82 -46.92 -50.49
N ASP D 289 1.55 -47.56 -51.41
CA ASP D 289 1.24 -48.90 -51.87
C ASP D 289 1.74 -49.99 -50.91
N SER D 290 1.99 -49.65 -49.64
CA SER D 290 2.46 -50.63 -48.68
C SER D 290 1.32 -51.56 -48.27
N GLU D 291 1.68 -52.58 -47.47
CA GLU D 291 0.69 -53.53 -46.97
C GLU D 291 0.10 -53.08 -45.64
N GLU D 292 0.95 -52.68 -44.69
CA GLU D 292 0.44 -52.06 -43.48
C GLU D 292 -0.38 -50.81 -43.82
N ALA D 293 0.03 -50.08 -44.85
CA ALA D 293 -0.74 -48.91 -45.29
C ALA D 293 -2.12 -49.32 -45.78
N GLU D 294 -2.20 -50.41 -46.54
CA GLU D 294 -3.50 -50.85 -47.03
C GLU D 294 -4.37 -51.38 -45.89
N ILE D 295 -3.77 -51.96 -44.86
CA ILE D 295 -4.54 -52.37 -43.69
C ILE D 295 -5.09 -51.16 -42.94
N ILE D 296 -4.25 -50.13 -42.76
CA ILE D 296 -4.71 -48.87 -42.19
C ILE D 296 -5.89 -48.32 -42.99
N ARG D 297 -5.76 -48.33 -44.31
CA ARG D 297 -6.81 -47.77 -45.17
C ARG D 297 -8.10 -48.57 -45.03
N LYS D 298 -8.00 -49.91 -44.94
CA LYS D 298 -9.20 -50.71 -44.74
C LYS D 298 -9.86 -50.37 -43.41
N TYR D 299 -9.05 -50.18 -42.36
CA TYR D 299 -9.58 -49.74 -41.08
C TYR D 299 -10.38 -48.45 -41.24
N VAL D 300 -9.75 -47.43 -41.81
CA VAL D 300 -10.39 -46.13 -41.97
C VAL D 300 -11.69 -46.27 -42.74
N LYS D 301 -11.66 -47.03 -43.84
CA LYS D 301 -12.83 -47.12 -44.71
C LYS D 301 -13.97 -47.84 -43.99
N ASN D 302 -13.69 -48.96 -43.34
CA ASN D 302 -14.75 -49.75 -42.74
C ASN D 302 -15.36 -49.03 -41.54
N THR D 303 -14.55 -48.44 -40.68
CA THR D 303 -15.05 -47.97 -39.41
C THR D 303 -15.58 -46.54 -39.45
N HIS D 304 -15.69 -45.93 -40.63
CA HIS D 304 -16.32 -44.63 -40.75
C HIS D 304 -17.81 -44.78 -41.05
N ALA D 305 -18.59 -43.83 -40.57
CA ALA D 305 -20.05 -43.89 -40.68
C ALA D 305 -20.58 -42.53 -41.08
N THR D 306 -21.28 -42.48 -42.21
CA THR D 306 -21.91 -41.26 -42.71
C THR D 306 -23.22 -40.96 -42.02
N THR D 307 -23.50 -41.60 -40.88
CA THR D 307 -24.78 -41.44 -40.20
C THR D 307 -24.78 -40.23 -39.26
N HIS D 308 -23.68 -40.00 -38.55
CA HIS D 308 -23.52 -38.81 -37.71
C HIS D 308 -22.32 -37.98 -38.14
N ASN D 309 -21.90 -38.13 -39.40
CA ASN D 309 -20.78 -37.37 -39.95
C ASN D 309 -21.15 -36.97 -41.37
N ALA D 310 -21.32 -35.67 -41.60
CA ALA D 310 -21.71 -35.19 -42.92
C ALA D 310 -20.49 -35.01 -43.82
N TYR D 311 -19.70 -36.07 -43.96
CA TYR D 311 -18.49 -36.02 -44.75
C TYR D 311 -17.94 -37.44 -44.89
N ASP D 312 -16.96 -37.57 -45.78
CA ASP D 312 -16.21 -38.81 -45.95
C ASP D 312 -14.74 -38.52 -45.67
N LEU D 313 -14.00 -39.59 -45.36
CA LEU D 313 -12.59 -39.48 -45.02
C LEU D 313 -11.75 -39.92 -46.21
N GLU D 314 -10.67 -39.19 -46.47
CA GLU D 314 -9.70 -39.56 -47.49
C GLU D 314 -8.31 -39.50 -46.86
N VAL D 315 -7.60 -40.63 -46.84
CA VAL D 315 -6.25 -40.64 -46.31
C VAL D 315 -5.31 -39.92 -47.28
N ILE D 316 -4.27 -39.30 -46.74
CA ILE D 316 -3.32 -38.54 -47.54
C ILE D 316 -1.93 -39.09 -47.32
N ASP D 317 -1.46 -39.06 -46.08
CA ASP D 317 -0.14 -39.56 -45.72
C ASP D 317 -0.25 -40.38 -44.44
N ILE D 318 0.39 -41.53 -44.44
CA ILE D 318 0.56 -42.32 -43.22
C ILE D 318 1.89 -41.93 -42.60
N PHE D 319 2.00 -42.10 -41.28
CA PHE D 319 3.22 -41.77 -40.57
C PHE D 319 3.46 -42.78 -39.46
N LYS D 320 4.58 -43.48 -39.52
CA LYS D 320 5.06 -44.28 -38.41
C LYS D 320 5.80 -43.38 -37.45
N ILE D 321 5.32 -43.30 -36.21
CA ILE D 321 5.91 -42.42 -35.20
C ILE D 321 6.44 -43.27 -34.07
N GLU D 322 7.55 -42.80 -33.49
CA GLU D 322 8.15 -43.45 -32.31
C GLU D 322 8.59 -42.33 -31.37
N ARG D 323 7.88 -42.17 -30.25
CA ARG D 323 8.16 -41.10 -29.32
C ARG D 323 9.39 -41.44 -28.48
N GLU D 324 10.11 -40.39 -28.07
CA GLU D 324 11.33 -40.60 -27.29
C GLU D 324 10.98 -41.05 -25.88
N GLY D 325 11.43 -42.25 -25.51
CA GLY D 325 11.20 -42.80 -24.20
C GLY D 325 9.87 -43.51 -24.04
N GLU D 326 8.85 -43.07 -24.76
CA GLU D 326 7.55 -43.75 -24.70
C GLU D 326 7.71 -45.23 -25.01
N CYS D 327 8.62 -45.58 -25.92
CA CYS D 327 8.88 -46.99 -26.20
C CYS D 327 9.37 -47.73 -24.97
N GLN D 328 9.96 -47.03 -24.01
CA GLN D 328 10.48 -47.64 -22.80
C GLN D 328 9.41 -47.75 -21.72
N ARG D 329 8.65 -46.67 -21.49
CA ARG D 329 7.65 -46.68 -20.43
C ARG D 329 6.51 -47.67 -20.72
N TYR D 330 6.37 -48.11 -21.97
CA TYR D 330 5.32 -49.07 -22.34
C TYR D 330 5.75 -50.51 -22.18
N LYS D 331 7.05 -50.77 -21.99
CA LYS D 331 7.50 -52.15 -21.84
C LYS D 331 6.81 -52.89 -20.70
N PRO D 332 6.49 -52.27 -19.56
CA PRO D 332 5.78 -53.02 -18.50
C PRO D 332 4.49 -53.64 -18.98
N PHE D 333 3.90 -53.09 -20.04
CA PHE D 333 2.62 -53.56 -20.55
C PHE D 333 2.73 -54.30 -21.87
N LYS D 334 3.91 -54.35 -22.50
CA LYS D 334 4.02 -55.06 -23.77
C LYS D 334 3.77 -56.56 -23.59
N GLN D 335 4.12 -57.11 -22.43
CA GLN D 335 3.77 -58.48 -22.11
C GLN D 335 2.38 -58.61 -21.52
N LEU D 336 1.65 -57.50 -21.40
CA LEU D 336 0.25 -57.57 -21.02
C LEU D 336 -0.56 -58.23 -22.14
N HIS D 337 -1.79 -58.56 -21.82
CA HIS D 337 -2.71 -59.18 -22.78
C HIS D 337 -3.71 -58.15 -23.30
N ASN D 338 -4.28 -58.46 -24.45
CA ASN D 338 -5.32 -57.64 -25.06
C ASN D 338 -4.82 -56.23 -25.35
N ARG D 339 -3.68 -56.15 -26.04
CA ARG D 339 -3.21 -54.88 -26.58
C ARG D 339 -3.90 -54.64 -27.92
N ARG D 340 -4.45 -53.45 -28.10
CA ARG D 340 -5.24 -53.16 -29.29
C ARG D 340 -4.84 -51.82 -29.88
N LEU D 341 -4.97 -51.73 -31.20
CA LEU D 341 -4.60 -50.55 -31.97
C LEU D 341 -5.86 -49.71 -32.17
N LEU D 342 -5.91 -48.53 -31.54
CA LEU D 342 -7.13 -47.75 -31.47
C LEU D 342 -6.89 -46.31 -31.89
N TRP D 343 -8.01 -45.60 -32.10
CA TRP D 343 -8.01 -44.24 -32.62
C TRP D 343 -7.97 -43.22 -31.49
N HIS D 344 -7.36 -42.07 -31.76
CA HIS D 344 -7.55 -40.87 -30.95
C HIS D 344 -7.51 -39.66 -31.86
N GLY D 345 -8.31 -38.65 -31.53
CA GLY D 345 -8.37 -37.46 -32.35
C GLY D 345 -8.51 -36.17 -31.57
N SER D 346 -7.62 -35.21 -31.86
CA SER D 346 -7.69 -33.89 -31.26
C SER D 346 -7.44 -32.85 -32.33
N ARG D 347 -7.69 -31.59 -31.98
CA ARG D 347 -7.42 -30.49 -32.88
C ARG D 347 -5.94 -30.45 -33.23
N THR D 348 -5.64 -29.98 -34.45
CA THR D 348 -4.27 -30.05 -34.94
C THR D 348 -3.32 -29.18 -34.11
N THR D 349 -3.82 -28.08 -33.54
CA THR D 349 -2.96 -27.19 -32.77
C THR D 349 -2.21 -27.94 -31.68
N ASN D 350 -2.91 -28.84 -30.98
CA ASN D 350 -2.30 -29.55 -29.86
C ASN D 350 -1.27 -30.57 -30.31
N PHE D 351 -1.32 -31.00 -31.57
CA PHE D 351 -0.52 -32.16 -31.98
C PHE D 351 0.96 -31.93 -31.75
N ALA D 352 1.45 -30.72 -31.99
CA ALA D 352 2.81 -30.38 -31.61
C ALA D 352 3.08 -30.92 -30.21
N GLY D 353 2.42 -30.33 -29.21
CA GLY D 353 2.60 -30.79 -27.83
C GLY D 353 2.41 -32.29 -27.68
N ILE D 354 1.47 -32.87 -28.43
CA ILE D 354 1.17 -34.28 -28.24
C ILE D 354 2.36 -35.16 -28.61
N LEU D 355 3.15 -34.74 -29.59
CA LEU D 355 4.37 -35.49 -29.90
C LEU D 355 5.50 -35.11 -28.95
N SER D 356 5.45 -33.90 -28.38
CA SER D 356 6.49 -33.45 -27.48
C SER D 356 6.48 -34.22 -26.16
N GLN D 357 5.28 -34.51 -25.63
CA GLN D 357 5.16 -35.08 -24.30
C GLN D 357 4.13 -36.21 -24.26
N GLY D 358 3.93 -36.90 -25.37
CA GLY D 358 2.97 -38.00 -25.40
C GLY D 358 1.57 -37.56 -24.96
N LEU D 359 0.72 -38.57 -24.77
CA LEU D 359 -0.64 -38.34 -24.31
C LEU D 359 -0.67 -38.20 -22.79
N ARG D 360 -1.42 -37.21 -22.32
CA ARG D 360 -1.42 -36.81 -20.92
C ARG D 360 -2.83 -36.86 -20.35
N ILE D 361 -2.93 -37.09 -19.04
CA ILE D 361 -4.21 -37.11 -18.35
C ILE D 361 -4.44 -35.75 -17.71
N ALA D 362 -5.71 -35.43 -17.45
CA ALA D 362 -6.07 -34.16 -16.87
C ALA D 362 -5.66 -34.11 -15.39
N PRO D 363 -5.56 -32.91 -14.82
CA PRO D 363 -5.19 -32.80 -13.41
C PRO D 363 -6.38 -33.07 -12.50
N PRO D 364 -6.14 -33.21 -11.20
CA PRO D 364 -7.27 -33.47 -10.29
C PRO D 364 -8.13 -32.24 -9.99
N GLU D 365 -7.57 -31.03 -10.09
CA GLU D 365 -8.31 -29.81 -9.78
C GLU D 365 -9.08 -29.27 -10.97
N ALA D 366 -8.93 -29.84 -12.16
CA ALA D 366 -9.70 -29.39 -13.29
C ALA D 366 -11.13 -29.94 -13.21
N PRO D 367 -12.09 -29.21 -13.76
CA PRO D 367 -13.47 -29.71 -13.79
C PRO D 367 -13.68 -30.67 -14.96
N VAL D 368 -14.86 -31.29 -14.96
CA VAL D 368 -15.22 -32.22 -16.03
C VAL D 368 -15.80 -31.42 -17.19
N THR D 369 -15.47 -31.84 -18.42
CA THR D 369 -15.86 -31.11 -19.61
C THR D 369 -16.82 -31.90 -20.50
N GLY D 370 -17.27 -33.08 -20.06
CA GLY D 370 -18.22 -33.84 -20.84
C GLY D 370 -17.95 -35.33 -20.85
N TYR D 371 -16.68 -35.72 -20.69
CA TYR D 371 -16.34 -37.13 -20.66
C TYR D 371 -17.14 -37.84 -19.57
N MET D 372 -17.52 -39.08 -19.86
CA MET D 372 -18.47 -39.82 -19.04
C MET D 372 -17.81 -40.81 -18.09
N PHE D 373 -16.48 -40.88 -18.07
CA PHE D 373 -15.78 -41.93 -17.33
C PHE D 373 -14.52 -41.39 -16.67
N GLY D 374 -14.59 -40.20 -16.10
CA GLY D 374 -13.46 -39.67 -15.37
C GLY D 374 -12.30 -39.26 -16.27
N LYS D 375 -11.20 -38.93 -15.62
CA LYS D 375 -10.04 -38.35 -16.29
C LYS D 375 -9.06 -39.45 -16.69
N GLY D 376 -8.83 -39.58 -17.99
CA GLY D 376 -7.91 -40.58 -18.49
C GLY D 376 -7.76 -40.47 -20.00
N ILE D 377 -6.90 -41.32 -20.54
CA ILE D 377 -6.68 -41.37 -21.98
C ILE D 377 -7.87 -42.06 -22.64
N TYR D 378 -8.46 -41.41 -23.63
CA TYR D 378 -9.63 -41.91 -24.34
C TYR D 378 -9.27 -42.34 -25.75
N PHE D 379 -9.92 -43.41 -26.21
CA PHE D 379 -9.75 -43.92 -27.57
C PHE D 379 -11.10 -44.37 -28.10
N ALA D 380 -11.17 -44.52 -29.41
CA ALA D 380 -12.34 -45.07 -30.07
C ALA D 380 -11.90 -46.16 -31.03
N ASP D 381 -12.79 -47.11 -31.29
CA ASP D 381 -12.53 -48.18 -32.23
C ASP D 381 -13.07 -47.87 -33.63
N MET D 382 -13.70 -46.72 -33.81
CA MET D 382 -14.25 -46.33 -35.11
C MET D 382 -13.79 -44.93 -35.44
N VAL D 383 -13.20 -44.76 -36.62
CA VAL D 383 -12.60 -43.48 -36.99
C VAL D 383 -13.63 -42.36 -36.98
N SER D 384 -14.89 -42.69 -37.27
CA SER D 384 -15.95 -41.68 -37.18
C SER D 384 -15.90 -40.93 -35.85
N LYS D 385 -15.95 -41.67 -34.74
CA LYS D 385 -16.02 -41.05 -33.43
C LYS D 385 -14.79 -40.19 -33.16
N SER D 386 -13.59 -40.80 -33.20
CA SER D 386 -12.39 -40.06 -32.84
C SER D 386 -12.15 -38.90 -33.78
N ALA D 387 -12.59 -39.01 -35.04
CA ALA D 387 -12.40 -37.92 -35.99
C ALA D 387 -13.36 -36.77 -35.72
N ASN D 388 -14.55 -37.05 -35.22
CA ASN D 388 -15.44 -35.97 -34.81
C ASN D 388 -14.81 -35.08 -33.75
N TYR D 389 -13.73 -35.52 -33.10
CA TYR D 389 -13.04 -34.71 -32.11
C TYR D 389 -11.91 -33.87 -32.70
N CYS D 390 -11.72 -33.92 -34.02
CA CYS D 390 -10.80 -33.00 -34.67
C CYS D 390 -11.43 -31.62 -34.88
N HIS D 391 -12.75 -31.53 -34.82
CA HIS D 391 -13.47 -30.27 -35.03
C HIS D 391 -13.01 -29.58 -36.30
N THR D 392 -12.72 -30.37 -37.33
CA THR D 392 -12.35 -29.80 -38.62
C THR D 392 -13.53 -29.05 -39.24
N SER D 393 -13.21 -28.08 -40.09
CA SER D 393 -14.19 -27.21 -40.70
C SER D 393 -14.17 -27.37 -42.21
N GLN D 394 -15.27 -26.94 -42.84
CA GLN D 394 -15.29 -26.94 -44.30
C GLN D 394 -14.18 -26.08 -44.89
N GLY D 395 -13.66 -25.11 -44.13
CA GLY D 395 -12.53 -24.33 -44.58
C GLY D 395 -11.19 -25.01 -44.44
N ASP D 396 -11.08 -25.97 -43.52
CA ASP D 396 -9.88 -26.78 -43.34
C ASP D 396 -10.27 -28.25 -43.33
N PRO D 397 -10.60 -28.80 -44.50
CA PRO D 397 -10.98 -30.22 -44.54
C PRO D 397 -9.92 -31.18 -44.04
N ILE D 398 -8.71 -30.69 -43.74
CA ILE D 398 -7.66 -31.57 -43.23
C ILE D 398 -7.78 -31.67 -41.71
N GLY D 399 -7.40 -32.84 -41.20
CA GLY D 399 -7.30 -33.05 -39.77
C GLY D 399 -6.28 -34.13 -39.51
N LEU D 400 -5.83 -34.22 -38.27
CA LEU D 400 -4.88 -35.23 -37.87
C LEU D 400 -5.52 -36.17 -36.84
N ILE D 401 -4.98 -37.38 -36.77
CA ILE D 401 -5.58 -38.43 -35.97
C ILE D 401 -4.52 -39.48 -35.70
N LEU D 402 -4.44 -39.93 -34.45
CA LEU D 402 -3.39 -40.82 -33.99
C LEU D 402 -3.91 -42.25 -33.89
N LEU D 403 -3.00 -43.19 -34.11
CA LEU D 403 -3.21 -44.60 -33.86
C LEU D 403 -2.29 -45.03 -32.72
N GLY D 404 -2.87 -45.65 -31.70
CA GLY D 404 -2.10 -46.04 -30.54
C GLY D 404 -2.28 -47.50 -30.19
N GLU D 405 -1.17 -48.22 -30.01
CA GLU D 405 -1.22 -49.52 -29.36
C GLU D 405 -1.43 -49.27 -27.87
N VAL D 406 -2.63 -49.57 -27.38
CA VAL D 406 -3.00 -49.35 -25.99
C VAL D 406 -3.18 -50.73 -25.35
N ALA D 407 -2.53 -50.91 -24.19
CA ALA D 407 -2.59 -52.18 -23.45
C ALA D 407 -3.80 -52.12 -22.54
N LEU D 408 -4.90 -52.72 -22.97
CA LEU D 408 -6.14 -52.63 -22.22
C LEU D 408 -6.21 -53.66 -21.11
N GLY D 409 -5.68 -54.86 -21.33
CA GLY D 409 -5.74 -55.91 -20.34
C GLY D 409 -7.18 -56.32 -20.03
N ASN D 410 -7.61 -56.07 -18.80
CA ASN D 410 -8.95 -56.44 -18.35
C ASN D 410 -9.88 -55.25 -18.51
N MET D 411 -10.99 -55.47 -19.22
CA MET D 411 -11.95 -54.41 -19.52
C MET D 411 -12.98 -54.34 -18.41
N TYR D 412 -13.12 -53.17 -17.80
CA TYR D 412 -14.26 -52.87 -16.92
C TYR D 412 -15.33 -52.25 -17.81
N GLU D 413 -16.36 -53.03 -18.13
CA GLU D 413 -17.33 -52.68 -19.16
C GLU D 413 -18.55 -52.02 -18.54
N LEU D 414 -18.90 -50.83 -19.04
CA LEU D 414 -20.00 -50.06 -18.51
C LEU D 414 -20.89 -49.57 -19.65
N LYS D 415 -22.17 -49.38 -19.35
CA LYS D 415 -23.14 -48.90 -20.33
C LYS D 415 -23.49 -47.43 -20.18
N HIS D 416 -23.26 -46.85 -19.00
CA HIS D 416 -23.67 -45.48 -18.72
C HIS D 416 -22.51 -44.72 -18.07
N ALA D 417 -22.68 -43.40 -17.98
CA ALA D 417 -21.65 -42.54 -17.42
C ALA D 417 -21.35 -42.95 -15.99
N SER D 418 -20.11 -42.70 -15.57
CA SER D 418 -19.68 -43.01 -14.21
C SER D 418 -18.32 -42.39 -13.94
N HIS D 419 -18.29 -41.29 -13.19
CA HIS D 419 -17.03 -40.65 -12.85
C HIS D 419 -16.29 -41.47 -11.80
N ILE D 420 -15.49 -42.43 -12.26
CA ILE D 420 -14.82 -43.39 -11.40
C ILE D 420 -13.47 -42.85 -10.97
N SER D 421 -12.87 -43.47 -9.95
CA SER D 421 -11.56 -43.07 -9.46
C SER D 421 -10.64 -44.29 -9.41
N LYS D 422 -11.08 -45.35 -8.73
CA LYS D 422 -10.35 -46.59 -8.63
C LYS D 422 -10.88 -47.60 -9.63
N LEU D 423 -9.99 -48.24 -10.38
CA LEU D 423 -10.39 -49.41 -11.14
C LEU D 423 -10.67 -50.55 -10.16
N PRO D 424 -11.65 -51.41 -10.45
CA PRO D 424 -11.88 -52.56 -9.57
C PRO D 424 -10.63 -53.44 -9.48
N LYS D 425 -10.55 -54.20 -8.39
CA LYS D 425 -9.40 -55.05 -8.16
C LYS D 425 -9.29 -56.09 -9.27
N GLY D 426 -8.33 -55.89 -10.16
CA GLY D 426 -8.08 -56.81 -11.26
C GLY D 426 -8.26 -56.20 -12.65
N LYS D 427 -8.61 -54.93 -12.76
CA LYS D 427 -8.87 -54.30 -14.05
C LYS D 427 -7.77 -53.31 -14.40
N HIS D 428 -7.50 -53.20 -15.70
CA HIS D 428 -6.48 -52.29 -16.20
C HIS D 428 -7.04 -51.16 -17.07
N SER D 429 -8.32 -51.22 -17.44
CA SER D 429 -8.88 -50.25 -18.37
C SER D 429 -10.40 -50.34 -18.30
N VAL D 430 -11.06 -49.36 -18.91
CA VAL D 430 -12.51 -49.25 -18.90
C VAL D 430 -13.00 -49.17 -20.34
N LYS D 431 -14.21 -49.68 -20.57
CA LYS D 431 -14.81 -49.66 -21.90
C LYS D 431 -16.28 -49.29 -21.80
N GLY D 432 -16.67 -48.20 -22.45
CA GLY D 432 -18.06 -47.86 -22.61
C GLY D 432 -18.61 -48.50 -23.87
N LEU D 433 -19.73 -49.19 -23.72
CA LEU D 433 -20.30 -50.01 -24.78
C LEU D 433 -21.38 -49.23 -25.52
N GLY D 434 -21.14 -48.97 -26.81
CA GLY D 434 -22.13 -48.35 -27.66
C GLY D 434 -23.01 -49.38 -28.35
N LYS D 435 -23.94 -48.88 -29.16
CA LYS D 435 -24.87 -49.74 -29.89
C LYS D 435 -24.32 -50.20 -31.22
N THR D 436 -23.14 -49.72 -31.63
CA THR D 436 -22.56 -50.08 -32.91
C THR D 436 -21.08 -50.35 -32.72
N THR D 437 -20.59 -51.40 -33.39
CA THR D 437 -19.21 -51.84 -33.18
C THR D 437 -18.67 -52.44 -34.47
N PRO D 438 -17.35 -52.40 -34.67
CA PRO D 438 -16.77 -53.16 -35.78
C PRO D 438 -17.10 -54.63 -35.65
N ASP D 439 -17.13 -55.31 -36.80
CA ASP D 439 -17.40 -56.74 -36.81
C ASP D 439 -16.24 -57.47 -36.15
N PRO D 440 -16.41 -58.07 -34.98
CA PRO D 440 -15.27 -58.75 -34.33
C PRO D 440 -14.69 -59.88 -35.15
N SER D 441 -15.51 -60.58 -35.94
CA SER D 441 -15.01 -61.68 -36.76
C SER D 441 -13.93 -61.23 -37.74
N ALA D 442 -13.84 -59.94 -38.03
CA ALA D 442 -12.88 -59.42 -38.99
C ALA D 442 -11.58 -58.95 -38.34
N ASN D 443 -11.38 -59.24 -37.05
CA ASN D 443 -10.19 -58.77 -36.34
C ASN D 443 -8.92 -59.15 -37.09
N ILE D 444 -7.83 -58.43 -36.80
CA ILE D 444 -6.55 -58.63 -37.45
C ILE D 444 -5.44 -58.47 -36.42
N SER D 445 -4.36 -59.22 -36.59
CA SER D 445 -3.23 -59.21 -35.68
C SER D 445 -2.03 -58.59 -36.41
N LEU D 446 -1.63 -57.40 -35.97
CA LEU D 446 -0.41 -56.75 -36.42
C LEU D 446 0.56 -56.70 -35.24
N ASP D 447 1.72 -57.33 -35.40
CA ASP D 447 2.71 -57.42 -34.33
C ASP D 447 2.04 -57.88 -33.02
N GLY D 448 1.17 -58.88 -33.13
CA GLY D 448 0.46 -59.38 -31.97
C GLY D 448 -0.47 -58.37 -31.34
N VAL D 449 -1.13 -57.55 -32.16
CA VAL D 449 -2.02 -56.50 -31.69
C VAL D 449 -3.34 -56.63 -32.46
N ASP D 450 -4.42 -56.94 -31.74
CA ASP D 450 -5.73 -57.01 -32.36
C ASP D 450 -6.09 -55.68 -33.00
N VAL D 451 -6.76 -55.74 -34.15
CA VAL D 451 -7.19 -54.55 -34.88
C VAL D 451 -8.65 -54.74 -35.26
N PRO D 452 -9.59 -53.91 -34.77
CA PRO D 452 -11.02 -54.13 -35.04
C PRO D 452 -11.49 -53.42 -36.31
N LEU D 453 -10.95 -53.83 -37.45
CA LEU D 453 -11.24 -53.18 -38.71
C LEU D 453 -12.51 -53.70 -39.38
N GLY D 454 -13.31 -54.49 -38.67
CA GLY D 454 -14.55 -54.98 -39.23
C GLY D 454 -15.49 -53.87 -39.63
N THR D 455 -16.63 -54.21 -40.23
CA THR D 455 -17.61 -53.23 -40.61
C THR D 455 -18.57 -52.96 -39.45
N GLY D 456 -19.19 -51.79 -39.48
CA GLY D 456 -20.10 -51.41 -38.43
C GLY D 456 -21.35 -52.27 -38.37
N ILE D 457 -21.49 -53.05 -37.30
CA ILE D 457 -22.68 -53.87 -37.08
C ILE D 457 -23.25 -53.51 -35.72
N SER D 458 -24.39 -54.13 -35.38
CA SER D 458 -25.06 -53.86 -34.12
C SER D 458 -24.49 -54.77 -33.03
N SER D 459 -24.18 -54.17 -31.88
CA SER D 459 -23.81 -54.93 -30.70
C SER D 459 -25.08 -55.28 -29.93
N GLY D 460 -25.11 -56.48 -29.36
CA GLY D 460 -26.31 -56.95 -28.69
C GLY D 460 -26.56 -56.35 -27.33
N VAL D 461 -26.00 -55.16 -27.08
CA VAL D 461 -26.12 -54.51 -25.78
C VAL D 461 -27.44 -53.78 -25.71
N ASN D 462 -28.28 -54.17 -24.76
CA ASN D 462 -29.55 -53.49 -24.53
C ASN D 462 -29.40 -52.44 -23.45
N ASP D 463 -30.16 -51.36 -23.58
CA ASP D 463 -30.19 -50.29 -22.58
C ASP D 463 -28.80 -49.71 -22.37
N THR D 464 -28.26 -49.13 -23.44
CA THR D 464 -26.98 -48.42 -23.42
C THR D 464 -27.17 -47.04 -24.02
N SER D 465 -26.36 -46.09 -23.54
CA SER D 465 -26.48 -44.70 -23.96
C SER D 465 -25.51 -44.32 -25.06
N LEU D 466 -24.33 -44.95 -25.14
CA LEU D 466 -23.35 -44.60 -26.14
C LEU D 466 -23.73 -45.17 -27.50
N LEU D 467 -23.33 -44.46 -28.55
CA LEU D 467 -23.57 -44.92 -29.92
C LEU D 467 -22.38 -45.73 -30.44
N TYR D 468 -21.16 -45.25 -30.18
CA TYR D 468 -19.94 -45.93 -30.59
C TYR D 468 -19.10 -46.21 -29.36
N ASN D 469 -18.37 -47.31 -29.38
CA ASN D 469 -17.59 -47.72 -28.22
C ASN D 469 -16.59 -46.64 -27.82
N GLU D 470 -16.19 -46.66 -26.55
CA GLU D 470 -15.11 -45.83 -26.04
C GLU D 470 -14.20 -46.68 -25.17
N TYR D 471 -12.89 -46.54 -25.37
CA TYR D 471 -11.92 -47.20 -24.52
C TYR D 471 -11.18 -46.17 -23.68
N ILE D 472 -10.80 -46.53 -22.47
CA ILE D 472 -10.20 -45.56 -21.55
C ILE D 472 -9.14 -46.26 -20.71
N VAL D 473 -7.98 -45.64 -20.60
CA VAL D 473 -6.96 -46.05 -19.65
C VAL D 473 -6.66 -44.88 -18.73
N TYR D 474 -5.96 -45.18 -17.63
CA TYR D 474 -5.72 -44.18 -16.59
C TYR D 474 -4.25 -44.13 -16.17
N ASP D 475 -3.37 -44.71 -16.98
CA ASP D 475 -1.92 -44.62 -16.78
C ASP D 475 -1.29 -44.27 -18.12
N ILE D 476 -0.66 -43.09 -18.18
CA ILE D 476 -0.14 -42.59 -19.45
C ILE D 476 0.76 -43.61 -20.13
N ALA D 477 1.35 -44.52 -19.36
CA ALA D 477 2.28 -45.48 -19.93
C ALA D 477 1.60 -46.67 -20.59
N GLN D 478 0.28 -46.78 -20.48
CA GLN D 478 -0.45 -47.86 -21.15
C GLN D 478 -0.70 -47.58 -22.63
N VAL D 479 -0.33 -46.40 -23.12
CA VAL D 479 -0.49 -46.04 -24.52
C VAL D 479 0.88 -45.95 -25.17
N ASN D 480 0.97 -46.43 -26.40
CA ASN D 480 2.19 -46.33 -27.21
C ASN D 480 1.78 -45.89 -28.60
N LEU D 481 2.02 -44.64 -28.95
CA LEU D 481 1.63 -44.13 -30.25
C LEU D 481 2.45 -44.83 -31.33
N LYS D 482 1.76 -45.36 -32.34
CA LYS D 482 2.41 -46.10 -33.42
C LYS D 482 2.33 -45.38 -34.75
N TYR D 483 1.15 -44.91 -35.14
CA TYR D 483 0.97 -44.26 -36.43
C TYR D 483 0.21 -42.95 -36.26
N LEU D 484 0.28 -42.11 -37.30
CA LEU D 484 -0.42 -40.84 -37.32
C LEU D 484 -0.84 -40.56 -38.76
N LEU D 485 -2.10 -40.17 -38.94
CA LEU D 485 -2.69 -40.03 -40.27
C LEU D 485 -3.04 -38.58 -40.56
N LYS D 486 -2.82 -38.17 -41.80
CA LYS D 486 -3.36 -36.93 -42.36
C LYS D 486 -4.57 -37.31 -43.21
N LEU D 487 -5.69 -36.62 -42.98
CA LEU D 487 -6.94 -36.97 -43.63
C LEU D 487 -7.65 -35.72 -44.11
N LYS D 488 -8.21 -35.80 -45.33
CA LYS D 488 -9.14 -34.79 -45.82
C LYS D 488 -10.56 -35.21 -45.48
N PHE D 489 -11.33 -34.24 -44.97
CA PHE D 489 -12.74 -34.42 -44.64
C PHE D 489 -13.54 -33.88 -45.83
N ASN D 490 -13.80 -34.74 -46.81
CA ASN D 490 -14.58 -34.34 -47.97
C ASN D 490 -16.02 -34.14 -47.53
N PHE D 491 -16.44 -32.89 -47.41
CA PHE D 491 -17.79 -32.58 -46.98
C PHE D 491 -18.76 -32.71 -48.14
N LYS D 492 -20.02 -33.03 -47.82
CA LYS D 492 -21.03 -33.29 -48.84
C LYS D 492 -21.78 -31.99 -49.15
N THR D 493 -21.02 -31.05 -49.73
CA THR D 493 -21.54 -29.75 -50.14
C THR D 493 -21.78 -29.76 -51.65
N SER D 494 -22.00 -28.58 -52.22
CA SER D 494 -22.37 -28.49 -53.63
C SER D 494 -21.30 -29.11 -54.53
N LEU D 495 -20.03 -28.98 -54.17
CA LEU D 495 -18.97 -29.58 -54.98
C LEU D 495 -19.07 -31.09 -54.98
N TRP D 496 -19.14 -31.69 -53.78
CA TRP D 496 -19.36 -33.13 -53.68
C TRP D 496 -20.65 -33.54 -54.37
N LEU D 497 -21.68 -32.70 -54.29
CA LEU D 497 -22.95 -33.03 -54.90
C LEU D 497 -22.86 -33.07 -56.42
N GLU D 498 -22.07 -32.17 -57.02
CA GLU D 498 -21.87 -32.25 -58.46
C GLU D 498 -21.01 -33.44 -58.84
N HIS D 499 -19.88 -33.63 -58.15
CA HIS D 499 -19.01 -34.76 -58.48
C HIS D 499 -19.70 -36.10 -58.25
N HIS D 500 -20.74 -36.14 -57.44
CA HIS D 500 -21.45 -37.36 -57.11
C HIS D 500 -22.72 -37.55 -57.93
N HIS D 501 -23.18 -36.51 -58.62
CA HIS D 501 -24.37 -36.56 -59.47
C HIS D 501 -23.99 -36.03 -60.85
N HIS D 502 -23.46 -36.92 -61.69
CA HIS D 502 -23.01 -36.52 -63.02
C HIS D 502 -22.93 -37.73 -63.95
N ALA E 15 15.85 -8.28 17.72
CA ALA E 15 15.54 -7.05 18.44
C ALA E 15 15.11 -7.37 19.87
N ALA E 16 14.91 -6.33 20.68
CA ALA E 16 14.68 -6.48 22.11
C ALA E 16 13.20 -6.36 22.42
N VAL E 17 12.74 -7.16 23.38
CA VAL E 17 11.38 -7.05 23.91
C VAL E 17 11.35 -5.88 24.88
N ASP E 18 10.45 -4.94 24.64
CA ASP E 18 10.33 -3.79 25.52
C ASP E 18 9.97 -4.28 26.93
N PRO E 19 10.75 -3.94 27.96
CA PRO E 19 10.50 -4.53 29.28
C PRO E 19 9.21 -4.07 29.92
N ASP E 20 8.66 -2.93 29.50
CA ASP E 20 7.38 -2.46 30.04
C ASP E 20 6.24 -3.44 29.80
N SER E 21 6.47 -4.51 29.02
CA SER E 21 5.48 -5.56 28.84
C SER E 21 5.69 -6.72 29.79
N GLY E 22 6.86 -6.83 30.42
CA GLY E 22 7.13 -7.93 31.33
C GLY E 22 7.08 -9.28 30.65
N LEU E 23 7.77 -9.41 29.52
CA LEU E 23 7.79 -10.67 28.78
C LEU E 23 9.10 -10.91 28.07
N GLU E 24 10.17 -10.17 28.39
CA GLU E 24 11.43 -10.34 27.68
C GLU E 24 11.99 -11.75 27.85
N HIS E 25 11.69 -12.40 28.97
CA HIS E 25 12.13 -13.78 29.20
C HIS E 25 11.05 -14.79 28.82
N SER E 26 9.78 -14.44 28.99
CA SER E 26 8.69 -15.34 28.66
C SER E 26 8.45 -15.43 27.16
N ALA E 27 8.94 -14.47 26.38
CA ALA E 27 8.59 -14.39 24.96
C ALA E 27 9.73 -13.73 24.20
N HIS E 28 9.48 -13.44 22.92
CA HIS E 28 10.48 -12.84 22.04
C HIS E 28 9.75 -12.13 20.92
N VAL E 29 10.41 -11.11 20.35
CA VAL E 29 9.81 -10.38 19.23
C VAL E 29 9.74 -11.30 18.01
N LEU E 30 8.70 -11.10 17.21
CA LEU E 30 8.38 -12.02 16.12
C LEU E 30 9.01 -11.58 14.80
N GLU E 31 9.40 -12.56 13.99
CA GLU E 31 10.01 -12.33 12.69
C GLU E 31 9.23 -13.11 11.64
N LYS E 32 9.23 -12.57 10.41
CA LYS E 32 8.55 -13.22 9.30
C LYS E 32 8.92 -12.52 8.01
N GLY E 33 9.07 -13.30 6.95
CA GLY E 33 9.41 -12.72 5.65
C GLY E 33 10.62 -11.82 5.70
N GLY E 34 11.61 -12.18 6.51
CA GLY E 34 12.78 -11.34 6.70
C GLY E 34 12.41 -9.94 7.13
N LYS E 35 11.51 -9.84 8.09
CA LYS E 35 11.05 -8.55 8.60
C LYS E 35 10.68 -8.72 10.06
N VAL E 36 11.10 -7.77 10.90
CA VAL E 36 10.88 -7.83 12.33
C VAL E 36 9.67 -6.99 12.68
N PHE E 37 8.98 -7.38 13.76
CA PHE E 37 7.77 -6.69 14.18
C PHE E 37 8.02 -5.85 15.43
N SER E 38 8.96 -4.92 15.34
CA SER E 38 9.16 -3.90 16.37
C SER E 38 9.40 -2.57 15.66
N ALA E 39 8.60 -1.57 16.01
CA ALA E 39 8.68 -0.25 15.41
C ALA E 39 8.82 0.81 16.49
N THR E 40 9.66 1.80 16.21
CA THR E 40 9.91 2.92 17.13
C THR E 40 9.77 4.20 16.31
N LEU E 41 8.71 4.95 16.56
CA LEU E 41 8.38 6.14 15.78
C LEU E 41 8.53 7.39 16.63
N GLY E 42 9.02 8.46 16.01
CA GLY E 42 9.13 9.74 16.65
C GLY E 42 8.25 10.76 15.95
N LEU E 43 7.85 11.79 16.70
CA LEU E 43 7.07 12.88 16.14
C LEU E 43 7.45 14.17 16.86
N VAL E 44 7.84 15.19 16.10
CA VAL E 44 8.35 16.42 16.68
C VAL E 44 7.69 17.63 16.02
N ASP E 45 7.38 18.64 16.84
CA ASP E 45 7.00 19.96 16.37
C ASP E 45 7.63 20.97 17.32
N ILE E 46 8.65 21.67 16.85
CA ILE E 46 9.37 22.63 17.68
C ILE E 46 8.47 23.78 18.09
N VAL E 47 7.48 24.11 17.26
CA VAL E 47 6.56 25.20 17.56
C VAL E 47 5.78 24.85 18.82
N LYS E 48 4.86 23.89 18.70
CA LYS E 48 4.11 23.45 19.87
C LYS E 48 5.01 22.79 20.91
N GLY E 49 6.23 22.40 20.53
CA GLY E 49 7.15 21.77 21.44
C GLY E 49 7.03 20.27 21.54
N THR E 50 6.09 19.65 20.82
CA THR E 50 5.86 18.23 20.99
C THR E 50 7.10 17.43 20.58
N ASN E 51 7.42 16.41 21.38
CA ASN E 51 8.57 15.54 21.17
C ASN E 51 8.17 14.16 21.69
N SER E 52 7.46 13.41 20.84
CA SER E 52 6.75 12.22 21.25
C SER E 52 7.35 10.96 20.63
N TYR E 53 7.19 9.84 21.34
CA TYR E 53 7.64 8.54 20.90
C TYR E 53 6.47 7.55 20.98
N TYR E 54 6.45 6.62 20.02
CA TYR E 54 5.46 5.55 19.95
C TYR E 54 6.19 4.24 19.64
N LYS E 55 6.03 3.25 20.51
CA LYS E 55 6.70 1.96 20.36
C LYS E 55 5.64 0.88 20.19
N LEU E 56 5.81 0.04 19.15
CA LEU E 56 4.85 -1.00 18.82
C LEU E 56 5.58 -2.31 18.61
N GLN E 57 5.10 -3.37 19.27
CA GLN E 57 5.75 -4.68 19.16
C GLN E 57 4.71 -5.78 19.08
N LEU E 58 5.09 -6.87 18.40
CA LEU E 58 4.29 -8.10 18.35
C LEU E 58 5.14 -9.21 18.95
N LEU E 59 4.68 -9.78 20.07
CA LEU E 59 5.46 -10.72 20.86
C LEU E 59 4.90 -12.13 20.69
N GLU E 60 5.81 -13.11 20.69
CA GLU E 60 5.47 -14.52 20.57
C GLU E 60 6.13 -15.28 21.70
N ASP E 61 5.36 -16.09 22.41
CA ASP E 61 5.91 -16.89 23.50
C ASP E 61 6.93 -17.88 22.95
N ASP E 62 8.04 -18.02 23.67
CA ASP E 62 9.13 -18.89 23.23
C ASP E 62 8.69 -20.34 23.04
N LYS E 63 7.53 -20.72 23.56
CA LYS E 63 7.05 -22.09 23.47
C LYS E 63 5.88 -22.21 22.51
N GLU E 64 4.71 -21.69 22.88
CA GLU E 64 3.45 -22.03 22.27
C GLU E 64 3.04 -20.95 21.27
N ASN E 65 1.85 -21.12 20.69
CA ASN E 65 1.30 -20.16 19.73
C ASN E 65 0.52 -19.05 20.46
N ARG E 66 1.17 -18.45 21.44
CA ARG E 66 0.61 -17.36 22.22
C ARG E 66 1.22 -16.05 21.73
N TYR E 67 0.38 -15.07 21.40
CA TYR E 67 0.82 -13.85 20.75
C TYR E 67 0.24 -12.63 21.44
N TRP E 68 1.03 -11.56 21.45
CA TRP E 68 0.63 -10.31 22.10
C TRP E 68 0.95 -9.13 21.19
N ILE E 69 0.19 -8.05 21.37
CA ILE E 69 0.50 -6.75 20.80
C ILE E 69 0.78 -5.80 21.95
N PHE E 70 1.93 -5.14 21.90
CA PHE E 70 2.36 -4.23 22.95
C PHE E 70 2.52 -2.83 22.38
N ARG E 71 1.78 -1.88 22.93
CA ARG E 71 1.90 -0.47 22.60
C ARG E 71 2.49 0.28 23.78
N SER E 72 3.32 1.27 23.49
CA SER E 72 3.73 2.23 24.50
C SER E 72 3.87 3.58 23.82
N TRP E 73 3.65 4.65 24.57
CA TRP E 73 3.71 5.98 23.99
C TRP E 73 4.03 7.00 25.06
N GLY E 74 4.55 8.13 24.64
CA GLY E 74 4.78 9.21 25.59
C GLY E 74 5.73 10.26 25.04
N ARG E 75 6.40 10.94 25.97
CA ARG E 75 7.35 12.00 25.65
C ARG E 75 8.76 11.53 25.94
N VAL E 76 9.67 11.81 25.00
CA VAL E 76 11.03 11.28 25.08
C VAL E 76 11.70 11.73 26.36
N GLY E 77 12.50 10.84 26.96
CA GLY E 77 13.29 11.20 28.12
C GLY E 77 12.47 11.67 29.30
N THR E 78 11.22 11.22 29.42
CA THR E 78 10.37 11.57 30.54
C THR E 78 9.48 10.38 30.87
N VAL E 79 8.70 10.53 31.94
CA VAL E 79 7.75 9.50 32.35
C VAL E 79 6.36 9.74 31.79
N ILE E 80 6.12 10.91 31.19
CA ILE E 80 4.83 11.16 30.57
C ILE E 80 4.57 10.10 29.51
N GLY E 81 3.43 9.45 29.60
CA GLY E 81 3.05 8.44 28.66
C GLY E 81 2.31 7.31 29.35
N SER E 82 2.19 6.20 28.62
CA SER E 82 1.47 5.04 29.09
C SER E 82 1.80 3.88 28.16
N ASN E 83 1.16 2.73 28.40
CA ASN E 83 1.33 1.57 27.56
C ASN E 83 0.09 0.69 27.65
N LYS E 84 0.07 -0.35 26.83
CA LYS E 84 -1.03 -1.29 26.79
C LYS E 84 -0.52 -2.61 26.23
N LEU E 85 -0.94 -3.72 26.83
CA LEU E 85 -0.62 -5.06 26.35
C LEU E 85 -1.91 -5.80 26.10
N GLU E 86 -2.09 -6.28 24.88
CA GLU E 86 -3.24 -7.09 24.52
C GLU E 86 -2.76 -8.48 24.12
N GLN E 87 -3.49 -9.50 24.53
CA GLN E 87 -3.25 -10.85 24.04
C GLN E 87 -4.14 -11.07 22.82
N MET E 88 -3.55 -11.53 21.74
CA MET E 88 -4.33 -11.73 20.54
C MET E 88 -4.68 -13.21 20.38
N PRO E 89 -5.88 -13.52 19.88
CA PRO E 89 -6.30 -14.93 19.82
C PRO E 89 -5.47 -15.77 18.86
N SER E 90 -4.76 -15.15 17.92
CA SER E 90 -3.99 -15.89 16.93
C SER E 90 -2.84 -15.03 16.45
N LYS E 91 -1.99 -15.63 15.62
CA LYS E 91 -0.88 -14.88 15.03
C LYS E 91 -1.37 -13.96 13.92
N GLU E 92 -2.32 -14.43 13.11
CA GLU E 92 -2.83 -13.62 12.00
C GLU E 92 -3.55 -12.39 12.51
N ASP E 93 -4.40 -12.55 13.54
CA ASP E 93 -5.07 -11.41 14.14
C ASP E 93 -4.06 -10.44 14.72
N ALA E 94 -2.99 -10.97 15.32
CA ALA E 94 -1.94 -10.11 15.85
C ALA E 94 -1.28 -9.30 14.75
N ILE E 95 -0.98 -9.93 13.62
CA ILE E 95 -0.29 -9.23 12.54
C ILE E 95 -1.21 -8.17 11.92
N GLU E 96 -2.49 -8.49 11.77
CA GLU E 96 -3.43 -7.48 11.28
C GLU E 96 -3.50 -6.29 12.23
N HIS E 97 -3.65 -6.56 13.53
CA HIS E 97 -3.67 -5.50 14.52
C HIS E 97 -2.42 -4.63 14.42
N PHE E 98 -1.25 -5.28 14.32
CA PHE E 98 0.01 -4.57 14.25
C PHE E 98 0.06 -3.65 13.04
N MET E 99 -0.22 -4.20 11.85
CA MET E 99 -0.10 -3.42 10.63
C MET E 99 -1.10 -2.28 10.60
N LYS E 100 -2.32 -2.51 11.11
CA LYS E 100 -3.31 -1.44 11.09
C LYS E 100 -2.95 -0.34 12.08
N LEU E 101 -2.39 -0.69 13.24
CA LEU E 101 -1.90 0.34 14.16
C LEU E 101 -0.77 1.14 13.54
N TYR E 102 0.17 0.45 12.89
CA TYR E 102 1.27 1.14 12.21
C TYR E 102 0.73 2.14 11.19
N GLU E 103 -0.16 1.68 10.30
CA GLU E 103 -0.69 2.56 9.27
C GLU E 103 -1.49 3.71 9.86
N GLU E 104 -2.19 3.48 10.97
CA GLU E 104 -2.88 4.57 11.63
C GLU E 104 -1.90 5.63 12.11
N LYS E 105 -0.80 5.20 12.73
CA LYS E 105 0.09 6.14 13.40
C LYS E 105 1.13 6.76 12.47
N THR E 106 1.32 6.25 11.26
CA THR E 106 2.32 6.80 10.36
C THR E 106 1.82 7.19 8.98
N GLY E 107 0.61 6.77 8.59
CA GLY E 107 0.08 7.12 7.29
C GLY E 107 0.65 6.31 6.15
N ASN E 108 1.59 5.41 6.41
CA ASN E 108 2.18 4.55 5.40
C ASN E 108 1.86 3.09 5.72
N ALA E 109 2.18 2.22 4.77
CA ALA E 109 2.02 0.79 4.97
C ALA E 109 3.25 0.18 5.64
N TRP E 110 3.14 -1.09 6.02
CA TRP E 110 4.20 -1.72 6.80
C TRP E 110 5.44 -1.96 5.95
N HIS E 111 5.27 -2.26 4.67
CA HIS E 111 6.37 -2.41 3.74
C HIS E 111 6.27 -1.35 2.64
N SER E 112 7.40 -0.75 2.30
CA SER E 112 7.44 0.23 1.23
C SER E 112 8.85 0.69 0.94
N LYS E 113 9.27 0.63 -0.33
CA LYS E 113 10.56 1.20 -0.70
C LYS E 113 10.57 2.70 -0.50
N ASN E 114 9.49 3.38 -0.87
CA ASN E 114 9.39 4.83 -0.81
C ASN E 114 8.43 5.20 0.31
N PHE E 115 8.98 5.47 1.49
CA PHE E 115 8.22 6.04 2.58
C PHE E 115 8.08 7.55 2.37
N THR E 116 6.91 8.08 2.71
CA THR E 116 6.63 9.50 2.51
C THR E 116 6.04 10.07 3.80
N LYS E 117 6.71 11.07 4.36
CA LYS E 117 6.22 11.72 5.56
C LYS E 117 4.86 12.35 5.29
N TYR E 118 3.94 12.18 6.23
CA TYR E 118 2.64 12.83 6.16
C TYR E 118 2.45 13.74 7.37
N PRO E 119 1.76 14.87 7.21
CA PRO E 119 1.65 15.82 8.31
C PRO E 119 0.88 15.23 9.47
N LYS E 120 1.29 15.60 10.69
CA LYS E 120 0.68 15.15 11.93
C LYS E 120 0.88 13.67 12.19
N LYS E 121 1.67 12.99 11.36
CA LYS E 121 1.91 11.56 11.48
C LYS E 121 3.32 11.30 11.98
N PHE E 122 3.50 10.15 12.63
CA PHE E 122 4.81 9.79 13.15
C PHE E 122 5.73 9.37 12.02
N TYR E 123 7.03 9.32 12.33
CA TYR E 123 8.07 8.93 11.40
C TYR E 123 8.83 7.72 11.94
N PRO E 124 9.10 6.72 11.12
CA PRO E 124 9.77 5.51 11.62
C PRO E 124 11.27 5.73 11.80
N LEU E 125 11.81 5.11 12.85
CA LEU E 125 13.21 5.23 13.21
C LEU E 125 13.90 3.88 13.03
N GLU E 126 15.08 3.90 12.40
CA GLU E 126 15.80 2.68 12.02
C GLU E 126 16.78 2.34 13.14
N ILE E 127 16.31 1.57 14.11
CA ILE E 127 17.15 1.14 15.22
C ILE E 127 18.01 -0.05 14.78
N ASP E 128 19.25 -0.08 15.24
CA ASP E 128 20.19 -1.14 14.89
C ASP E 128 20.37 -2.04 16.10
N TYR E 129 19.97 -3.30 15.96
CA TYR E 129 20.16 -4.32 16.98
C TYR E 129 21.24 -5.30 16.53
N GLY E 130 22.01 -5.80 17.49
CA GLY E 130 23.03 -6.80 17.22
C GLY E 130 23.89 -6.50 16.01
N LYS E 146 49.08 -19.75 15.99
CA LYS E 146 50.50 -19.93 15.73
C LYS E 146 51.06 -18.73 14.99
N SER E 147 50.61 -17.56 15.42
CA SER E 147 51.16 -16.29 14.94
C SER E 147 52.66 -16.22 15.21
N LYS E 148 53.36 -15.47 14.34
CA LYS E 148 54.80 -15.35 14.41
C LYS E 148 55.23 -13.92 14.10
N LEU E 149 54.55 -12.95 14.71
CA LEU E 149 54.93 -11.54 14.65
C LEU E 149 55.57 -11.12 15.97
N PRO E 150 56.41 -10.07 15.95
CA PRO E 150 56.97 -9.57 17.21
C PRO E 150 55.88 -9.14 18.18
N LYS E 151 56.23 -9.15 19.47
CA LYS E 151 55.26 -8.91 20.52
C LYS E 151 54.79 -7.46 20.57
N PRO E 152 55.66 -6.47 20.36
CA PRO E 152 55.17 -5.09 20.28
C PRO E 152 54.10 -4.91 19.22
N VAL E 153 54.32 -5.48 18.03
CA VAL E 153 53.35 -5.38 16.95
C VAL E 153 52.07 -6.14 17.29
N GLN E 154 52.19 -7.29 17.97
CA GLN E 154 50.99 -8.03 18.36
C GLN E 154 50.17 -7.22 19.36
N ASP E 155 50.83 -6.58 20.33
CA ASP E 155 50.12 -5.71 21.27
C ASP E 155 49.45 -4.55 20.54
N LEU E 156 50.16 -3.97 19.56
CA LEU E 156 49.58 -2.88 18.78
C LEU E 156 48.32 -3.33 18.04
N ILE E 157 48.37 -4.51 17.43
CA ILE E 157 47.20 -5.02 16.71
C ILE E 157 46.05 -5.28 17.68
N LYS E 158 46.35 -5.96 18.79
CA LYS E 158 45.35 -6.12 19.84
C LYS E 158 44.74 -4.78 20.22
N MET E 159 45.54 -3.71 20.14
CA MET E 159 45.05 -2.38 20.51
C MET E 159 44.08 -1.84 19.48
N ILE E 160 44.46 -1.84 18.20
CA ILE E 160 43.65 -1.15 17.21
C ILE E 160 42.44 -1.95 16.76
N PHE E 161 42.47 -3.28 16.88
CA PHE E 161 41.36 -4.15 16.51
C PHE E 161 40.57 -4.66 17.72
N ASP E 162 40.64 -3.95 18.84
CA ASP E 162 39.96 -4.41 20.05
C ASP E 162 38.46 -4.48 19.83
N VAL E 163 37.87 -5.62 20.15
CA VAL E 163 36.44 -5.85 19.92
C VAL E 163 35.61 -5.52 21.15
N GLU E 164 36.10 -5.88 22.34
CA GLU E 164 35.34 -5.59 23.56
C GLU E 164 35.04 -4.10 23.66
N SER E 165 36.06 -3.26 23.51
CA SER E 165 35.84 -1.81 23.54
C SER E 165 34.95 -1.37 22.39
N MET E 166 35.18 -1.92 21.21
CA MET E 166 34.37 -1.55 20.05
C MET E 166 32.91 -1.90 20.26
N LYS E 167 32.63 -3.13 20.71
CA LYS E 167 31.24 -3.53 20.94
C LYS E 167 30.61 -2.72 22.06
N LYS E 168 31.37 -2.45 23.13
CA LYS E 168 30.87 -1.59 24.19
C LYS E 168 30.43 -0.24 23.62
N ALA E 169 31.33 0.44 22.91
CA ALA E 169 31.01 1.77 22.39
C ALA E 169 29.90 1.71 21.35
N MET E 170 29.75 0.58 20.65
CA MET E 170 28.74 0.48 19.60
C MET E 170 27.35 0.31 20.19
N TYR E 171 27.18 -0.63 21.13
CA TYR E 171 25.87 -1.00 21.62
C TYR E 171 25.74 -0.78 23.13
N GLU E 172 26.26 0.33 23.64
CA GLU E 172 26.05 0.65 25.05
C GLU E 172 24.81 1.54 25.19
N ILE E 173 24.36 1.68 26.43
CA ILE E 173 23.03 2.22 26.72
C ILE E 173 23.15 3.59 27.38
N ASP E 174 23.24 4.64 26.58
CA ASP E 174 23.30 6.01 27.07
C ASP E 174 21.98 6.69 26.69
N LEU E 175 21.05 6.74 27.64
CA LEU E 175 19.73 7.30 27.38
C LEU E 175 19.72 8.81 27.30
N GLN E 176 20.87 9.47 27.43
CA GLN E 176 20.94 10.91 27.24
C GLN E 176 21.29 11.26 25.80
N LYS E 177 22.21 10.51 25.19
CA LYS E 177 22.55 10.70 23.78
C LYS E 177 21.60 9.95 22.85
N MET E 178 21.22 8.72 23.22
CA MET E 178 20.34 7.87 22.43
C MET E 178 19.15 7.49 23.28
N PRO E 179 18.20 8.41 23.47
CA PRO E 179 17.06 8.12 24.35
C PRO E 179 16.17 6.99 23.86
N LEU E 180 16.33 6.55 22.61
CA LEU E 180 15.47 5.52 22.02
C LEU E 180 16.27 4.41 21.36
N GLY E 181 17.55 4.27 21.69
CA GLY E 181 18.36 3.14 21.26
C GLY E 181 19.35 3.54 20.19
N LYS E 182 20.15 2.54 19.78
CA LYS E 182 21.13 2.76 18.72
C LYS E 182 20.43 3.09 17.42
N LEU E 183 21.02 3.99 16.64
CA LEU E 183 20.51 4.38 15.34
C LEU E 183 21.37 3.79 14.25
N SER E 184 20.73 3.24 13.22
CA SER E 184 21.46 2.72 12.07
C SER E 184 22.30 3.83 11.46
N LYS E 185 23.40 3.43 10.81
CA LYS E 185 24.28 4.41 10.18
C LYS E 185 23.54 5.24 9.14
N ARG E 186 22.58 4.64 8.44
CA ARG E 186 21.81 5.38 7.45
C ARG E 186 21.22 6.66 8.04
N GLN E 187 20.49 6.53 9.15
CA GLN E 187 19.83 7.69 9.74
C GLN E 187 20.84 8.71 10.25
N ILE E 188 21.98 8.24 10.75
CA ILE E 188 22.99 9.15 11.25
C ILE E 188 23.54 9.99 10.10
N GLN E 189 23.77 9.38 8.94
CA GLN E 189 24.23 10.17 7.79
C GLN E 189 23.12 11.05 7.25
N ALA E 190 21.87 10.63 7.36
CA ALA E 190 20.75 11.49 6.97
C ALA E 190 20.76 12.77 7.79
N ALA E 191 20.89 12.65 9.10
CA ALA E 191 20.95 13.83 9.96
C ALA E 191 22.21 14.65 9.69
N TYR E 192 23.32 13.98 9.39
CA TYR E 192 24.54 14.68 8.99
C TYR E 192 24.28 15.60 7.79
N SER E 193 23.65 15.06 6.75
CA SER E 193 23.34 15.86 5.57
C SER E 193 22.35 16.97 5.91
N ILE E 194 21.41 16.70 6.80
CA ILE E 194 20.46 17.74 7.20
C ILE E 194 21.19 18.90 7.86
N LEU E 195 22.22 18.60 8.66
CA LEU E 195 22.99 19.67 9.30
C LEU E 195 23.80 20.45 8.26
N SER E 196 24.38 19.76 7.28
CA SER E 196 25.06 20.48 6.21
C SER E 196 24.09 21.42 5.49
N GLU E 197 22.85 20.97 5.27
CA GLU E 197 21.85 21.82 4.65
C GLU E 197 21.49 23.00 5.54
N VAL E 198 21.41 22.78 6.85
CA VAL E 198 21.15 23.87 7.79
C VAL E 198 22.22 24.94 7.67
N GLN E 199 23.49 24.52 7.55
CA GLN E 199 24.57 25.50 7.43
C GLN E 199 24.51 26.22 6.09
N GLN E 200 24.31 25.49 5.00
CA GLN E 200 24.08 26.12 3.71
C GLN E 200 23.00 27.20 3.82
N ALA E 201 21.91 26.89 4.51
CA ALA E 201 20.83 27.85 4.66
C ALA E 201 21.30 29.08 5.42
N VAL E 202 21.73 28.87 6.67
CA VAL E 202 22.17 30.00 7.50
C VAL E 202 23.09 30.91 6.70
N SER E 203 23.93 30.32 5.83
CA SER E 203 24.78 31.13 4.98
C SER E 203 23.96 31.98 4.00
N GLN E 204 22.96 31.35 3.38
CA GLN E 204 22.27 31.90 2.21
C GLN E 204 21.15 32.88 2.56
N GLY E 205 21.32 33.71 3.59
CA GLY E 205 20.27 34.62 4.01
C GLY E 205 18.92 33.93 4.07
N SER E 206 18.85 32.87 4.86
CA SER E 206 17.79 31.89 4.74
C SER E 206 16.48 32.39 5.36
N SER E 207 15.40 31.76 4.91
CA SER E 207 14.13 31.87 5.61
C SER E 207 14.25 31.24 6.99
N ASP E 208 13.63 31.87 8.00
CA ASP E 208 13.52 31.23 9.30
C ASP E 208 12.79 29.90 9.19
N SER E 209 11.80 29.81 8.29
CA SER E 209 11.07 28.57 8.10
C SER E 209 11.93 27.51 7.41
N GLN E 210 12.81 27.93 6.50
CA GLN E 210 13.77 27.00 5.92
C GLN E 210 14.61 26.35 7.01
N ILE E 211 14.87 27.08 8.10
CA ILE E 211 15.62 26.51 9.21
C ILE E 211 14.71 25.65 10.09
N LEU E 212 13.45 26.06 10.28
CA LEU E 212 12.56 25.30 11.13
C LEU E 212 12.27 23.92 10.56
N ASP E 213 12.07 23.83 9.24
CA ASP E 213 11.83 22.53 8.62
C ASP E 213 12.98 21.57 8.92
N LEU E 214 14.22 22.04 8.70
CA LEU E 214 15.37 21.20 8.95
C LEU E 214 15.54 20.88 10.42
N SER E 215 15.18 21.82 11.31
CA SER E 215 15.29 21.55 12.74
C SER E 215 14.33 20.45 13.17
N ASN E 216 13.08 20.54 12.73
CA ASN E 216 12.12 19.48 13.02
C ASN E 216 12.60 18.13 12.46
N ARG E 217 13.05 18.12 11.21
CA ARG E 217 13.51 16.87 10.62
C ARG E 217 14.67 16.28 11.40
N PHE E 218 15.63 17.12 11.80
CA PHE E 218 16.78 16.65 12.56
C PHE E 218 16.35 16.06 13.89
N TYR E 219 15.60 16.83 14.68
CA TYR E 219 15.21 16.32 15.99
C TYR E 219 14.31 15.10 15.91
N THR E 220 13.65 14.86 14.76
CA THR E 220 12.98 13.58 14.58
C THR E 220 14.00 12.47 14.35
N LEU E 221 14.93 12.67 13.41
CA LEU E 221 15.90 11.64 13.08
C LEU E 221 16.85 11.32 14.22
N ILE E 222 17.05 12.24 15.16
CA ILE E 222 17.95 12.02 16.29
C ILE E 222 17.21 12.41 17.56
N PRO E 223 16.64 11.46 18.28
CA PRO E 223 15.90 11.82 19.51
C PRO E 223 16.82 12.47 20.53
N HIS E 224 16.30 13.50 21.18
CA HIS E 224 17.01 14.20 22.25
C HIS E 224 16.15 14.19 23.51
N ASP E 225 16.80 14.00 24.66
CA ASP E 225 16.12 14.16 25.94
C ASP E 225 16.15 15.64 26.31
N PHE E 226 15.04 16.33 26.07
CA PHE E 226 14.87 17.71 26.47
C PHE E 226 13.93 17.86 27.66
N GLY E 227 13.79 16.82 28.47
CA GLY E 227 12.85 16.85 29.57
C GLY E 227 11.47 17.23 29.09
N MET E 228 11.03 18.44 29.45
CA MET E 228 9.75 18.96 28.98
C MET E 228 9.90 20.40 28.51
N LYS E 229 11.06 20.73 27.97
CA LYS E 229 11.31 22.02 27.35
C LYS E 229 11.18 21.88 25.83
N LYS E 230 10.78 22.97 25.19
CA LYS E 230 10.62 22.95 23.74
C LYS E 230 11.98 22.78 23.08
N PRO E 231 12.14 21.85 22.14
CA PRO E 231 13.42 21.73 21.44
C PRO E 231 13.79 23.05 20.80
N PRO E 232 15.06 23.44 20.82
CA PRO E 232 15.46 24.72 20.25
C PRO E 232 15.76 24.62 18.76
N LEU E 233 15.75 25.78 18.11
CA LEU E 233 16.09 25.83 16.69
C LEU E 233 17.59 25.64 16.50
N LEU E 234 17.95 25.20 15.29
CA LEU E 234 19.35 25.04 14.92
C LEU E 234 19.96 26.35 14.39
N ASN E 235 19.64 27.46 15.06
CA ASN E 235 20.19 28.75 14.67
C ASN E 235 21.62 28.92 15.17
N ASN E 236 21.90 28.49 16.40
CA ASN E 236 23.24 28.55 16.96
C ASN E 236 24.20 27.65 16.18
N ALA E 237 24.90 28.24 15.21
CA ALA E 237 25.77 27.44 14.33
C ALA E 237 26.85 26.70 15.10
N ASP E 238 27.24 27.19 16.28
CA ASP E 238 28.29 26.53 17.05
C ASP E 238 27.82 25.18 17.60
N SER E 239 26.64 25.16 18.23
CA SER E 239 26.08 23.89 18.67
C SER E 239 25.83 22.96 17.49
N VAL E 240 25.57 23.51 16.30
CA VAL E 240 25.40 22.67 15.13
C VAL E 240 26.72 22.02 14.74
N GLN E 241 27.81 22.79 14.77
CA GLN E 241 29.13 22.19 14.58
C GLN E 241 29.36 21.08 15.60
N ALA E 242 28.92 21.29 16.85
CA ALA E 242 29.11 20.28 17.88
C ALA E 242 28.34 19.00 17.56
N LYS E 243 27.07 19.14 17.19
CA LYS E 243 26.27 17.97 16.84
C LYS E 243 26.84 17.26 15.63
N ALA E 244 27.38 18.02 14.67
CA ALA E 244 28.02 17.40 13.51
C ALA E 244 29.25 16.61 13.93
N GLU E 245 30.03 17.14 14.86
CA GLU E 245 31.16 16.36 15.39
C GLU E 245 30.69 15.06 16.03
N MET E 246 29.62 15.13 16.83
CA MET E 246 29.08 13.91 17.45
C MET E 246 28.71 12.89 16.38
N LEU E 247 27.97 13.34 15.36
CA LEU E 247 27.51 12.41 14.32
C LEU E 247 28.67 11.82 13.55
N ASP E 248 29.70 12.62 13.28
CA ASP E 248 30.87 12.10 12.58
C ASP E 248 31.60 11.07 13.44
N ASN E 249 31.67 11.30 14.75
CA ASN E 249 32.25 10.30 15.64
C ASN E 249 31.49 8.98 15.55
N LEU E 250 30.15 9.06 15.61
CA LEU E 250 29.35 7.84 15.50
C LEU E 250 29.58 7.14 14.17
N LEU E 251 29.70 7.92 13.09
CA LEU E 251 29.95 7.32 11.77
C LEU E 251 31.29 6.59 11.76
N ASP E 252 32.33 7.22 12.30
CA ASP E 252 33.65 6.57 12.33
C ASP E 252 33.59 5.27 13.13
N ILE E 253 32.84 5.28 14.24
CA ILE E 253 32.74 4.07 15.04
C ILE E 253 32.01 2.97 14.27
N GLU E 254 30.94 3.35 13.56
CA GLU E 254 30.24 2.38 12.72
C GLU E 254 31.17 1.78 11.68
N VAL E 255 32.00 2.62 11.07
CA VAL E 255 32.93 2.13 10.04
C VAL E 255 33.95 1.17 10.64
N ALA E 256 34.50 1.52 11.81
CA ALA E 256 35.45 0.63 12.46
C ALA E 256 34.80 -0.72 12.80
N TYR E 257 33.58 -0.70 13.34
CA TYR E 257 32.91 -1.94 13.65
C TYR E 257 32.70 -2.78 12.40
N SER E 258 32.25 -2.16 11.31
CA SER E 258 32.09 -2.90 10.06
C SER E 258 33.42 -3.42 9.54
N LEU E 259 34.54 -2.78 9.90
CA LEU E 259 35.84 -3.26 9.48
C LEU E 259 36.32 -4.44 10.33
N LEU E 260 35.90 -4.50 11.60
CA LEU E 260 36.29 -5.64 12.43
C LEU E 260 35.69 -6.95 11.91
N ARG E 261 34.50 -6.89 11.31
CA ARG E 261 33.80 -8.09 10.84
C ARG E 261 34.25 -8.51 9.44
N GLY E 262 35.56 -8.60 9.24
CA GLY E 262 36.11 -8.99 7.95
C GLY E 262 35.78 -10.43 7.60
N LYS E 269 45.18 -19.57 9.62
CA LYS E 269 46.10 -18.54 10.12
C LYS E 269 45.65 -18.02 11.47
N ASP E 270 46.61 -17.57 12.28
CA ASP E 270 46.28 -17.06 13.60
C ASP E 270 45.53 -15.73 13.47
N PRO E 271 44.52 -15.50 14.30
CA PRO E 271 43.76 -14.24 14.19
C PRO E 271 44.62 -12.99 14.19
N ILE E 272 45.77 -13.01 14.87
CA ILE E 272 46.63 -11.83 14.89
C ILE E 272 47.13 -11.50 13.48
N ASP E 273 47.70 -12.50 12.80
CA ASP E 273 48.10 -12.31 11.40
C ASP E 273 46.89 -12.00 10.51
N VAL E 274 45.75 -12.62 10.81
CA VAL E 274 44.55 -12.38 10.02
C VAL E 274 44.19 -10.89 10.03
N ASN E 275 44.22 -10.29 11.21
CA ASN E 275 43.88 -8.86 11.31
C ASN E 275 45.04 -7.98 10.85
N TYR E 276 46.29 -8.47 10.94
CA TYR E 276 47.40 -7.71 10.38
C TYR E 276 47.24 -7.56 8.88
N GLU E 277 46.80 -8.62 8.19
CA GLU E 277 46.68 -8.55 6.74
C GLU E 277 45.63 -7.53 6.31
N LYS E 278 44.65 -7.23 7.17
CA LYS E 278 43.64 -6.24 6.81
C LYS E 278 44.24 -4.85 6.61
N LEU E 279 45.36 -4.56 7.27
CA LEU E 279 45.88 -3.20 7.28
C LEU E 279 46.44 -2.80 5.92
N LYS E 280 46.99 -3.74 5.16
CA LYS E 280 47.68 -3.43 3.91
C LYS E 280 48.81 -2.44 4.17
N THR E 281 49.56 -2.68 5.24
CA THR E 281 50.72 -1.85 5.60
C THR E 281 51.80 -2.74 6.20
N ASP E 282 53.05 -2.40 5.92
CA ASP E 282 54.20 -3.09 6.50
C ASP E 282 54.63 -2.33 7.75
N ILE E 283 54.72 -3.06 8.87
CA ILE E 283 55.05 -2.49 10.17
C ILE E 283 56.38 -3.07 10.64
N LYS E 284 57.23 -2.20 11.19
CA LYS E 284 58.49 -2.61 11.79
C LYS E 284 58.65 -1.86 13.12
N VAL E 285 59.40 -2.44 14.04
CA VAL E 285 59.64 -1.84 15.35
C VAL E 285 61.03 -1.24 15.36
N VAL E 286 61.12 0.08 15.49
CA VAL E 286 62.42 0.72 15.64
C VAL E 286 63.02 0.34 16.98
N ASP E 287 64.34 0.11 16.99
CA ASP E 287 65.02 -0.24 18.23
C ASP E 287 64.94 0.91 19.23
N ARG E 288 64.63 0.59 20.49
CA ARG E 288 64.52 1.62 21.52
C ARG E 288 65.78 2.49 21.53
N ASP E 289 66.94 1.84 21.61
CA ASP E 289 68.22 2.54 21.65
C ASP E 289 68.71 2.98 20.27
N SER E 290 67.82 3.09 19.30
CA SER E 290 68.20 3.52 17.96
C SER E 290 68.51 5.01 17.94
N GLU E 291 68.99 5.48 16.79
CA GLU E 291 69.29 6.90 16.61
C GLU E 291 68.08 7.67 16.08
N GLU E 292 67.43 7.16 15.04
CA GLU E 292 66.16 7.74 14.61
C GLU E 292 65.14 7.71 15.75
N ALA E 293 65.19 6.65 16.57
CA ALA E 293 64.29 6.59 17.72
C ALA E 293 64.60 7.70 18.72
N GLU E 294 65.88 7.98 18.96
CA GLU E 294 66.22 9.06 19.89
C GLU E 294 65.84 10.42 19.32
N ILE E 295 65.91 10.58 17.99
CA ILE E 295 65.45 11.83 17.39
C ILE E 295 63.94 11.99 17.55
N ILE E 296 63.19 10.91 17.31
CA ILE E 296 61.75 10.92 17.56
C ILE E 296 61.47 11.32 19.00
N ARG E 297 62.21 10.73 19.95
CA ARG E 297 61.98 11.02 21.35
C ARG E 297 62.28 12.48 21.68
N LYS E 298 63.35 13.03 21.10
CA LYS E 298 63.64 14.45 21.31
C LYS E 298 62.51 15.32 20.78
N TYR E 299 61.97 14.96 19.60
CA TYR E 299 60.81 15.67 19.07
C TYR E 299 59.67 15.68 20.08
N VAL E 300 59.28 14.48 20.53
CA VAL E 300 58.16 14.34 21.46
C VAL E 300 58.41 15.18 22.71
N LYS E 301 59.61 15.08 23.27
CA LYS E 301 59.90 15.76 24.52
C LYS E 301 59.86 17.27 24.36
N ASN E 302 60.50 17.79 23.31
CA ASN E 302 60.58 19.23 23.16
C ASN E 302 59.23 19.85 22.84
N THR E 303 58.46 19.24 21.94
CA THR E 303 57.28 19.89 21.41
C THR E 303 56.02 19.66 22.23
N HIS E 304 56.14 19.04 23.41
CA HIS E 304 54.99 18.90 24.29
C HIS E 304 54.95 20.07 25.28
N ALA E 305 53.74 20.44 25.68
CA ALA E 305 53.53 21.61 26.54
C ALA E 305 52.53 21.27 27.61
N THR E 306 52.95 21.39 28.87
CA THR E 306 52.08 21.15 30.02
C THR E 306 51.15 22.33 30.32
N THR E 307 51.02 23.27 29.39
CA THR E 307 50.24 24.49 29.61
C THR E 307 48.77 24.28 29.33
N HIS E 308 48.43 23.56 28.27
CA HIS E 308 47.05 23.20 27.97
C HIS E 308 46.87 21.69 27.92
N ASN E 309 47.74 20.95 28.59
CA ASN E 309 47.66 19.49 28.65
C ASN E 309 48.01 19.08 30.08
N ALA E 310 47.04 18.53 30.80
CA ALA E 310 47.25 18.14 32.19
C ALA E 310 47.85 16.74 32.28
N TYR E 311 48.96 16.55 31.58
CA TYR E 311 49.61 15.24 31.53
C TYR E 311 50.96 15.39 30.85
N ASP E 312 51.75 14.34 30.95
CA ASP E 312 53.02 14.22 30.23
C ASP E 312 52.96 13.02 29.31
N LEU E 313 53.81 13.02 28.29
CA LEU E 313 53.87 11.96 27.31
C LEU E 313 55.04 11.04 27.60
N GLU E 314 54.82 9.73 27.46
CA GLU E 314 55.88 8.73 27.57
C GLU E 314 55.79 7.82 26.36
N VAL E 315 56.86 7.77 25.57
CA VAL E 315 56.87 6.88 24.42
C VAL E 315 57.01 5.43 24.90
N ILE E 316 56.44 4.51 24.14
CA ILE E 316 56.45 3.09 24.49
C ILE E 316 57.09 2.30 23.37
N ASP E 317 56.51 2.37 22.18
CA ASP E 317 57.02 1.66 21.01
C ASP E 317 56.98 2.60 19.81
N ILE E 318 58.07 2.61 19.05
CA ILE E 318 58.10 3.29 17.76
C ILE E 318 57.73 2.27 16.69
N PHE E 319 57.19 2.74 15.57
CA PHE E 319 56.80 1.86 14.48
C PHE E 319 57.09 2.56 13.15
N LYS E 320 57.95 1.93 12.34
CA LYS E 320 58.11 2.34 10.95
C LYS E 320 57.02 1.68 10.12
N ILE E 321 56.19 2.49 9.48
CA ILE E 321 55.06 1.99 8.69
C ILE E 321 55.26 2.37 7.24
N GLU E 322 54.82 1.48 6.36
CA GLU E 322 54.84 1.71 4.92
C GLU E 322 53.53 1.21 4.34
N ARG E 323 52.66 2.12 3.94
CA ARG E 323 51.34 1.75 3.45
C ARG E 323 51.43 1.23 2.02
N GLU E 324 50.52 0.31 1.68
CA GLU E 324 50.54 -0.30 0.35
C GLU E 324 50.08 0.72 -0.69
N GLY E 325 50.97 1.04 -1.63
CA GLY E 325 50.68 1.97 -2.70
C GLY E 325 50.88 3.42 -2.35
N GLU E 326 50.67 3.79 -1.07
CA GLU E 326 50.91 5.16 -0.66
C GLU E 326 52.32 5.61 -1.03
N CYS E 327 53.29 4.69 -0.96
CA CYS E 327 54.66 5.02 -1.38
C CYS E 327 54.71 5.41 -2.84
N GLN E 328 53.75 4.97 -3.65
CA GLN E 328 53.72 5.28 -5.07
C GLN E 328 53.00 6.60 -5.34
N ARG E 329 51.83 6.81 -4.73
CA ARG E 329 51.06 8.02 -4.98
C ARG E 329 51.78 9.27 -4.49
N TYR E 330 52.77 9.13 -3.62
CA TYR E 330 53.51 10.28 -3.09
C TYR E 330 54.71 10.65 -3.96
N LYS E 331 55.11 9.79 -4.90
CA LYS E 331 56.25 10.10 -5.75
C LYS E 331 56.10 11.43 -6.48
N PRO E 332 54.92 11.83 -6.96
CA PRO E 332 54.80 13.13 -7.65
C PRO E 332 55.30 14.28 -6.80
N PHE E 333 55.28 14.12 -5.48
CA PHE E 333 55.66 15.17 -4.56
C PHE E 333 56.98 14.94 -3.87
N LYS E 334 57.61 13.76 -4.06
CA LYS E 334 58.89 13.53 -3.39
C LYS E 334 59.97 14.48 -3.91
N GLN E 335 59.89 14.88 -5.18
CA GLN E 335 60.76 15.91 -5.72
C GLN E 335 60.25 17.32 -5.44
N LEU E 336 59.11 17.44 -4.76
CA LEU E 336 58.66 18.75 -4.30
C LEU E 336 59.62 19.28 -3.24
N HIS E 337 59.46 20.56 -2.92
CA HIS E 337 60.28 21.21 -1.91
C HIS E 337 59.50 21.36 -0.61
N ASN E 338 60.25 21.55 0.48
CA ASN E 338 59.67 21.78 1.80
C ASN E 338 58.77 20.62 2.22
N ARG E 339 59.32 19.41 2.16
CA ARG E 339 58.69 18.25 2.76
C ARG E 339 59.05 18.21 4.23
N ARG E 340 58.05 18.04 5.10
CA ARG E 340 58.27 18.10 6.54
C ARG E 340 57.57 16.95 7.24
N LEU E 341 58.18 16.52 8.35
CA LEU E 341 57.70 15.39 9.14
C LEU E 341 56.85 15.94 10.28
N LEU E 342 55.54 15.68 10.23
CA LEU E 342 54.60 16.35 11.12
C LEU E 342 53.70 15.34 11.82
N TRP E 343 52.99 15.83 12.84
CA TRP E 343 52.15 15.02 13.70
C TRP E 343 50.72 14.96 13.19
N HIS E 344 50.06 13.83 13.45
CA HIS E 344 48.61 13.74 13.36
C HIS E 344 48.10 12.81 14.45
N GLY E 345 46.92 13.12 14.99
CA GLY E 345 46.38 12.33 16.08
C GLY E 345 44.89 12.14 16.02
N SER E 346 44.45 10.89 16.08
CA SER E 346 43.03 10.55 16.12
C SER E 346 42.80 9.48 17.17
N ARG E 347 41.53 9.24 17.47
CA ARG E 347 41.16 8.18 18.40
C ARG E 347 41.65 6.83 17.87
N THR E 348 41.97 5.93 18.79
CA THR E 348 42.58 4.66 18.39
C THR E 348 41.64 3.81 17.55
N THR E 349 40.33 3.93 17.77
CA THR E 349 39.37 3.11 17.03
C THR E 349 39.56 3.26 15.53
N ASN E 350 39.78 4.49 15.06
CA ASN E 350 39.91 4.74 13.62
C ASN E 350 41.21 4.20 13.05
N PHE E 351 42.22 3.96 13.89
CA PHE E 351 43.55 3.70 13.35
C PHE E 351 43.57 2.48 12.45
N ALA E 352 42.81 1.44 12.79
CA ALA E 352 42.62 0.33 11.87
C ALA E 352 42.38 0.88 10.47
N GLY E 353 41.22 1.53 10.28
CA GLY E 353 40.91 2.09 8.97
C GLY E 353 42.01 2.98 8.43
N ILE E 354 42.67 3.73 9.31
CA ILE E 354 43.67 4.70 8.84
C ILE E 354 44.84 3.99 8.17
N LEU E 355 45.20 2.79 8.63
CA LEU E 355 46.23 2.03 7.93
C LEU E 355 45.66 1.31 6.72
N SER E 356 44.35 1.01 6.75
CA SER E 356 43.73 0.29 5.64
C SER E 356 43.66 1.14 4.38
N GLN E 357 43.36 2.43 4.53
CA GLN E 357 43.09 3.29 3.38
C GLN E 357 43.77 4.66 3.52
N GLY E 358 44.89 4.71 4.25
CA GLY E 358 45.58 5.98 4.41
C GLY E 358 44.68 7.08 4.97
N LEU E 359 45.23 8.29 4.94
CA LEU E 359 44.49 9.47 5.42
C LEU E 359 43.57 9.99 4.33
N ARG E 360 42.35 10.34 4.73
CA ARG E 360 41.27 10.66 3.80
C ARG E 360 40.71 12.04 4.12
N ILE E 361 40.17 12.71 3.11
CA ILE E 361 39.55 14.01 3.28
C ILE E 361 38.04 13.80 3.40
N ALA E 362 37.36 14.79 4.00
CA ALA E 362 35.94 14.71 4.20
C ALA E 362 35.20 14.91 2.87
N PRO E 363 33.94 14.49 2.80
CA PRO E 363 33.17 14.66 1.56
C PRO E 363 32.65 16.08 1.43
N PRO E 364 32.12 16.45 0.25
CA PRO E 364 31.60 17.81 0.08
C PRO E 364 30.25 18.05 0.76
N GLU E 365 29.44 17.00 0.96
CA GLU E 365 28.12 17.17 1.55
C GLU E 365 28.13 17.10 3.07
N ALA E 366 29.27 16.79 3.68
CA ALA E 366 29.35 16.80 5.13
C ALA E 366 29.43 18.22 5.66
N PRO E 367 28.91 18.48 6.86
CA PRO E 367 29.05 19.81 7.47
C PRO E 367 30.40 19.99 8.12
N VAL E 368 30.66 21.21 8.55
CA VAL E 368 31.91 21.54 9.24
C VAL E 368 31.75 21.21 10.72
N THR E 369 32.82 20.68 11.32
CA THR E 369 32.79 20.23 12.70
C THR E 369 33.68 21.03 13.63
N GLY E 370 34.31 22.09 13.14
CA GLY E 370 35.15 22.92 13.98
C GLY E 370 36.43 23.37 13.33
N TYR E 371 36.94 22.58 12.37
CA TYR E 371 38.15 22.96 11.66
C TYR E 371 37.99 24.34 11.02
N MET E 372 39.07 25.11 11.01
CA MET E 372 39.03 26.52 10.65
C MET E 372 39.48 26.79 9.23
N PHE E 373 39.80 25.76 8.45
CA PHE E 373 40.42 25.94 7.14
C PHE E 373 39.90 24.92 6.15
N GLY E 374 38.60 24.65 6.16
CA GLY E 374 38.04 23.75 5.18
C GLY E 374 38.45 22.31 5.36
N LYS E 375 38.07 21.50 4.38
CA LYS E 375 38.19 20.05 4.47
C LYS E 375 39.52 19.61 3.85
N GLY E 376 40.37 19.00 4.66
CA GLY E 376 41.66 18.51 4.19
C GLY E 376 42.38 17.78 5.29
N ILE E 377 43.57 17.29 4.94
CA ILE E 377 44.42 16.61 5.90
C ILE E 377 45.09 17.64 6.80
N TYR E 378 44.95 17.45 8.11
CA TYR E 378 45.47 18.36 9.12
C TYR E 378 46.66 17.74 9.85
N PHE E 379 47.65 18.57 10.17
CA PHE E 379 48.82 18.16 10.93
C PHE E 379 49.17 19.27 11.92
N ALA E 380 49.98 18.90 12.91
CA ALA E 380 50.53 19.86 13.85
C ALA E 380 52.03 19.64 13.95
N ASP E 381 52.75 20.70 14.31
CA ASP E 381 54.19 20.62 14.51
C ASP E 381 54.56 20.41 15.97
N MET E 382 53.58 20.31 16.86
CA MET E 382 53.84 20.10 18.28
C MET E 382 52.96 18.97 18.78
N VAL E 383 53.58 17.98 19.41
CA VAL E 383 52.87 16.77 19.80
C VAL E 383 51.72 17.09 20.76
N SER E 384 51.86 18.16 21.54
CA SER E 384 50.76 18.58 22.41
C SER E 384 49.44 18.70 21.65
N LYS E 385 49.45 19.49 20.56
CA LYS E 385 48.23 19.75 19.82
C LYS E 385 47.65 18.47 19.24
N SER E 386 48.43 17.76 18.42
CA SER E 386 47.90 16.59 17.73
C SER E 386 47.50 15.50 18.73
N ALA E 387 48.16 15.45 19.89
CA ALA E 387 47.82 14.44 20.88
C ALA E 387 46.53 14.78 21.60
N ASN E 388 46.23 16.08 21.77
CA ASN E 388 44.93 16.46 22.33
C ASN E 388 43.77 15.92 21.49
N TYR E 389 44.02 15.51 20.25
CA TYR E 389 42.99 14.94 19.40
C TYR E 389 42.86 13.43 19.53
N CYS E 390 43.65 12.80 20.41
CA CYS E 390 43.43 11.39 20.73
C CYS E 390 42.28 11.20 21.70
N HIS E 391 41.88 12.25 22.43
CA HIS E 391 40.81 12.18 23.41
C HIS E 391 41.03 11.02 24.38
N THR E 392 42.29 10.76 24.72
CA THR E 392 42.59 9.73 25.71
C THR E 392 42.06 10.11 27.07
N SER E 393 41.79 9.09 27.88
CA SER E 393 41.18 9.25 29.20
C SER E 393 42.13 8.75 30.27
N GLN E 394 41.87 9.20 31.51
CA GLN E 394 42.64 8.69 32.64
C GLN E 394 42.49 7.18 32.76
N GLY E 395 41.41 6.60 32.24
CA GLY E 395 41.24 5.15 32.24
C GLY E 395 42.02 4.44 31.16
N ASP E 396 42.34 5.13 30.06
CA ASP E 396 43.16 4.59 28.98
C ASP E 396 44.29 5.57 28.68
N PRO E 397 45.29 5.66 29.56
CA PRO E 397 46.39 6.61 29.31
C PRO E 397 47.14 6.36 28.01
N ILE E 398 46.84 5.29 27.29
CA ILE E 398 47.51 5.03 26.02
C ILE E 398 46.77 5.72 24.90
N GLY E 399 47.52 6.15 23.89
CA GLY E 399 46.96 6.68 22.68
C GLY E 399 47.93 6.45 21.54
N LEU E 400 47.43 6.60 20.31
CA LEU E 400 48.26 6.44 19.13
C LEU E 400 48.33 7.77 18.38
N ILE E 401 49.40 7.91 17.61
CA ILE E 401 49.71 9.18 16.96
C ILE E 401 50.65 8.89 15.81
N LEU E 402 50.37 9.50 14.66
CA LEU E 402 51.09 9.23 13.42
C LEU E 402 52.09 10.34 13.12
N LEU E 403 53.18 9.94 12.47
CA LEU E 403 54.15 10.86 11.90
C LEU E 403 54.10 10.73 10.38
N GLY E 404 53.93 11.87 9.70
CA GLY E 404 53.80 11.84 8.26
C GLY E 404 54.77 12.79 7.58
N GLU E 405 55.50 12.29 6.58
CA GLU E 405 56.20 13.16 5.66
C GLU E 405 55.17 13.78 4.72
N VAL E 406 54.89 15.06 4.92
CA VAL E 406 53.89 15.78 4.13
C VAL E 406 54.63 16.78 3.26
N ALA E 407 54.32 16.78 1.97
CA ALA E 407 54.94 17.66 1.00
C ALA E 407 54.13 18.96 0.98
N LEU E 408 54.63 19.96 1.70
CA LEU E 408 53.88 21.22 1.85
C LEU E 408 54.11 22.15 0.67
N GLY E 409 55.33 22.18 0.13
CA GLY E 409 55.64 23.09 -0.96
C GLY E 409 55.50 24.54 -0.54
N ASN E 410 54.55 25.24 -1.16
CA ASN E 410 54.33 26.66 -0.91
C ASN E 410 53.23 26.81 0.15
N MET E 411 53.55 27.55 1.21
CA MET E 411 52.63 27.72 2.34
C MET E 411 51.76 28.94 2.09
N TYR E 412 50.44 28.75 2.12
CA TYR E 412 49.49 29.85 2.18
C TYR E 412 49.22 30.11 3.66
N GLU E 413 49.81 31.18 4.18
CA GLU E 413 49.86 31.41 5.62
C GLU E 413 48.73 32.33 6.05
N LEU E 414 47.94 31.88 7.03
CA LEU E 414 46.78 32.61 7.51
C LEU E 414 46.82 32.69 9.03
N LYS E 415 46.21 33.75 9.56
CA LYS E 415 46.13 33.95 11.01
C LYS E 415 44.77 33.61 11.59
N HIS E 416 43.72 33.59 10.78
CA HIS E 416 42.35 33.42 11.26
C HIS E 416 41.65 32.38 10.41
N ALA E 417 40.48 31.95 10.89
CA ALA E 417 39.71 30.93 10.20
C ALA E 417 39.32 31.40 8.80
N SER E 418 39.18 30.44 7.89
CA SER E 418 38.80 30.74 6.52
C SER E 418 38.45 29.45 5.77
N HIS E 419 37.16 29.20 5.57
CA HIS E 419 36.72 28.01 4.86
C HIS E 419 36.99 28.20 3.38
N ILE E 420 38.19 27.81 2.96
CA ILE E 420 38.67 28.03 1.60
C ILE E 420 38.29 26.84 0.72
N SER E 421 38.39 27.04 -0.60
CA SER E 421 38.10 25.97 -1.56
C SER E 421 39.25 25.81 -2.52
N LYS E 422 39.67 26.90 -3.15
CA LYS E 422 40.78 26.91 -4.08
C LYS E 422 42.03 27.43 -3.38
N LEU E 423 43.14 26.72 -3.51
CA LEU E 423 44.42 27.29 -3.14
C LEU E 423 44.77 28.40 -4.13
N PRO E 424 45.41 29.47 -3.67
CA PRO E 424 45.84 30.51 -4.62
C PRO E 424 46.77 29.94 -5.67
N LYS E 425 46.83 30.63 -6.82
CA LYS E 425 47.66 30.19 -7.92
C LYS E 425 49.13 30.15 -7.51
N GLY E 426 49.65 28.95 -7.27
CA GLY E 426 51.04 28.77 -6.89
C GLY E 426 51.24 28.11 -5.54
N LYS E 427 50.18 27.77 -4.80
CA LYS E 427 50.30 27.22 -3.46
C LYS E 427 49.91 25.75 -3.46
N HIS E 428 50.57 24.99 -2.58
CA HIS E 428 50.32 23.56 -2.43
C HIS E 428 49.75 23.18 -1.08
N SER E 429 49.69 24.11 -0.11
CA SER E 429 49.29 23.77 1.24
C SER E 429 48.99 25.07 1.99
N VAL E 430 48.37 24.93 3.15
CA VAL E 430 47.96 26.05 3.99
C VAL E 430 48.54 25.88 5.39
N LYS E 431 48.82 27.00 6.04
CA LYS E 431 49.39 26.98 7.39
C LYS E 431 48.72 28.05 8.24
N GLY E 432 48.09 27.61 9.33
CA GLY E 432 47.59 28.53 10.33
C GLY E 432 48.66 28.79 11.37
N LEU E 433 48.92 30.06 11.61
CA LEU E 433 50.03 30.50 12.45
C LEU E 433 49.55 30.74 13.88
N GLY E 434 50.08 29.95 14.82
CA GLY E 434 49.81 30.16 16.23
C GLY E 434 50.83 31.08 16.86
N LYS E 435 50.65 31.31 18.16
CA LYS E 435 51.52 32.19 18.92
C LYS E 435 52.74 31.46 19.49
N THR E 436 52.82 30.14 19.31
CA THR E 436 53.92 29.35 19.85
C THR E 436 54.37 28.34 18.80
N THR E 437 55.68 28.18 18.67
CA THR E 437 56.23 27.35 17.61
C THR E 437 57.52 26.70 18.07
N PRO E 438 57.89 25.55 17.52
CA PRO E 438 59.23 25.01 17.78
C PRO E 438 60.29 25.99 17.35
N ASP E 439 61.44 25.91 17.99
CA ASP E 439 62.57 26.78 17.66
C ASP E 439 63.06 26.41 16.26
N PRO E 440 62.89 27.26 15.25
CA PRO E 440 63.35 26.89 13.90
C PRO E 440 64.84 26.63 13.81
N SER E 441 65.65 27.32 14.62
CA SER E 441 67.09 27.12 14.58
C SER E 441 67.50 25.68 14.89
N ALA E 442 66.61 24.90 15.52
CA ALA E 442 66.90 23.53 15.91
C ALA E 442 66.47 22.51 14.86
N ASN E 443 66.05 22.95 13.68
CA ASN E 443 65.55 22.05 12.64
C ASN E 443 66.53 20.91 12.38
N ILE E 444 66.01 19.81 11.82
CA ILE E 444 66.81 18.62 11.55
C ILE E 444 66.36 18.04 10.22
N SER E 445 67.32 17.44 9.50
CA SER E 445 67.06 16.86 8.19
C SER E 445 67.20 15.35 8.30
N LEU E 446 66.08 14.64 8.16
CA LEU E 446 66.05 13.19 8.06
C LEU E 446 65.60 12.82 6.66
N ASP E 447 66.46 12.10 5.92
CA ASP E 447 66.18 11.75 4.53
C ASP E 447 65.70 12.98 3.75
N GLY E 448 66.39 14.10 3.96
CA GLY E 448 66.03 15.33 3.28
C GLY E 448 64.66 15.86 3.67
N VAL E 449 64.29 15.71 4.94
CA VAL E 449 62.98 16.14 5.44
C VAL E 449 63.21 16.97 6.69
N ASP E 450 62.84 18.25 6.62
CA ASP E 450 62.95 19.11 7.80
C ASP E 450 62.12 18.56 8.95
N VAL E 451 62.64 18.71 10.16
CA VAL E 451 61.96 18.24 11.37
C VAL E 451 62.01 19.37 12.39
N PRO E 452 60.86 19.92 12.83
CA PRO E 452 60.88 21.08 13.73
C PRO E 452 60.86 20.67 15.21
N LEU E 453 61.92 19.99 15.63
CA LEU E 453 62.00 19.46 16.99
C LEU E 453 62.52 20.48 17.99
N GLY E 454 62.61 21.75 17.62
CA GLY E 454 63.05 22.77 18.55
C GLY E 454 62.14 22.86 19.76
N THR E 455 62.49 23.72 20.72
CA THR E 455 61.67 23.93 21.90
C THR E 455 60.63 25.01 21.63
N GLY E 456 59.55 24.97 22.40
CA GLY E 456 58.48 25.93 22.24
C GLY E 456 58.89 27.35 22.57
N ILE E 457 58.93 28.21 21.56
CA ILE E 457 59.21 29.63 21.75
C ILE E 457 58.07 30.44 21.15
N SER E 458 58.15 31.76 21.31
CA SER E 458 57.12 32.66 20.80
C SER E 458 57.40 33.02 19.35
N SER E 459 56.37 32.92 18.51
CA SER E 459 56.44 33.41 17.15
C SER E 459 56.04 34.88 17.13
N GLY E 460 56.72 35.66 16.29
CA GLY E 460 56.49 37.09 16.26
C GLY E 460 55.20 37.52 15.59
N VAL E 461 54.23 36.62 15.51
CA VAL E 461 52.98 36.90 14.81
C VAL E 461 52.04 37.66 15.75
N ASN E 462 51.67 38.87 15.34
CA ASN E 462 50.73 39.68 16.10
C ASN E 462 49.32 39.47 15.56
N ASP E 463 48.34 39.54 16.46
CA ASP E 463 46.93 39.45 16.09
C ASP E 463 46.65 38.13 15.38
N THR E 464 46.86 37.03 16.10
CA THR E 464 46.55 35.70 15.63
C THR E 464 45.69 34.99 16.67
N SER E 465 44.85 34.08 16.19
CA SER E 465 43.91 33.39 17.06
C SER E 465 44.39 32.02 17.50
N LEU E 466 45.19 31.33 16.70
CA LEU E 466 45.65 30.00 17.05
C LEU E 466 46.76 30.07 18.09
N LEU E 467 46.83 29.03 18.92
CA LEU E 467 47.89 28.93 19.92
C LEU E 467 49.09 28.14 19.39
N TYR E 468 48.83 27.03 18.70
CA TYR E 468 49.86 26.19 18.10
C TYR E 468 49.61 26.11 16.61
N ASN E 469 50.68 26.01 15.84
CA ASN E 469 50.56 26.01 14.38
C ASN E 469 49.69 24.84 13.91
N GLU E 470 49.12 25.00 12.72
CA GLU E 470 48.41 23.94 12.03
C GLU E 470 48.84 23.92 10.58
N TYR E 471 49.11 22.72 10.06
CA TYR E 471 49.41 22.54 8.64
C TYR E 471 48.27 21.79 7.98
N ILE E 472 48.01 22.10 6.71
CA ILE E 472 46.87 21.51 6.02
C ILE E 472 47.23 21.30 4.56
N VAL E 473 46.90 20.11 4.05
CA VAL E 473 46.96 19.83 2.63
C VAL E 473 45.57 19.38 2.18
N TYR E 474 45.38 19.37 0.86
CA TYR E 474 44.06 19.11 0.29
C TYR E 474 44.11 18.05 -0.81
N ASP E 475 45.21 17.30 -0.89
CA ASP E 475 45.34 16.16 -1.80
C ASP E 475 45.89 15.00 -1.01
N ILE E 476 45.11 13.93 -0.89
CA ILE E 476 45.49 12.81 -0.03
C ILE E 476 46.89 12.30 -0.36
N ALA E 477 47.34 12.52 -1.60
CA ALA E 477 48.64 12.00 -2.02
C ALA E 477 49.82 12.85 -1.55
N GLN E 478 49.57 14.00 -0.96
CA GLN E 478 50.65 14.83 -0.42
C GLN E 478 51.14 14.36 0.94
N VAL E 479 50.52 13.33 1.52
CA VAL E 479 50.95 12.78 2.80
C VAL E 479 51.52 11.39 2.58
N ASN E 480 52.59 11.07 3.30
CA ASN E 480 53.18 9.75 3.27
C ASN E 480 53.50 9.37 4.71
N LEU E 481 52.69 8.47 5.28
CA LEU E 481 52.89 8.06 6.66
C LEU E 481 54.21 7.32 6.80
N LYS E 482 55.04 7.75 7.75
CA LYS E 482 56.36 7.17 7.96
C LYS E 482 56.47 6.41 9.27
N TYR E 483 56.03 6.99 10.38
CA TYR E 483 56.14 6.37 11.68
C TYR E 483 54.82 6.45 12.43
N LEU E 484 54.70 5.63 13.47
CA LEU E 484 53.52 5.59 14.33
C LEU E 484 53.96 5.27 15.74
N LEU E 485 53.47 6.05 16.71
CA LEU E 485 53.94 5.96 18.09
C LEU E 485 52.82 5.48 19.02
N LYS E 486 53.21 4.65 19.98
CA LYS E 486 52.38 4.32 21.13
C LYS E 486 52.87 5.15 22.31
N LEU E 487 51.94 5.83 22.98
CA LEU E 487 52.30 6.76 24.05
C LEU E 487 51.38 6.58 25.24
N LYS E 488 51.97 6.62 26.44
CA LYS E 488 51.21 6.73 27.68
C LYS E 488 51.05 8.20 28.04
N PHE E 489 49.83 8.57 28.41
CA PHE E 489 49.49 9.92 28.88
C PHE E 489 49.51 9.87 30.40
N ASN E 490 50.68 10.10 30.98
CA ASN E 490 50.80 10.12 32.44
C ASN E 490 50.10 11.36 32.96
N PHE E 491 48.91 11.17 33.54
CA PHE E 491 48.13 12.28 34.06
C PHE E 491 48.64 12.69 35.43
N LYS E 492 48.46 13.97 35.75
CA LYS E 492 48.99 14.55 37.00
C LYS E 492 47.93 14.43 38.09
N THR E 493 47.63 13.19 38.45
CA THR E 493 46.69 12.86 39.50
C THR E 493 47.45 12.49 40.78
N SER E 494 46.73 11.92 41.76
CA SER E 494 47.34 11.64 43.06
C SER E 494 48.56 10.75 42.95
N LEU E 495 48.54 9.79 42.01
CA LEU E 495 49.68 8.90 41.84
C LEU E 495 50.89 9.68 41.36
N TRP E 496 50.74 10.45 40.28
CA TRP E 496 51.81 11.32 39.81
C TRP E 496 52.24 12.29 40.90
N LEU E 497 51.27 12.76 41.71
CA LEU E 497 51.60 13.73 42.75
C LEU E 497 52.46 13.12 43.84
N GLU E 498 52.23 11.83 44.17
CA GLU E 498 53.09 11.17 45.13
C GLU E 498 54.46 10.89 44.53
N HIS E 499 54.48 10.31 43.32
CA HIS E 499 55.77 9.99 42.70
C HIS E 499 56.60 11.24 42.44
N HIS E 500 55.96 12.41 42.39
CA HIS E 500 56.63 13.67 42.09
C HIS E 500 56.95 14.49 43.34
N HIS E 501 56.37 14.11 44.49
CA HIS E 501 56.60 14.79 45.76
C HIS E 501 56.99 13.72 46.79
N HIS E 502 58.28 13.40 46.84
CA HIS E 502 58.77 12.35 47.74
C HIS E 502 60.26 12.50 47.97
N ASP G 26 -2.61 27.65 23.45
CA ASP G 26 -1.80 28.86 23.48
C ASP G 26 -1.76 29.48 24.87
N LYS G 27 -2.94 29.72 25.46
CA LYS G 27 -3.07 30.40 26.73
C LYS G 27 -3.00 29.38 27.87
N LEU G 28 -3.46 29.76 29.05
CA LEU G 28 -3.61 28.85 30.19
C LEU G 28 -5.06 28.50 30.47
N TYR G 29 -5.92 29.49 30.57
CA TYR G 29 -7.34 29.28 30.82
C TYR G 29 -8.11 29.27 29.49
N ARG G 30 -9.23 28.56 29.49
CA ARG G 30 -10.07 28.43 28.32
C ARG G 30 -11.52 28.56 28.75
N VAL G 31 -12.35 29.11 27.88
CA VAL G 31 -13.77 29.27 28.17
C VAL G 31 -14.55 28.97 26.89
N GLU G 32 -15.64 28.22 27.03
CA GLU G 32 -16.44 27.92 25.84
C GLU G 32 -17.75 27.26 26.25
N TYR G 33 -18.62 27.12 25.26
CA TYR G 33 -19.88 26.40 25.45
C TYR G 33 -19.63 24.91 25.25
N ALA G 34 -20.07 24.12 26.23
CA ALA G 34 -19.75 22.69 26.23
C ALA G 34 -20.19 22.02 24.93
N LYS G 35 -19.23 21.49 24.20
CA LYS G 35 -19.53 20.84 22.93
C LYS G 35 -20.22 19.50 23.12
N SER G 36 -20.19 18.95 24.34
CA SER G 36 -20.87 17.70 24.64
C SER G 36 -21.21 17.68 26.12
N GLY G 37 -22.40 17.18 26.45
CA GLY G 37 -22.79 17.05 27.84
C GLY G 37 -22.23 15.81 28.48
N ARG G 38 -20.91 15.76 28.63
CA ARG G 38 -20.23 14.51 28.97
C ARG G 38 -19.02 14.71 29.87
N ALA G 39 -18.50 15.94 29.92
CA ALA G 39 -17.29 16.20 30.70
C ALA G 39 -17.65 16.34 32.18
N SER G 40 -16.90 15.66 33.03
CA SER G 40 -17.11 15.76 34.47
C SER G 40 -16.27 16.89 35.05
N CYS G 41 -16.89 17.70 35.91
CA CYS G 41 -16.18 18.77 36.59
C CYS G 41 -15.10 18.20 37.49
N LYS G 42 -13.92 18.81 37.47
CA LYS G 42 -12.83 18.34 38.31
C LYS G 42 -13.03 18.70 39.78
N LYS G 43 -14.07 19.47 40.10
CA LYS G 43 -14.36 19.84 41.48
C LYS G 43 -15.50 18.99 42.02
N CYS G 44 -16.70 19.15 41.47
CA CYS G 44 -17.89 18.44 41.92
C CYS G 44 -18.10 17.09 41.24
N SER G 45 -17.25 16.75 40.27
CA SER G 45 -17.29 15.43 39.61
C SER G 45 -18.70 15.08 39.17
N GLU G 46 -19.36 16.04 38.52
CA GLU G 46 -20.68 15.84 37.95
C GLU G 46 -20.66 16.23 36.47
N SER G 47 -21.50 15.56 35.69
CA SER G 47 -21.56 15.80 34.25
C SER G 47 -21.85 17.26 33.96
N ILE G 48 -20.97 17.89 33.20
CA ILE G 48 -21.23 19.24 32.66
C ILE G 48 -22.17 19.10 31.47
N PRO G 49 -23.29 19.83 31.43
CA PRO G 49 -24.26 19.64 30.35
C PRO G 49 -23.78 20.27 29.05
N LYS G 50 -24.50 19.96 27.97
CA LYS G 50 -24.12 20.41 26.64
C LYS G 50 -24.55 21.85 26.41
N ASP G 51 -23.78 22.56 25.59
CA ASP G 51 -24.00 23.95 25.24
C ASP G 51 -23.95 24.88 26.44
N SER G 52 -23.47 24.41 27.59
CA SER G 52 -23.40 25.22 28.79
C SER G 52 -22.03 25.88 28.92
N LEU G 53 -22.03 27.08 29.51
CA LEU G 53 -20.79 27.79 29.74
C LEU G 53 -19.89 26.98 30.67
N ARG G 54 -18.65 26.74 30.24
CA ARG G 54 -17.70 26.00 31.04
C ARG G 54 -16.32 26.61 30.89
N MET G 55 -15.51 26.47 31.93
CA MET G 55 -14.18 27.04 31.95
C MET G 55 -13.17 25.96 32.28
N ALA G 56 -12.10 25.90 31.51
CA ALA G 56 -11.06 24.91 31.68
C ALA G 56 -9.75 25.57 32.08
N ILE G 57 -8.94 24.83 32.82
CA ILE G 57 -7.53 25.14 33.02
C ILE G 57 -6.71 24.10 32.25
N MET G 58 -5.82 24.57 31.38
CA MET G 58 -5.03 23.67 30.56
C MET G 58 -3.88 23.11 31.39
N VAL G 59 -3.87 21.79 31.60
CA VAL G 59 -2.82 21.16 32.39
C VAL G 59 -2.13 20.08 31.55
N GLN G 60 -0.84 19.90 31.80
CA GLN G 60 -0.12 18.84 31.12
C GLN G 60 -0.69 17.48 31.51
N SER G 61 -0.70 16.57 30.56
CA SER G 61 -1.22 15.25 30.84
C SER G 61 -0.09 14.28 31.16
N PRO G 62 -0.32 13.31 32.06
CA PRO G 62 0.68 12.26 32.30
C PRO G 62 0.52 11.05 31.39
N MET G 63 -0.58 10.97 30.66
CA MET G 63 -0.82 9.83 29.79
C MET G 63 -0.15 9.98 28.43
N PHE G 64 0.04 11.21 27.95
CA PHE G 64 0.61 11.41 26.63
C PHE G 64 1.20 12.82 26.56
N ASP G 65 1.91 13.07 25.46
CA ASP G 65 2.64 14.32 25.26
C ASP G 65 1.70 15.40 24.71
N GLY G 66 0.83 15.88 25.58
CA GLY G 66 -0.09 16.94 25.22
C GLY G 66 -0.86 17.53 26.38
N LYS G 67 -1.11 18.84 26.34
CA LYS G 67 -1.97 19.46 27.33
C LYS G 67 -3.40 18.99 27.15
N VAL G 68 -4.17 19.08 28.23
CA VAL G 68 -5.56 18.64 28.25
C VAL G 68 -6.34 19.65 29.09
N PRO G 69 -7.59 19.97 28.71
CA PRO G 69 -8.38 20.90 29.51
C PRO G 69 -8.99 20.20 30.71
N HIS G 70 -8.87 20.83 31.88
CA HIS G 70 -9.57 20.40 33.07
C HIS G 70 -10.79 21.31 33.21
N TRP G 71 -11.99 20.74 33.01
CA TRP G 71 -13.20 21.51 32.88
C TRP G 71 -13.90 21.69 34.21
N TYR G 72 -14.48 22.88 34.41
CA TYR G 72 -15.27 23.21 35.57
C TYR G 72 -16.53 23.93 35.11
N HIS G 73 -17.63 23.68 35.83
CA HIS G 73 -18.79 24.56 35.73
C HIS G 73 -18.34 25.99 35.98
N PHE G 74 -19.01 26.94 35.33
CA PHE G 74 -18.62 28.33 35.49
C PHE G 74 -18.60 28.73 36.96
N SER G 75 -19.56 28.22 37.74
CA SER G 75 -19.58 28.48 39.18
C SER G 75 -18.36 27.84 39.85
N CYS G 76 -18.22 26.52 39.72
CA CYS G 76 -17.16 25.80 40.41
C CYS G 76 -15.78 26.39 40.13
N PHE G 77 -15.62 27.06 38.99
CA PHE G 77 -14.28 27.45 38.57
C PHE G 77 -13.68 28.51 39.48
N TRP G 78 -14.50 29.41 40.02
CA TRP G 78 -13.97 30.47 40.88
C TRP G 78 -13.80 30.01 42.32
N LYS G 79 -14.46 28.93 42.71
CA LYS G 79 -14.31 28.39 44.07
C LYS G 79 -12.97 27.69 44.26
N VAL G 80 -12.18 27.48 43.21
CA VAL G 80 -10.90 26.81 43.31
C VAL G 80 -9.79 27.83 43.49
N GLY G 81 -10.14 29.11 43.66
CA GLY G 81 -9.17 30.13 43.98
C GLY G 81 -8.32 30.60 42.85
N HIS G 82 -8.69 30.32 41.60
CA HIS G 82 -7.95 30.82 40.46
C HIS G 82 -8.18 32.31 40.32
N SER G 83 -7.11 33.10 40.44
CA SER G 83 -7.20 34.56 40.48
C SER G 83 -6.90 35.11 39.09
N ILE G 84 -7.91 35.07 38.23
CA ILE G 84 -7.77 35.58 36.87
C ILE G 84 -7.92 37.10 36.92
N ARG G 85 -6.86 37.81 36.55
CA ARG G 85 -6.90 39.26 36.55
C ARG G 85 -7.74 39.79 35.39
N HIS G 86 -7.44 39.36 34.17
CA HIS G 86 -8.09 39.87 32.96
C HIS G 86 -8.56 38.71 32.09
N PRO G 87 -9.87 38.48 31.95
CA PRO G 87 -10.31 37.36 31.13
C PRO G 87 -10.03 37.52 29.64
N ASP G 88 -10.26 38.72 29.09
CA ASP G 88 -10.13 38.91 27.65
C ASP G 88 -8.77 38.49 27.11
N VAL G 89 -7.75 38.42 27.96
CA VAL G 89 -6.39 38.14 27.53
C VAL G 89 -5.90 36.81 28.08
N GLU G 90 -6.19 36.51 29.34
CA GLU G 90 -5.69 35.29 29.97
C GLU G 90 -6.45 34.05 29.53
N VAL G 91 -7.68 34.20 29.04
CA VAL G 91 -8.54 33.07 28.71
C VAL G 91 -8.66 33.00 27.19
N ASP G 92 -8.26 31.87 26.62
CA ASP G 92 -8.47 31.62 25.20
C ASP G 92 -9.95 31.43 24.93
N GLY G 93 -10.40 31.94 23.78
CA GLY G 93 -11.80 31.80 23.39
C GLY G 93 -12.75 32.76 24.06
N PHE G 94 -12.25 33.72 24.84
CA PHE G 94 -13.13 34.72 25.42
C PHE G 94 -13.81 35.55 24.34
N SER G 95 -13.04 36.01 23.35
CA SER G 95 -13.52 36.93 22.34
C SER G 95 -14.64 36.34 21.48
N GLU G 96 -14.96 35.06 21.68
CA GLU G 96 -15.92 34.36 20.87
C GLU G 96 -17.20 34.00 21.61
N LEU G 97 -17.30 34.32 22.90
CA LEU G 97 -18.52 34.10 23.66
C LEU G 97 -19.59 35.11 23.25
N ARG G 98 -20.81 34.85 23.71
CA ARG G 98 -21.88 35.84 23.61
C ARG G 98 -21.56 37.04 24.50
N TRP G 99 -22.19 38.18 24.20
CA TRP G 99 -21.81 39.42 24.85
C TRP G 99 -22.11 39.38 26.35
N ASP G 100 -23.37 39.11 26.71
CA ASP G 100 -23.74 39.08 28.11
C ASP G 100 -22.91 38.07 28.89
N ASP G 101 -22.56 36.95 28.26
CA ASP G 101 -21.71 35.97 28.94
C ASP G 101 -20.30 36.50 29.12
N GLN G 102 -19.78 37.25 28.15
CA GLN G 102 -18.50 37.91 28.33
C GLN G 102 -18.55 38.85 29.52
N GLN G 103 -19.63 39.63 29.64
CA GLN G 103 -19.78 40.53 30.77
C GLN G 103 -19.83 39.76 32.09
N LYS G 104 -20.53 38.62 32.10
CA LYS G 104 -20.60 37.82 33.33
C LYS G 104 -19.23 37.29 33.72
N VAL G 105 -18.49 36.75 32.76
CA VAL G 105 -17.15 36.24 33.03
C VAL G 105 -16.24 37.38 33.50
N LYS G 106 -16.44 38.59 32.97
CA LYS G 106 -15.59 39.70 33.33
C LYS G 106 -15.88 40.20 34.74
N LYS G 107 -17.16 40.30 35.10
CA LYS G 107 -17.52 40.69 36.47
C LYS G 107 -17.06 39.65 37.47
N THR G 108 -17.39 38.37 37.24
CA THR G 108 -17.03 37.33 38.19
C THR G 108 -15.53 37.17 38.33
N ALA G 109 -14.75 37.68 37.37
CA ALA G 109 -13.29 37.66 37.48
C ALA G 109 -12.77 38.56 38.58
N GLU G 110 -13.64 39.32 39.24
CA GLU G 110 -13.26 40.24 40.30
C GLU G 110 -13.78 39.82 41.67
N ALA G 111 -14.93 39.18 41.73
CA ALA G 111 -15.51 38.74 42.99
C ALA G 111 -16.15 37.36 42.83
N GLU G 137 -11.57 60.82 23.46
CA GLU G 137 -11.04 59.51 23.81
C GLU G 137 -12.11 58.62 24.43
N LYS G 138 -12.70 59.10 25.53
CA LYS G 138 -13.69 58.30 26.26
C LYS G 138 -14.99 58.15 25.47
N ASP G 139 -15.41 59.21 24.79
CA ASP G 139 -16.63 59.15 23.98
C ASP G 139 -16.49 58.09 22.88
N LYS G 140 -15.44 58.18 22.08
CA LYS G 140 -15.20 57.20 21.03
C LYS G 140 -15.03 55.81 21.62
N ASP G 141 -14.44 55.72 22.83
CA ASP G 141 -14.33 54.43 23.51
C ASP G 141 -15.70 53.80 23.70
N SER G 142 -16.64 54.54 24.30
CA SER G 142 -17.99 54.01 24.50
C SER G 142 -18.63 53.62 23.18
N LYS G 143 -18.47 54.46 22.15
CA LYS G 143 -19.12 54.16 20.86
C LYS G 143 -18.58 52.87 20.25
N LEU G 144 -17.25 52.68 20.30
CA LEU G 144 -16.68 51.45 19.78
C LEU G 144 -17.12 50.23 20.58
N GLU G 145 -17.28 50.39 21.91
CA GLU G 145 -17.81 49.28 22.69
C GLU G 145 -19.20 48.87 22.20
N LYS G 146 -20.07 49.86 21.96
CA LYS G 146 -21.41 49.53 21.46
C LYS G 146 -21.32 48.83 20.10
N ALA G 147 -20.42 49.30 19.23
CA ALA G 147 -20.24 48.63 17.94
C ALA G 147 -19.82 47.17 18.10
N LEU G 148 -18.94 46.90 19.08
CA LEU G 148 -18.52 45.53 19.33
C LEU G 148 -19.70 44.66 19.77
N LYS G 149 -20.50 45.16 20.72
CA LYS G 149 -21.69 44.41 21.11
C LYS G 149 -22.56 44.13 19.90
N ALA G 150 -22.75 45.14 19.04
CA ALA G 150 -23.54 44.95 17.83
C ALA G 150 -23.03 43.75 17.03
N GLN G 151 -21.73 43.76 16.70
CA GLN G 151 -21.19 42.69 15.85
C GLN G 151 -21.33 41.32 16.51
N ASN G 152 -21.11 41.26 17.83
CA ASN G 152 -21.19 39.97 18.52
C ASN G 152 -22.61 39.40 18.46
N ASP G 153 -23.59 40.19 18.94
CA ASP G 153 -24.97 39.72 18.90
C ASP G 153 -25.41 39.41 17.46
N LEU G 154 -24.86 40.14 16.49
CA LEU G 154 -25.18 39.88 15.09
C LEU G 154 -24.75 38.48 14.68
N ILE G 155 -23.47 38.16 14.87
CA ILE G 155 -22.97 36.83 14.49
C ILE G 155 -23.78 35.76 15.20
N TRP G 156 -24.14 36.00 16.46
CA TRP G 156 -24.86 34.96 17.20
C TRP G 156 -26.27 34.75 16.68
N ASN G 157 -26.99 35.83 16.36
CA ASN G 157 -28.30 35.67 15.74
C ASN G 157 -28.18 34.91 14.42
N ILE G 158 -27.12 35.19 13.65
CA ILE G 158 -26.93 34.47 12.39
C ILE G 158 -26.77 32.98 12.65
N LYS G 159 -25.90 32.62 13.59
CA LYS G 159 -25.67 31.21 13.88
C LYS G 159 -26.95 30.53 14.35
N ASP G 160 -27.77 31.25 15.13
CA ASP G 160 -29.00 30.66 15.63
C ASP G 160 -30.02 30.44 14.50
N GLU G 161 -30.17 31.43 13.62
CA GLU G 161 -31.02 31.25 12.45
C GLU G 161 -30.57 30.04 11.63
N LEU G 162 -29.26 29.95 11.37
CA LEU G 162 -28.73 28.83 10.61
C LEU G 162 -29.11 27.51 11.26
N LYS G 163 -28.77 27.34 12.55
CA LYS G 163 -29.11 26.10 13.23
C LYS G 163 -30.61 25.84 13.21
N LYS G 164 -31.42 26.90 13.14
CA LYS G 164 -32.86 26.71 13.09
C LYS G 164 -33.30 26.09 11.76
N VAL G 165 -32.80 26.62 10.65
CA VAL G 165 -33.32 26.25 9.33
C VAL G 165 -32.50 25.15 8.67
N CYS G 166 -31.18 25.17 8.82
CA CYS G 166 -30.30 24.29 8.07
C CYS G 166 -29.91 23.06 8.88
N SER G 167 -29.39 22.07 8.18
CA SER G 167 -28.79 20.90 8.78
C SER G 167 -27.27 21.01 8.70
N THR G 168 -26.58 20.10 9.41
CA THR G 168 -25.12 20.11 9.37
C THR G 168 -24.60 19.93 7.96
N ASN G 169 -25.20 19.02 7.19
CA ASN G 169 -24.75 18.79 5.82
C ASN G 169 -25.06 19.98 4.93
N ASP G 170 -26.17 20.67 5.17
CA ASP G 170 -26.45 21.91 4.46
C ASP G 170 -25.32 22.92 4.67
N LEU G 171 -24.86 23.05 5.92
CA LEU G 171 -23.78 23.98 6.21
C LEU G 171 -22.47 23.54 5.58
N LYS G 172 -22.20 22.23 5.59
CA LYS G 172 -21.03 21.72 4.89
C LYS G 172 -21.09 22.10 3.42
N GLU G 173 -22.26 21.97 2.80
CA GLU G 173 -22.40 22.30 1.39
C GLU G 173 -22.23 23.80 1.15
N LEU G 174 -22.77 24.62 2.05
CA LEU G 174 -22.53 26.06 1.97
C LEU G 174 -21.03 26.36 2.00
N LEU G 175 -20.29 25.70 2.88
CA LEU G 175 -18.85 25.92 2.95
C LEU G 175 -18.16 25.48 1.66
N ILE G 176 -18.54 24.31 1.14
CA ILE G 176 -17.92 23.79 -0.08
C ILE G 176 -18.15 24.77 -1.23
N PHE G 177 -19.41 25.18 -1.43
CA PHE G 177 -19.74 26.05 -2.56
C PHE G 177 -18.89 27.30 -2.57
N ASN G 178 -18.57 27.83 -1.40
CA ASN G 178 -17.76 29.03 -1.28
C ASN G 178 -16.26 28.75 -1.25
N LYS G 179 -15.84 27.53 -1.59
CA LYS G 179 -14.43 27.18 -1.65
C LYS G 179 -13.79 27.28 -0.26
N GLN G 180 -14.50 26.75 0.73
CA GLN G 180 -14.04 26.74 2.11
C GLN G 180 -13.88 25.31 2.60
N GLN G 181 -12.83 25.07 3.38
CA GLN G 181 -12.61 23.76 3.98
C GLN G 181 -13.66 23.49 5.04
N VAL G 182 -14.09 22.24 5.13
CA VAL G 182 -15.11 21.83 6.10
C VAL G 182 -14.39 21.36 7.38
N PRO G 183 -14.49 22.09 8.48
CA PRO G 183 -13.78 21.70 9.70
C PRO G 183 -14.52 20.58 10.43
N SER G 184 -13.90 20.13 11.52
CA SER G 184 -14.46 19.08 12.35
C SER G 184 -15.26 19.71 13.48
N GLY G 185 -16.50 19.24 13.67
CA GLY G 185 -17.32 19.73 14.75
C GLY G 185 -18.37 20.72 14.30
N GLU G 186 -19.64 20.33 14.49
CA GLU G 186 -20.78 21.17 14.12
C GLU G 186 -20.57 22.63 14.51
N SER G 187 -20.11 22.86 15.75
CA SER G 187 -19.84 24.21 16.23
C SER G 187 -18.97 24.97 15.23
N ALA G 188 -17.79 24.44 14.93
CA ALA G 188 -16.87 25.11 14.03
C ALA G 188 -17.46 25.26 12.64
N ILE G 189 -18.22 24.25 12.19
CA ILE G 189 -18.84 24.33 10.87
C ILE G 189 -19.68 25.60 10.76
N LEU G 190 -20.65 25.77 11.66
CA LEU G 190 -21.53 26.93 11.52
C LEU G 190 -20.82 28.23 11.90
N ASP G 191 -19.81 28.17 12.78
CA ASP G 191 -18.98 29.34 13.04
C ASP G 191 -18.37 29.86 11.74
N ARG G 192 -17.79 28.97 10.94
CA ARG G 192 -17.14 29.40 9.71
C ARG G 192 -18.14 29.79 8.65
N VAL G 193 -19.31 29.12 8.60
CA VAL G 193 -20.37 29.58 7.70
C VAL G 193 -20.72 31.03 8.00
N ALA G 194 -20.87 31.36 9.28
CA ALA G 194 -21.20 32.73 9.65
C ALA G 194 -20.07 33.69 9.28
N ASP G 195 -18.83 33.31 9.56
CA ASP G 195 -17.69 34.15 9.18
C ASP G 195 -17.74 34.47 7.69
N GLY G 196 -17.90 33.45 6.86
CA GLY G 196 -17.94 33.67 5.42
C GLY G 196 -19.10 34.55 5.00
N MET G 197 -20.29 34.31 5.56
CA MET G 197 -21.45 35.11 5.18
C MET G 197 -21.29 36.56 5.58
N VAL G 198 -20.61 36.83 6.69
CA VAL G 198 -20.47 38.21 7.14
C VAL G 198 -19.38 38.94 6.36
N PHE G 199 -18.20 38.32 6.24
CA PHE G 199 -17.04 38.98 5.66
C PHE G 199 -16.67 38.46 4.28
N GLY G 200 -17.12 37.27 3.91
CA GLY G 200 -16.87 36.75 2.57
C GLY G 200 -16.09 35.46 2.56
N ALA G 201 -16.26 34.68 1.49
CA ALA G 201 -15.49 33.45 1.32
C ALA G 201 -14.01 33.75 1.45
N LEU G 202 -13.37 33.23 2.50
CA LEU G 202 -11.95 33.45 2.69
C LEU G 202 -11.17 32.91 1.49
N LEU G 203 -10.21 33.70 1.02
CA LEU G 203 -9.39 33.23 -0.09
C LEU G 203 -8.23 32.39 0.45
N PRO G 204 -7.85 31.31 -0.26
CA PRO G 204 -6.76 30.46 0.24
C PRO G 204 -5.50 31.23 0.63
N CYS G 205 -4.63 30.56 1.38
CA CYS G 205 -3.40 31.18 1.84
C CYS G 205 -2.48 31.51 0.67
N GLU G 206 -1.70 32.57 0.83
CA GLU G 206 -0.84 33.03 -0.26
C GLU G 206 0.33 32.09 -0.48
N GLU G 207 0.76 31.36 0.55
CA GLU G 207 1.93 30.49 0.48
C GLU G 207 1.56 29.01 0.50
N CYS G 208 0.94 28.53 1.58
CA CYS G 208 0.63 27.11 1.69
C CYS G 208 -0.64 26.71 0.95
N SER G 209 -1.50 27.67 0.62
CA SER G 209 -2.74 27.43 -0.10
C SER G 209 -3.82 26.77 0.76
N GLY G 210 -3.66 26.80 2.09
CA GLY G 210 -4.64 26.26 3.00
C GLY G 210 -5.58 27.33 3.51
N GLN G 211 -6.72 26.90 4.05
CA GLN G 211 -7.72 27.85 4.52
C GLN G 211 -7.26 28.51 5.81
N LEU G 212 -7.61 29.79 5.96
CA LEU G 212 -7.40 30.50 7.20
C LEU G 212 -8.66 30.44 8.06
N VAL G 213 -8.47 30.61 9.36
CA VAL G 213 -9.57 30.59 10.32
C VAL G 213 -9.38 31.71 11.32
N PHE G 214 -10.48 32.32 11.73
CA PHE G 214 -10.42 33.39 12.71
C PHE G 214 -10.11 32.83 14.09
N LYS G 215 -9.08 33.36 14.73
CA LYS G 215 -8.78 33.10 16.12
C LYS G 215 -9.17 34.34 16.93
N SER G 216 -8.92 34.28 18.25
CA SER G 216 -9.31 35.38 19.12
C SER G 216 -8.83 36.73 18.58
N ASP G 217 -7.61 36.78 18.05
CA ASP G 217 -6.98 38.05 17.71
C ASP G 217 -6.72 38.27 16.23
N ALA G 218 -6.67 37.22 15.41
CA ALA G 218 -6.34 37.37 14.00
C ALA G 218 -6.77 36.13 13.23
N TYR G 219 -6.70 36.23 11.91
CA TYR G 219 -6.95 35.09 11.04
C TYR G 219 -5.64 34.31 10.91
N TYR G 220 -5.58 33.14 11.54
CA TYR G 220 -4.41 32.28 11.49
C TYR G 220 -4.61 31.22 10.41
N CYS G 221 -3.54 30.91 9.67
CA CYS G 221 -3.59 29.89 8.65
C CYS G 221 -3.44 28.51 9.29
N THR G 222 -4.16 27.53 8.73
CA THR G 222 -4.21 26.18 9.30
C THR G 222 -3.65 25.15 8.33
N GLY G 223 -2.78 25.56 7.41
CA GLY G 223 -2.28 24.68 6.39
C GLY G 223 -0.88 24.14 6.69
N ASP G 224 -0.46 23.20 5.85
CA ASP G 224 0.85 22.56 5.99
C ASP G 224 1.77 23.09 4.89
N VAL G 225 2.84 23.77 5.29
CA VAL G 225 3.88 24.15 4.34
C VAL G 225 4.71 22.93 3.94
N THR G 226 4.66 21.87 4.73
CA THR G 226 5.35 20.63 4.42
C THR G 226 4.86 19.57 5.39
N ALA G 227 5.10 18.29 5.04
CA ALA G 227 4.69 17.20 5.90
C ALA G 227 5.37 17.24 7.27
N TRP G 228 6.38 18.09 7.44
CA TRP G 228 7.14 18.16 8.68
C TRP G 228 6.73 19.32 9.57
N THR G 229 6.39 20.46 9.00
CA THR G 229 6.10 21.66 9.77
C THR G 229 4.85 22.32 9.20
N LYS G 230 4.09 22.97 10.08
CA LYS G 230 2.85 23.63 9.71
C LYS G 230 3.10 25.10 9.41
N CYS G 231 2.13 25.72 8.74
CA CYS G 231 2.23 27.13 8.37
C CYS G 231 1.83 28.00 9.55
N MET G 232 2.34 29.25 9.54
CA MET G 232 2.13 30.15 10.66
C MET G 232 1.78 31.57 10.23
N VAL G 233 1.21 31.75 9.04
CA VAL G 233 0.79 33.08 8.60
C VAL G 233 -0.35 33.57 9.48
N LYS G 234 -0.32 34.86 9.80
CA LYS G 234 -1.43 35.51 10.48
C LYS G 234 -1.60 36.91 9.91
N THR G 235 -2.84 37.38 9.91
CA THR G 235 -3.15 38.72 9.42
C THR G 235 -4.59 39.04 9.80
N GLN G 236 -4.82 40.31 10.10
CA GLN G 236 -6.16 40.80 10.36
C GLN G 236 -6.92 41.19 9.10
N THR G 237 -6.25 41.25 7.95
CA THR G 237 -6.86 41.61 6.68
C THR G 237 -6.61 40.49 5.68
N PRO G 238 -7.36 39.39 5.78
CA PRO G 238 -7.24 38.34 4.76
C PRO G 238 -8.04 38.66 3.52
N ASN G 239 -7.50 38.29 2.37
CA ASN G 239 -8.23 38.45 1.12
C ASN G 239 -9.44 37.52 1.11
N ARG G 240 -10.54 38.01 0.54
CA ARG G 240 -11.75 37.20 0.45
C ARG G 240 -12.59 37.69 -0.72
N LYS G 241 -13.22 36.76 -1.42
CA LYS G 241 -14.24 37.07 -2.41
C LYS G 241 -15.61 37.12 -1.73
N GLU G 242 -16.61 37.56 -2.47
CA GLU G 242 -17.95 37.72 -1.89
C GLU G 242 -18.59 36.37 -1.63
N TRP G 243 -19.32 36.26 -0.52
CA TRP G 243 -20.01 35.03 -0.20
C TRP G 243 -21.17 34.82 -1.16
N VAL G 244 -21.42 33.56 -1.51
CA VAL G 244 -22.43 33.19 -2.50
C VAL G 244 -23.23 32.04 -1.94
N THR G 245 -24.48 32.29 -1.57
CA THR G 245 -25.38 31.22 -1.16
C THR G 245 -25.89 30.49 -2.40
N PRO G 246 -25.76 29.18 -2.49
CA PRO G 246 -26.35 28.45 -3.62
C PRO G 246 -27.83 28.78 -3.75
N LYS G 247 -28.37 28.61 -4.96
CA LYS G 247 -29.76 28.98 -5.20
C LYS G 247 -30.73 28.01 -4.51
N GLU G 248 -30.29 26.77 -4.26
CA GLU G 248 -31.13 25.83 -3.51
C GLU G 248 -31.63 26.47 -2.22
N PHE G 249 -30.76 27.16 -1.50
CA PHE G 249 -31.08 27.74 -0.21
C PHE G 249 -31.65 29.15 -0.34
N ARG G 250 -32.02 29.58 -1.54
CA ARG G 250 -32.60 30.90 -1.71
C ARG G 250 -33.86 31.06 -0.87
N GLU G 251 -34.72 30.03 -0.85
CA GLU G 251 -35.91 30.08 -0.01
C GLU G 251 -35.54 30.34 1.45
N ILE G 252 -34.40 29.82 1.90
CA ILE G 252 -33.93 30.10 3.25
C ILE G 252 -33.02 31.31 3.29
N SER G 253 -32.47 31.74 2.15
CA SER G 253 -31.66 32.96 2.13
C SER G 253 -32.53 34.20 2.28
N TYR G 254 -33.76 34.15 1.75
CA TYR G 254 -34.76 35.13 2.16
C TYR G 254 -35.13 34.94 3.63
N LEU G 255 -34.97 33.72 4.14
CA LEU G 255 -35.00 33.46 5.58
C LEU G 255 -33.77 34.03 6.29
N LYS G 256 -32.88 34.69 5.55
CA LYS G 256 -31.88 35.58 6.12
C LYS G 256 -32.15 37.03 5.78
N LYS G 257 -33.14 37.31 4.93
CA LYS G 257 -33.55 38.68 4.59
C LYS G 257 -32.36 39.50 4.11
N LEU G 258 -31.39 38.84 3.48
CA LEU G 258 -30.18 39.50 3.05
C LEU G 258 -29.48 40.15 4.25
N LYS G 259 -29.62 41.46 4.40
CA LYS G 259 -28.98 42.20 5.49
C LYS G 259 -27.48 41.92 5.54
N VAL G 260 -26.88 41.80 4.35
CA VAL G 260 -25.46 41.43 4.27
C VAL G 260 -24.60 42.44 5.04
N LYS G 261 -24.88 43.74 4.87
CA LYS G 261 -24.06 44.78 5.48
C LYS G 261 -22.67 44.79 4.85
N LYS G 262 -21.91 45.85 5.08
CA LYS G 262 -20.54 45.97 4.62
C LYS G 262 -19.56 45.91 5.79
N GLN G 263 -19.91 45.09 6.80
CA GLN G 263 -19.10 45.02 8.01
C GLN G 263 -17.69 44.55 7.70
N ASP G 264 -16.77 44.87 8.61
CA ASP G 264 -15.39 44.42 8.56
C ASP G 264 -15.00 43.94 9.95
N ARG G 265 -14.25 42.85 10.01
CA ARG G 265 -13.94 42.21 11.29
C ARG G 265 -13.27 43.21 12.24
N ILE G 266 -13.87 43.38 13.41
CA ILE G 266 -13.32 44.27 14.44
C ILE G 266 -12.41 43.46 15.34
N PHE G 267 -11.13 43.85 15.41
CA PHE G 267 -10.17 43.08 16.18
C PHE G 267 -9.86 43.77 17.51
N PRO G 268 -9.49 43.00 18.54
CA PRO G 268 -9.10 43.63 19.81
C PRO G 268 -7.93 44.56 19.61
N PRO G 269 -7.76 45.57 20.49
CA PRO G 269 -6.64 46.51 20.39
C PRO G 269 -5.28 45.82 20.41
N ASP H 26 -35.40 -1.74 -6.62
CA ASP H 26 -36.21 -2.95 -6.68
C ASP H 26 -37.45 -2.77 -7.56
N LYS H 27 -38.22 -1.72 -7.28
CA LYS H 27 -39.48 -1.48 -7.95
C LYS H 27 -39.25 -0.64 -9.20
N LEU H 28 -40.29 -0.01 -9.73
CA LEU H 28 -40.19 0.94 -10.82
C LEU H 28 -40.40 2.37 -10.37
N TYR H 29 -41.46 2.64 -9.62
CA TYR H 29 -41.75 3.98 -9.11
C TYR H 29 -41.22 4.11 -7.70
N ARG H 30 -40.90 5.35 -7.32
CA ARG H 30 -40.36 5.66 -6.01
C ARG H 30 -41.04 6.92 -5.51
N VAL H 31 -41.22 7.02 -4.20
CA VAL H 31 -41.83 8.19 -3.58
C VAL H 31 -41.09 8.50 -2.29
N GLU H 32 -40.81 9.78 -2.06
CA GLU H 32 -40.12 10.14 -0.83
C GLU H 32 -40.10 11.64 -0.64
N TYR H 33 -39.66 12.06 0.54
CA TYR H 33 -39.47 13.47 0.83
C TYR H 33 -38.10 13.91 0.35
N ALA H 34 -38.07 14.98 -0.44
CA ALA H 34 -36.85 15.39 -1.11
C ALA H 34 -35.72 15.58 -0.10
N LYS H 35 -34.66 14.79 -0.26
CA LYS H 35 -33.52 14.87 0.64
C LYS H 35 -32.71 16.13 0.41
N SER H 36 -32.90 16.81 -0.72
CA SER H 36 -32.20 18.05 -1.01
C SER H 36 -33.04 18.88 -1.96
N GLY H 37 -33.09 20.18 -1.74
CA GLY H 37 -33.83 21.07 -2.61
C GLY H 37 -33.02 21.43 -3.84
N ARG H 38 -32.75 20.44 -4.70
CA ARG H 38 -31.76 20.61 -5.75
C ARG H 38 -32.11 19.84 -7.03
N ALA H 39 -33.01 18.88 -6.94
CA ALA H 39 -33.37 18.07 -8.10
C ALA H 39 -34.35 18.84 -8.98
N SER H 40 -34.08 18.87 -10.28
CA SER H 40 -34.98 19.51 -11.24
C SER H 40 -36.00 18.50 -11.73
N CYS H 41 -37.26 18.94 -11.79
CA CYS H 41 -38.34 18.11 -12.32
C CYS H 41 -38.10 17.84 -13.80
N LYS H 42 -38.31 16.59 -14.22
CA LYS H 42 -38.12 16.25 -15.62
C LYS H 42 -39.25 16.77 -16.51
N LYS H 43 -40.28 17.37 -15.91
CA LYS H 43 -41.39 17.94 -16.69
C LYS H 43 -41.26 19.45 -16.77
N CYS H 44 -41.37 20.13 -15.63
CA CYS H 44 -41.32 21.58 -15.57
C CYS H 44 -39.90 22.13 -15.42
N SER H 45 -38.90 21.27 -15.24
CA SER H 45 -37.50 21.67 -15.18
C SER H 45 -37.29 22.82 -14.18
N GLU H 46 -37.89 22.66 -13.01
CA GLU H 46 -37.73 23.61 -11.91
C GLU H 46 -37.26 22.88 -10.67
N SER H 47 -36.49 23.59 -9.83
CA SER H 47 -35.93 22.99 -8.63
C SER H 47 -37.03 22.43 -7.74
N ILE H 48 -36.93 21.15 -7.42
CA ILE H 48 -37.80 20.54 -6.41
C ILE H 48 -37.28 20.93 -5.03
N PRO H 49 -38.11 21.46 -4.14
CA PRO H 49 -37.61 21.94 -2.85
C PRO H 49 -37.31 20.79 -1.90
N LYS H 50 -36.65 21.13 -0.80
CA LYS H 50 -36.23 20.13 0.17
C LYS H 50 -37.38 19.71 1.07
N ASP H 51 -37.33 18.46 1.53
CA ASP H 51 -38.33 17.87 2.40
C ASP H 51 -39.72 17.82 1.76
N SER H 52 -39.83 18.07 0.47
CA SER H 52 -41.12 18.07 -0.21
C SER H 52 -41.41 16.71 -0.83
N LEU H 53 -42.69 16.36 -0.87
CA LEU H 53 -43.11 15.11 -1.47
C LEU H 53 -42.73 15.10 -2.95
N ARG H 54 -42.02 14.06 -3.38
CA ARG H 54 -41.62 13.94 -4.77
C ARG H 54 -41.71 12.48 -5.19
N MET H 55 -41.97 12.27 -6.48
CA MET H 55 -42.14 10.94 -7.03
C MET H 55 -41.20 10.75 -8.21
N ALA H 56 -40.48 9.65 -8.21
CA ALA H 56 -39.52 9.34 -9.26
C ALA H 56 -39.99 8.12 -10.04
N ILE H 57 -39.56 8.08 -11.30
CA ILE H 57 -39.60 6.88 -12.12
C ILE H 57 -38.16 6.43 -12.33
N MET H 58 -37.87 5.17 -12.00
CA MET H 58 -36.51 4.66 -12.12
C MET H 58 -36.23 4.29 -13.56
N VAL H 59 -35.27 4.96 -14.18
CA VAL H 59 -34.93 4.72 -15.58
C VAL H 59 -33.46 4.36 -15.68
N GLN H 60 -33.13 3.50 -16.64
CA GLN H 60 -31.74 3.16 -16.88
C GLN H 60 -30.98 4.41 -17.33
N SER H 61 -29.73 4.50 -16.92
CA SER H 61 -28.92 5.64 -17.30
C SER H 61 -28.04 5.30 -18.50
N PRO H 62 -27.79 6.27 -19.39
CA PRO H 62 -26.83 6.03 -20.48
C PRO H 62 -25.41 6.39 -20.11
N MET H 63 -25.19 7.07 -18.98
CA MET H 63 -23.86 7.48 -18.57
C MET H 63 -23.10 6.37 -17.85
N PHE H 64 -23.80 5.47 -17.18
CA PHE H 64 -23.14 4.43 -16.40
C PHE H 64 -24.10 3.27 -16.18
N ASP H 65 -23.56 2.18 -15.64
CA ASP H 65 -24.30 0.93 -15.45
C ASP H 65 -25.11 0.98 -14.16
N GLY H 66 -26.16 1.79 -14.18
CA GLY H 66 -27.04 1.89 -13.04
C GLY H 66 -28.32 2.66 -13.32
N LYS H 67 -29.41 2.23 -12.68
CA LYS H 67 -30.65 2.99 -12.76
C LYS H 67 -30.51 4.30 -12.00
N VAL H 68 -31.35 5.27 -12.38
CA VAL H 68 -31.31 6.60 -11.78
C VAL H 68 -32.76 7.05 -11.64
N PRO H 69 -33.11 7.77 -10.57
CA PRO H 69 -34.49 8.26 -10.43
C PRO H 69 -34.69 9.52 -11.26
N HIS H 70 -35.79 9.56 -12.01
CA HIS H 70 -36.26 10.76 -12.68
C HIS H 70 -37.36 11.37 -11.81
N TRP H 71 -37.06 12.52 -11.21
CA TRP H 71 -37.90 13.08 -10.16
C TRP H 71 -38.92 14.05 -10.74
N TYR H 72 -40.12 14.03 -10.17
CA TYR H 72 -41.21 14.92 -10.52
C TYR H 72 -41.84 15.44 -9.23
N HIS H 73 -42.26 16.71 -9.26
CA HIS H 73 -43.20 17.19 -8.25
C HIS H 73 -44.39 16.24 -8.19
N PHE H 74 -44.98 16.11 -7.00
CA PHE H 74 -46.10 15.20 -6.86
C PHE H 74 -47.21 15.54 -7.85
N SER H 75 -47.43 16.82 -8.11
CA SER H 75 -48.41 17.23 -9.11
C SER H 75 -47.97 16.80 -10.51
N CYS H 76 -46.78 17.27 -10.93
CA CYS H 76 -46.32 17.01 -12.29
C CYS H 76 -46.33 15.52 -12.62
N PHE H 77 -46.23 14.65 -11.61
CA PHE H 77 -46.01 13.24 -11.89
C PHE H 77 -47.22 12.59 -12.54
N TRP H 78 -48.43 13.02 -12.21
CA TRP H 78 -49.62 12.41 -12.79
C TRP H 78 -49.99 13.01 -14.13
N LYS H 79 -49.47 14.21 -14.45
CA LYS H 79 -49.72 14.81 -15.75
C LYS H 79 -48.93 14.14 -16.88
N VAL H 80 -48.02 13.22 -16.56
CA VAL H 80 -47.23 12.54 -17.58
C VAL H 80 -47.89 11.22 -17.97
N GLY H 81 -49.10 10.99 -17.47
CA GLY H 81 -49.88 9.84 -17.90
C GLY H 81 -49.46 8.52 -17.32
N HIS H 82 -48.65 8.50 -16.26
CA HIS H 82 -48.27 7.25 -15.62
C HIS H 82 -49.47 6.68 -14.88
N SER H 83 -49.93 5.49 -15.28
CA SER H 83 -51.16 4.90 -14.77
C SER H 83 -50.80 3.90 -13.67
N ILE H 84 -50.54 4.41 -12.48
CA ILE H 84 -50.21 3.58 -11.34
C ILE H 84 -51.49 3.00 -10.76
N ARG H 85 -51.62 1.67 -10.83
CA ARG H 85 -52.81 1.02 -10.31
C ARG H 85 -52.83 1.03 -8.78
N HIS H 86 -51.76 0.56 -8.16
CA HIS H 86 -51.69 0.40 -6.70
C HIS H 86 -50.40 0.99 -6.18
N PRO H 87 -50.44 2.11 -5.44
CA PRO H 87 -49.18 2.70 -4.95
C PRO H 87 -48.46 1.86 -3.92
N ASP H 88 -49.20 1.26 -2.96
CA ASP H 88 -48.56 0.55 -1.86
C ASP H 88 -47.61 -0.54 -2.33
N VAL H 89 -47.77 -1.02 -3.56
CA VAL H 89 -46.99 -2.14 -4.07
C VAL H 89 -46.08 -1.72 -5.22
N GLU H 90 -46.58 -0.88 -6.12
CA GLU H 90 -45.80 -0.48 -7.30
C GLU H 90 -44.74 0.57 -6.97
N VAL H 91 -44.89 1.31 -5.88
CA VAL H 91 -43.99 2.40 -5.54
C VAL H 91 -43.15 1.99 -4.34
N ASP H 92 -41.83 1.98 -4.52
CA ASP H 92 -40.93 1.74 -3.41
C ASP H 92 -40.97 2.93 -2.45
N GLY H 93 -40.87 2.64 -1.15
CA GLY H 93 -40.88 3.68 -0.15
C GLY H 93 -42.24 4.23 0.21
N PHE H 94 -43.32 3.66 -0.33
CA PHE H 94 -44.65 4.13 0.04
C PHE H 94 -44.92 3.89 1.53
N SER H 95 -44.58 2.70 2.02
CA SER H 95 -44.91 2.29 3.37
C SER H 95 -44.22 3.15 4.43
N GLU H 96 -43.37 4.08 4.00
CA GLU H 96 -42.59 4.89 4.92
C GLU H 96 -43.01 6.35 4.94
N LEU H 97 -43.97 6.75 4.11
CA LEU H 97 -44.46 8.12 4.11
C LEU H 97 -45.33 8.36 5.35
N ARG H 98 -45.65 9.64 5.57
CA ARG H 98 -46.64 9.98 6.57
C ARG H 98 -48.02 9.49 6.13
N TRP H 99 -48.93 9.36 7.11
CA TRP H 99 -50.21 8.70 6.83
C TRP H 99 -51.04 9.51 5.83
N ASP H 100 -51.31 10.78 6.14
CA ASP H 100 -52.12 11.60 5.27
C ASP H 100 -51.51 11.70 3.87
N ASP H 101 -50.18 11.70 3.77
CA ASP H 101 -49.55 11.72 2.46
C ASP H 101 -49.75 10.40 1.73
N GLN H 102 -49.71 9.29 2.45
CA GLN H 102 -50.05 8.01 1.84
C GLN H 102 -51.47 8.04 1.28
N GLN H 103 -52.41 8.59 2.05
CA GLN H 103 -53.79 8.69 1.56
C GLN H 103 -53.87 9.58 0.32
N LYS H 104 -53.12 10.68 0.30
CA LYS H 104 -53.13 11.56 -0.86
C LYS H 104 -52.59 10.85 -2.09
N VAL H 105 -51.47 10.15 -1.95
CA VAL H 105 -50.90 9.41 -3.07
C VAL H 105 -51.84 8.32 -3.53
N LYS H 106 -52.60 7.73 -2.59
CA LYS H 106 -53.49 6.63 -2.96
C LYS H 106 -54.72 7.16 -3.70
N LYS H 107 -55.29 8.27 -3.25
CA LYS H 107 -56.41 8.87 -3.96
C LYS H 107 -56.00 9.35 -5.34
N THR H 108 -54.91 10.14 -5.41
CA THR H 108 -54.48 10.68 -6.69
C THR H 108 -54.08 9.59 -7.68
N ALA H 109 -53.80 8.38 -7.19
CA ALA H 109 -53.50 7.27 -8.08
C ALA H 109 -54.70 6.81 -8.89
N GLU H 110 -55.88 7.40 -8.66
CA GLU H 110 -57.10 7.05 -9.37
C GLU H 110 -57.60 8.15 -10.29
N ALA H 111 -57.39 9.42 -9.91
CA ALA H 111 -57.84 10.55 -10.71
C ALA H 111 -56.78 11.65 -10.71
N SER H 134 -68.39 -11.65 6.74
CA SER H 134 -67.83 -10.35 6.37
C SER H 134 -68.12 -9.30 7.45
N LYS H 135 -68.38 -9.77 8.67
CA LYS H 135 -68.49 -8.88 9.83
C LYS H 135 -67.18 -8.84 10.61
N LYS H 136 -66.79 -9.97 11.21
CA LYS H 136 -65.48 -10.03 11.87
C LYS H 136 -64.37 -9.64 10.89
N GLU H 137 -64.47 -10.10 9.65
CA GLU H 137 -63.47 -9.78 8.64
C GLU H 137 -63.34 -8.26 8.48
N LYS H 138 -64.45 -7.61 8.10
CA LYS H 138 -64.42 -6.18 7.80
C LYS H 138 -64.18 -5.35 9.05
N ASP H 139 -64.77 -5.76 10.18
CA ASP H 139 -64.57 -5.04 11.44
C ASP H 139 -63.10 -5.05 11.85
N LYS H 140 -62.50 -6.24 11.92
CA LYS H 140 -61.09 -6.34 12.25
C LYS H 140 -60.22 -5.62 11.22
N ASP H 141 -60.65 -5.61 9.95
CA ASP H 141 -59.94 -4.85 8.94
C ASP H 141 -59.85 -3.37 9.32
N SER H 142 -61.00 -2.76 9.63
CA SER H 142 -60.99 -1.35 10.02
C SER H 142 -60.12 -1.13 11.25
N LYS H 143 -60.22 -2.02 12.24
CA LYS H 143 -59.44 -1.83 13.47
C LYS H 143 -57.94 -1.88 13.20
N LEU H 144 -57.51 -2.84 12.38
CA LEU H 144 -56.08 -2.91 12.04
C LEU H 144 -55.63 -1.69 11.25
N GLU H 145 -56.49 -1.16 10.37
CA GLU H 145 -56.13 0.08 9.68
C GLU H 145 -55.87 1.20 10.67
N LYS H 146 -56.74 1.34 11.68
CA LYS H 146 -56.52 2.40 12.67
C LYS H 146 -55.22 2.16 13.43
N ALA H 147 -54.91 0.90 13.75
CA ALA H 147 -53.64 0.60 14.42
C ALA H 147 -52.45 1.01 13.55
N LEU H 148 -52.53 0.77 12.25
CA LEU H 148 -51.46 1.18 11.35
C LEU H 148 -51.26 2.69 11.38
N LYS H 149 -52.36 3.45 11.24
CA LYS H 149 -52.24 4.91 11.33
C LYS H 149 -51.58 5.31 12.64
N ALA H 150 -51.97 4.66 13.74
CA ALA H 150 -51.36 4.96 15.03
C ALA H 150 -49.84 4.82 14.95
N GLN H 151 -49.37 3.64 14.50
CA GLN H 151 -47.92 3.40 14.49
C GLN H 151 -47.19 4.39 13.59
N ASN H 152 -47.78 4.72 12.44
CA ASN H 152 -47.14 5.64 11.51
C ASN H 152 -46.97 7.04 12.14
N ASP H 153 -48.09 7.63 12.57
CA ASP H 153 -48.02 8.95 13.20
C ASP H 153 -47.10 8.92 14.42
N LEU H 154 -47.04 7.79 15.13
CA LEU H 154 -46.16 7.65 16.28
C LEU H 154 -44.70 7.82 15.87
N ILE H 155 -44.24 7.00 14.93
CA ILE H 155 -42.85 7.08 14.50
C ILE H 155 -42.53 8.50 14.01
N TRP H 156 -43.49 9.14 13.34
CA TRP H 156 -43.21 10.46 12.79
C TRP H 156 -43.08 11.51 13.90
N ASN H 157 -43.97 11.47 14.89
CA ASN H 157 -43.81 12.37 16.04
C ASN H 157 -42.47 12.16 16.72
N ILE H 158 -42.03 10.90 16.81
CA ILE H 158 -40.73 10.63 17.44
C ILE H 158 -39.61 11.29 16.64
N LYS H 159 -39.63 11.09 15.32
CA LYS H 159 -38.58 11.68 14.49
C LYS H 159 -38.58 13.20 14.59
N ASP H 160 -39.77 13.80 14.68
CA ASP H 160 -39.84 15.27 14.78
C ASP H 160 -39.30 15.75 16.12
N GLU H 161 -39.67 15.10 17.22
CA GLU H 161 -39.10 15.45 18.52
C GLU H 161 -37.57 15.35 18.49
N LEU H 162 -37.05 14.24 17.95
CA LEU H 162 -35.61 14.06 17.84
C LEU H 162 -34.97 15.23 17.10
N LYS H 163 -35.43 15.49 15.87
CA LYS H 163 -34.87 16.59 15.10
C LYS H 163 -34.99 17.92 15.84
N LYS H 164 -36.01 18.05 16.70
CA LYS H 164 -36.18 19.28 17.46
C LYS H 164 -35.07 19.44 18.50
N VAL H 165 -34.79 18.40 19.27
CA VAL H 165 -33.92 18.51 20.43
C VAL H 165 -32.48 18.12 20.11
N CYS H 166 -32.26 17.10 19.29
CA CYS H 166 -30.94 16.54 19.07
C CYS H 166 -30.27 17.10 17.82
N SER H 167 -28.98 16.89 17.73
CA SER H 167 -28.21 17.17 16.53
C SER H 167 -27.89 15.87 15.80
N THR H 168 -27.37 15.99 14.59
CA THR H 168 -27.03 14.81 13.81
C THR H 168 -26.01 13.96 14.56
N ASN H 169 -24.99 14.59 15.14
CA ASN H 169 -23.97 13.84 15.87
C ASN H 169 -24.53 13.19 17.13
N ASP H 170 -25.48 13.87 17.80
CA ASP H 170 -26.18 13.24 18.91
C ASP H 170 -26.85 11.95 18.48
N LEU H 171 -27.50 11.96 17.32
CA LEU H 171 -28.18 10.76 16.83
C LEU H 171 -27.16 9.69 16.45
N LYS H 172 -26.05 10.08 15.83
CA LYS H 172 -24.99 9.12 15.56
C LYS H 172 -24.51 8.46 16.85
N GLU H 173 -24.37 9.24 17.92
CA GLU H 173 -23.91 8.68 19.19
C GLU H 173 -24.97 7.76 19.79
N LEU H 174 -26.24 8.14 19.68
CA LEU H 174 -27.31 7.24 20.11
C LEU H 174 -27.22 5.90 19.38
N LEU H 175 -26.97 5.93 18.07
CA LEU H 175 -26.86 4.69 17.32
C LEU H 175 -25.65 3.88 17.76
N ILE H 176 -24.51 4.56 17.97
CA ILE H 176 -23.30 3.85 18.39
C ILE H 176 -23.54 3.16 19.73
N PHE H 177 -24.05 3.91 20.71
CA PHE H 177 -24.23 3.36 22.05
C PHE H 177 -25.05 2.07 22.02
N ASN H 178 -26.03 1.99 21.13
CA ASN H 178 -26.89 0.82 21.02
C ASN H 178 -26.32 -0.24 20.08
N LYS H 179 -25.05 -0.13 19.69
CA LYS H 179 -24.40 -1.12 18.84
C LYS H 179 -25.07 -1.18 17.47
N GLN H 180 -25.33 -0.01 16.91
CA GLN H 180 -25.97 0.14 15.62
C GLN H 180 -25.00 0.84 14.66
N GLN H 181 -24.98 0.39 13.41
CA GLN H 181 -24.18 1.05 12.38
C GLN H 181 -24.79 2.41 12.04
N VAL H 182 -23.92 3.38 11.77
CA VAL H 182 -24.34 4.74 11.45
C VAL H 182 -24.46 4.84 9.93
N PRO H 183 -25.66 4.97 9.38
CA PRO H 183 -25.82 5.03 7.93
C PRO H 183 -25.49 6.42 7.39
N SER H 184 -25.55 6.53 6.06
CA SER H 184 -25.28 7.79 5.38
C SER H 184 -26.59 8.54 5.17
N GLY H 185 -26.60 9.82 5.53
CA GLY H 185 -27.76 10.65 5.31
C GLY H 185 -28.57 10.88 6.57
N GLU H 186 -28.65 12.15 6.99
CA GLU H 186 -29.41 12.53 8.17
C GLU H 186 -30.75 11.82 8.27
N SER H 187 -31.48 11.80 7.16
CA SER H 187 -32.77 11.12 7.10
C SER H 187 -32.66 9.70 7.65
N ALA H 188 -31.78 8.90 7.05
CA ALA H 188 -31.64 7.50 7.48
C ALA H 188 -31.15 7.40 8.92
N ILE H 189 -30.27 8.32 9.33
CA ILE H 189 -29.78 8.31 10.70
C ILE H 189 -30.96 8.35 11.68
N LEU H 190 -31.80 9.38 11.58
CA LEU H 190 -32.88 9.48 12.57
C LEU H 190 -33.96 8.44 12.33
N ASP H 191 -34.14 7.98 11.08
CA ASP H 191 -35.04 6.86 10.84
C ASP H 191 -34.64 5.65 11.67
N ARG H 192 -33.34 5.32 11.67
CA ARG H 192 -32.89 4.14 12.39
C ARG H 192 -32.87 4.37 13.90
N VAL H 193 -32.59 5.60 14.33
CA VAL H 193 -32.72 5.92 15.76
C VAL H 193 -34.14 5.64 16.22
N ALA H 194 -35.14 6.07 15.44
CA ALA H 194 -36.53 5.83 15.81
C ALA H 194 -36.85 4.34 15.80
N ASP H 195 -36.40 3.61 14.78
CA ASP H 195 -36.60 2.17 14.73
C ASP H 195 -36.09 1.51 16.01
N GLY H 196 -34.84 1.82 16.39
CA GLY H 196 -34.26 1.23 17.58
C GLY H 196 -35.04 1.59 18.84
N MET H 197 -35.41 2.86 18.97
CA MET H 197 -36.12 3.28 20.18
C MET H 197 -37.49 2.63 20.28
N VAL H 198 -38.14 2.35 19.16
CA VAL H 198 -39.47 1.75 19.22
C VAL H 198 -39.39 0.26 19.46
N PHE H 199 -38.55 -0.45 18.70
CA PHE H 199 -38.50 -1.90 18.75
C PHE H 199 -37.26 -2.46 19.42
N GLY H 200 -36.20 -1.68 19.54
CA GLY H 200 -35.01 -2.12 20.25
C GLY H 200 -33.77 -2.14 19.38
N ALA H 201 -32.60 -2.02 20.02
CA ALA H 201 -31.34 -2.12 19.31
C ALA H 201 -31.29 -3.42 18.51
N LEU H 202 -31.28 -3.30 17.18
CA LEU H 202 -31.23 -4.48 16.33
C LEU H 202 -29.98 -5.30 16.64
N LEU H 203 -30.14 -6.61 16.76
CA LEU H 203 -28.98 -7.45 16.98
C LEU H 203 -28.31 -7.79 15.66
N PRO H 204 -26.97 -7.86 15.62
CA PRO H 204 -26.29 -8.16 14.35
C PRO H 204 -26.81 -9.38 13.64
N CYS H 205 -26.47 -9.50 12.35
CA CYS H 205 -26.94 -10.62 11.54
C CYS H 205 -26.37 -11.93 12.04
N GLU H 206 -27.14 -13.00 11.86
CA GLU H 206 -26.74 -14.30 12.39
C GLU H 206 -25.57 -14.89 11.59
N GLU H 207 -25.43 -14.52 10.32
CA GLU H 207 -24.41 -15.08 9.44
C GLU H 207 -23.31 -14.08 9.12
N CYS H 208 -23.63 -12.96 8.47
CA CYS H 208 -22.61 -12.02 8.05
C CYS H 208 -22.18 -11.07 9.17
N SER H 209 -22.99 -10.94 10.23
CA SER H 209 -22.70 -10.09 11.37
C SER H 209 -22.88 -8.60 11.08
N GLY H 210 -23.58 -8.26 9.99
CA GLY H 210 -23.85 -6.89 9.64
C GLY H 210 -25.21 -6.44 10.13
N GLN H 211 -25.41 -5.13 10.19
CA GLN H 211 -26.66 -4.60 10.70
C GLN H 211 -27.79 -4.81 9.69
N LEU H 212 -28.98 -5.07 10.21
CA LEU H 212 -30.18 -5.13 9.40
C LEU H 212 -30.87 -3.77 9.40
N VAL H 213 -31.68 -3.53 8.36
CA VAL H 213 -32.41 -2.28 8.22
C VAL H 213 -33.81 -2.61 7.74
N PHE H 214 -34.79 -1.85 8.23
CA PHE H 214 -36.17 -2.06 7.82
C PHE H 214 -36.37 -1.54 6.40
N LYS H 215 -36.90 -2.38 5.53
CA LYS H 215 -37.37 -2.00 4.22
C LYS H 215 -38.89 -1.97 4.23
N SER H 216 -39.49 -1.66 3.08
CA SER H 216 -40.94 -1.54 3.00
C SER H 216 -41.64 -2.75 3.63
N ASP H 217 -41.12 -3.96 3.38
CA ASP H 217 -41.83 -5.19 3.72
C ASP H 217 -41.15 -6.04 4.79
N ALA H 218 -39.85 -5.88 5.02
CA ALA H 218 -39.15 -6.72 5.98
C ALA H 218 -37.83 -6.07 6.37
N TYR H 219 -37.19 -6.66 7.38
CA TYR H 219 -35.85 -6.24 7.79
C TYR H 219 -34.84 -6.98 6.91
N TYR H 220 -34.22 -6.26 5.99
CA TYR H 220 -33.21 -6.82 5.10
C TYR H 220 -31.82 -6.56 5.67
N CYS H 221 -30.93 -7.54 5.55
CA CYS H 221 -29.56 -7.39 5.99
C CYS H 221 -28.75 -6.63 4.95
N THR H 222 -27.83 -5.79 5.43
CA THR H 222 -27.04 -4.91 4.57
C THR H 222 -25.55 -5.24 4.64
N GLY H 223 -25.20 -6.47 5.00
CA GLY H 223 -23.82 -6.84 5.22
C GLY H 223 -23.22 -7.59 4.05
N ASP H 224 -21.91 -7.79 4.11
CA ASP H 224 -21.15 -8.49 3.09
C ASP H 224 -20.77 -9.87 3.60
N VAL H 225 -21.30 -10.91 2.95
CA VAL H 225 -20.85 -12.27 3.25
C VAL H 225 -19.45 -12.51 2.69
N THR H 226 -19.01 -11.68 1.75
CA THR H 226 -17.68 -11.77 1.17
C THR H 226 -17.45 -10.52 0.33
N ALA H 227 -16.18 -10.26 0.02
CA ALA H 227 -15.85 -9.10 -0.79
C ALA H 227 -16.45 -9.17 -2.18
N TRP H 228 -16.99 -10.32 -2.58
CA TRP H 228 -17.53 -10.51 -3.92
C TRP H 228 -19.04 -10.39 -3.98
N THR H 229 -19.75 -10.88 -2.96
CA THR H 229 -21.21 -10.92 -2.97
C THR H 229 -21.74 -10.43 -1.63
N LYS H 230 -22.90 -9.80 -1.67
CA LYS H 230 -23.52 -9.25 -0.48
C LYS H 230 -24.50 -10.25 0.12
N CYS H 231 -24.88 -10.01 1.37
CA CYS H 231 -25.80 -10.89 2.09
C CYS H 231 -27.25 -10.54 1.71
N MET H 232 -28.13 -11.54 1.86
CA MET H 232 -29.51 -11.39 1.42
C MET H 232 -30.52 -11.92 2.44
N VAL H 233 -30.16 -11.98 3.72
CA VAL H 233 -31.10 -12.43 4.74
C VAL H 233 -32.23 -11.42 4.87
N LYS H 234 -33.46 -11.93 5.04
CA LYS H 234 -34.61 -11.09 5.35
C LYS H 234 -35.47 -11.81 6.36
N THR H 235 -36.14 -11.04 7.21
CA THR H 235 -37.05 -11.60 8.20
C THR H 235 -37.85 -10.46 8.82
N GLN H 236 -39.10 -10.76 9.15
CA GLN H 236 -39.96 -9.81 9.83
C GLN H 236 -39.79 -9.83 11.35
N THR H 237 -39.06 -10.82 11.88
CA THR H 237 -38.82 -10.96 13.31
C THR H 237 -37.32 -11.00 13.57
N PRO H 238 -36.65 -9.86 13.51
CA PRO H 238 -35.22 -9.82 13.85
C PRO H 238 -35.01 -9.77 15.36
N ASN H 239 -33.96 -10.45 15.81
CA ASN H 239 -33.59 -10.39 17.21
C ASN H 239 -33.11 -8.99 17.57
N ARG H 240 -33.46 -8.54 18.77
CA ARG H 240 -33.04 -7.23 19.22
C ARG H 240 -33.02 -7.20 20.75
N LYS H 241 -32.02 -6.52 21.31
CA LYS H 241 -32.00 -6.19 22.73
C LYS H 241 -32.71 -4.86 22.96
N GLU H 242 -32.92 -4.53 24.23
CA GLU H 242 -33.67 -3.33 24.57
C GLU H 242 -32.85 -2.09 24.26
N TRP H 243 -33.53 -1.05 23.77
CA TRP H 243 -32.85 0.21 23.48
C TRP H 243 -32.45 0.90 24.77
N VAL H 244 -31.30 1.56 24.74
CA VAL H 244 -30.71 2.19 25.92
C VAL H 244 -30.26 3.58 25.53
N THR H 245 -30.96 4.60 26.02
CA THR H 245 -30.51 5.97 25.84
C THR H 245 -29.38 6.27 26.82
N PRO H 246 -28.22 6.76 26.35
CA PRO H 246 -27.17 7.17 27.29
C PRO H 246 -27.70 8.15 28.31
N LYS H 247 -27.04 8.23 29.47
CA LYS H 247 -27.54 9.09 30.53
C LYS H 247 -27.36 10.56 30.21
N GLU H 248 -26.39 10.89 29.35
CA GLU H 248 -26.22 12.28 28.91
C GLU H 248 -27.54 12.86 28.42
N PHE H 249 -28.27 12.09 27.62
CA PHE H 249 -29.51 12.54 27.01
C PHE H 249 -30.73 12.30 27.90
N ARG H 250 -30.52 11.95 29.17
CA ARG H 250 -31.65 11.74 30.08
C ARG H 250 -32.52 12.99 30.18
N GLU H 251 -31.89 14.16 30.28
CA GLU H 251 -32.65 15.41 30.29
C GLU H 251 -33.56 15.53 29.08
N ILE H 252 -33.11 15.01 27.93
CA ILE H 252 -33.94 14.99 26.74
C ILE H 252 -34.74 13.70 26.61
N SER H 253 -34.35 12.64 27.35
CA SER H 253 -35.13 11.41 27.34
C SER H 253 -36.42 11.58 28.13
N TYR H 254 -36.41 12.41 29.18
CA TYR H 254 -37.65 12.89 29.75
C TYR H 254 -38.36 13.81 28.76
N LEU H 255 -37.61 14.45 27.87
CA LEU H 255 -38.17 15.11 26.70
C LEU H 255 -38.72 14.12 25.68
N LYS H 256 -38.66 12.83 25.98
CA LYS H 256 -39.44 11.81 25.31
C LYS H 256 -40.52 11.22 26.21
N LYS H 257 -40.53 11.59 27.49
CA LYS H 257 -41.56 11.15 28.45
C LYS H 257 -41.69 9.62 28.46
N LEU H 258 -40.58 8.93 28.17
CA LEU H 258 -40.61 7.48 28.07
C LEU H 258 -41.62 7.05 27.01
N LYS H 259 -42.80 6.59 27.42
CA LYS H 259 -43.83 6.13 26.49
C LYS H 259 -43.27 5.08 25.53
N VAL H 260 -42.40 4.22 26.06
CA VAL H 260 -41.74 3.22 25.24
C VAL H 260 -42.77 2.34 24.53
N LYS H 261 -43.78 1.90 25.25
CA LYS H 261 -44.77 0.97 24.70
C LYS H 261 -44.11 -0.39 24.43
N LYS H 262 -44.93 -1.42 24.20
CA LYS H 262 -44.44 -2.75 23.84
C LYS H 262 -44.79 -3.07 22.39
N GLN H 263 -44.74 -2.05 21.54
CA GLN H 263 -45.15 -2.22 20.15
C GLN H 263 -44.26 -3.25 19.45
N ASP H 264 -44.81 -3.81 18.36
CA ASP H 264 -44.08 -4.72 17.50
C ASP H 264 -44.36 -4.32 16.05
N ARG H 265 -43.32 -4.38 15.22
CA ARG H 265 -43.41 -3.87 13.86
C ARG H 265 -44.58 -4.52 13.11
N ILE H 266 -45.48 -3.70 12.60
CA ILE H 266 -46.62 -4.19 11.82
C ILE H 266 -46.21 -4.22 10.34
N PHE H 267 -46.29 -5.41 9.74
CA PHE H 267 -45.85 -5.54 8.36
C PHE H 267 -47.03 -5.62 7.41
N PRO H 268 -46.88 -5.19 6.16
CA PRO H 268 -47.96 -5.33 5.20
C PRO H 268 -48.35 -6.79 5.03
N PRO H 269 -49.59 -7.06 4.61
CA PRO H 269 -50.04 -8.44 4.41
C PRO H 269 -49.18 -9.22 3.41
C1 EDO I . -12.01 -40.26 -28.92
O1 EDO I . -11.20 -39.09 -29.05
C2 EDO I . -12.76 -40.24 -27.60
O2 EDO I . -13.56 -41.41 -27.45
H11 EDO I . -11.40 -41.18 -28.96
H12 EDO I . -12.76 -40.32 -29.73
HO1 EDO I . -11.17 -38.81 -29.98
H21 EDO I . -13.38 -39.34 -27.55
H22 EDO I . -12.02 -40.18 -26.78
C1 EDO J . 46.06 17.76 14.16
O1 EDO J . 45.35 16.61 14.59
C2 EDO J . 45.17 18.99 14.16
O2 EDO J . 45.87 20.14 13.73
H11 EDO J . 46.46 17.63 13.14
H12 EDO J . 46.92 17.97 14.83
HO1 EDO J . 45.32 16.63 15.56
H21 EDO J . 44.77 19.13 15.17
H22 EDO J . 44.31 18.79 13.48
ZN ZN K . -0.35 29.31 5.12
C1 EDO L . -22.98 23.43 41.15
O1 EDO L . -23.67 23.21 42.38
C2 EDO L . -23.98 23.73 40.05
O2 EDO L . -24.92 22.68 39.97
H11 EDO L . -22.39 22.55 40.84
H12 EDO L . -22.29 24.29 41.23
HO1 EDO L . -24.42 22.63 42.19
H21 EDO L . -23.44 23.85 39.09
H22 EDO L . -24.49 24.69 40.27
ZN ZN M . -18.93 21.54 39.04
ZN ZN N . -42.43 19.25 -11.71
ZN ZN O . -26.42 -11.04 6.76
#